data_3TVW
#
_entry.id   3TVW
#
_cell.length_a   246.964
_cell.length_b   122.858
_cell.length_c   146.073
_cell.angle_alpha   90.00
_cell.angle_beta   94.16
_cell.angle_gamma   90.00
#
_symmetry.space_group_name_H-M   'C 1 2 1'
#
loop_
_entity.id
_entity.type
_entity.pdbx_description
1 polymer 'Acetyl-CoA carboxylase'
2 non-polymer [4-(2H-chromen-3-ylmethyl)piperazin-1-yl]-[3-(1H-pyrazol-5-yl)phenyl]methanone
3 water water
#
_entity_poly.entity_id   1
_entity_poly.type   'polypeptide(L)'
_entity_poly.pdbx_seq_one_letter_code
;MASGSMHLRPIATPYPVKEWLQPKRYKAHLMGTTYVYDFPELFRQASSSQWKNFSADVKLTDDFFISNELIEDENGELTE
VEREPGANAIGMVAFKITVKTPEYPRGRQFVVVANDITFKIGSFGPQEDEFFNKVTEYARKRGIPRIYLAANSGARIGMA
EEIVPLFQVAWNDAANPDKGFQYLYLTSEGMETLKKFDKENSVLTERTVINGEERFVIKTIIGSEDGLGVECLRGSGLIA
GATSRAYHDIFTITLVTCRSVGIGAYLVRLGQRAIQVEGQPIILTGASALNKVLGREVYTSNLQLGGTQIMYNNGVSHLT
AVDDLAGVEKIVEWMSYVPAKRNMPVPILETKDTWDRPVDFTPTNDETYDVRWMIEGRETESGFEYGLFDKGSFFETLSG
WAKGVVVGRARLGGIPLGVIGVETRTVENLIPADPANPNSAETLIQQAGQVWFPNSAFKTAQAINDFNNGEQLPMMILAN
WRGFSGGQRDMFNEVLKYGSFIVDALVDYKQPIIIYIPPTGELRGGSWVVVDPTINADQMEMYADVNARAGVLEPEGTVE
IKFRREKLLDTMNRLDDKYRELRSQLSNKSLAPEVHQQISKQLADRERELLPIYGQISLQFADLHDRSSRMVAKGVISKE
LEWTEARRFFFWRLRRRLNEEYLIKRLSHQVGEASRLEKIARIRSWYPASVDHEDDRQVATWIEENYKTLDDKLKGLKLE
SFAQDLAKKIRSDHDNAIDGLSEVIKMLSTDDKEKLLKTLKLEHHHHHH
;
_entity_poly.pdbx_strand_id   A,B,C
#
# COMPACT_ATOMS: atom_id res chain seq x y z
N LEU A 8 -37.01 -62.98 41.01
CA LEU A 8 -37.15 -61.58 40.60
C LEU A 8 -37.76 -60.66 41.66
N ARG A 9 -36.96 -59.66 42.02
CA ARG A 9 -37.24 -58.62 42.99
C ARG A 9 -36.60 -57.29 42.48
N PRO A 10 -37.39 -56.19 42.38
CA PRO A 10 -38.84 -56.09 42.67
C PRO A 10 -39.75 -56.48 41.50
N ILE A 11 -40.96 -56.90 41.84
CA ILE A 11 -41.99 -57.22 40.83
C ILE A 11 -42.67 -55.88 40.38
N ALA A 12 -43.40 -55.96 39.23
CA ALA A 12 -44.17 -54.87 38.65
C ALA A 12 -43.45 -53.53 38.41
N THR A 13 -42.18 -53.55 37.97
CA THR A 13 -41.47 -52.30 37.61
C THR A 13 -41.86 -51.92 36.17
N PRO A 14 -41.84 -50.61 35.74
CA PRO A 14 -42.25 -50.27 34.36
C PRO A 14 -41.36 -50.85 33.25
N TYR A 15 -40.04 -50.87 33.49
CA TYR A 15 -39.04 -51.41 32.59
C TYR A 15 -38.28 -52.57 33.23
N PRO A 16 -37.51 -53.40 32.47
CA PRO A 16 -36.82 -54.54 33.10
C PRO A 16 -35.83 -54.19 34.23
N VAL A 17 -35.81 -55.06 35.28
CA VAL A 17 -34.91 -54.93 36.43
C VAL A 17 -33.49 -55.32 35.96
N LYS A 18 -32.67 -54.30 35.65
CA LYS A 18 -31.30 -54.48 35.18
C LYS A 18 -30.39 -55.28 36.17
N GLU A 19 -30.68 -55.19 37.49
CA GLU A 19 -29.93 -55.87 38.55
C GLU A 19 -30.30 -57.37 38.64
N TRP A 20 -31.35 -57.77 37.93
CA TRP A 20 -31.80 -59.15 37.86
C TRP A 20 -31.30 -59.80 36.54
N LEU A 21 -31.39 -59.05 35.41
CA LEU A 21 -30.90 -59.47 34.10
C LEU A 21 -29.39 -59.75 34.21
N GLN A 22 -28.68 -58.91 34.96
CA GLN A 22 -27.29 -59.13 35.25
C GLN A 22 -27.05 -58.98 36.76
N PRO A 23 -27.15 -60.09 37.54
CA PRO A 23 -26.93 -60.02 39.01
C PRO A 23 -25.62 -59.40 39.45
N LYS A 24 -24.62 -59.36 38.57
CA LYS A 24 -23.33 -58.75 38.84
C LYS A 24 -23.50 -57.23 39.03
N ARG A 25 -24.51 -56.59 38.35
CA ARG A 25 -24.80 -55.18 38.51
C ARG A 25 -25.19 -54.93 39.97
N TYR A 26 -26.05 -55.79 40.54
CA TYR A 26 -26.47 -55.71 41.93
C TYR A 26 -25.27 -55.91 42.92
N LYS A 27 -24.36 -56.87 42.63
CA LYS A 27 -23.19 -57.14 43.46
C LYS A 27 -22.30 -55.89 43.53
N ALA A 28 -22.05 -55.25 42.38
CA ALA A 28 -21.24 -54.04 42.30
C ALA A 28 -21.89 -52.96 43.14
N HIS A 29 -23.22 -52.79 43.01
CA HIS A 29 -23.97 -51.78 43.75
C HIS A 29 -23.88 -52.04 45.23
N LEU A 30 -24.02 -53.32 45.63
CA LEU A 30 -23.90 -53.74 47.02
C LEU A 30 -22.55 -53.36 47.63
N MET A 31 -21.50 -53.31 46.81
CA MET A 31 -20.14 -52.91 47.22
C MET A 31 -19.90 -51.39 47.13
N GLY A 32 -20.96 -50.62 46.86
CA GLY A 32 -20.91 -49.16 46.78
C GLY A 32 -20.25 -48.58 45.55
N THR A 33 -20.22 -49.35 44.45
CA THR A 33 -19.64 -48.83 43.21
C THR A 33 -20.58 -49.03 42.03
N THR A 34 -20.24 -48.37 40.88
CA THR A 34 -20.96 -48.48 39.61
C THR A 34 -20.51 -49.81 39.00
N TYR A 35 -21.45 -50.53 38.38
CA TYR A 35 -21.12 -51.74 37.68
C TYR A 35 -20.23 -51.36 36.46
N VAL A 36 -19.07 -52.03 36.31
CA VAL A 36 -18.12 -51.79 35.22
C VAL A 36 -18.77 -51.44 33.84
N TYR A 37 -19.72 -52.26 33.38
CA TYR A 37 -20.42 -52.07 32.11
C TYR A 37 -21.29 -50.82 31.98
N ASP A 38 -21.55 -50.16 33.11
CA ASP A 38 -22.32 -48.93 33.22
C ASP A 38 -21.47 -47.66 33.19
N PHE A 39 -20.14 -47.76 33.28
CA PHE A 39 -19.23 -46.61 33.21
C PHE A 39 -19.29 -45.92 31.83
N PRO A 40 -19.30 -46.64 30.67
CA PRO A 40 -19.50 -45.92 29.40
C PRO A 40 -20.72 -44.98 29.41
N GLU A 41 -21.86 -45.39 30.02
CA GLU A 41 -23.04 -44.53 30.14
C GLU A 41 -22.76 -43.25 30.95
N LEU A 42 -21.95 -43.36 32.03
CA LEU A 42 -21.55 -42.19 32.83
C LEU A 42 -20.72 -41.22 31.98
N PHE A 43 -19.82 -41.77 31.11
CA PHE A 43 -19.01 -40.97 30.18
C PHE A 43 -19.92 -40.27 29.14
N ARG A 44 -20.98 -40.96 28.69
CA ARG A 44 -21.94 -40.38 27.76
C ARG A 44 -22.72 -39.21 28.44
N GLN A 45 -23.24 -39.42 29.67
CA GLN A 45 -23.91 -38.39 30.46
C GLN A 45 -22.97 -37.17 30.69
N ALA A 46 -21.73 -37.42 31.14
CA ALA A 46 -20.74 -36.37 31.41
C ALA A 46 -20.40 -35.56 30.14
N SER A 47 -20.27 -36.26 28.99
CA SER A 47 -19.94 -35.68 27.70
C SER A 47 -21.06 -34.80 27.19
N SER A 48 -22.32 -35.23 27.42
CA SER A 48 -23.51 -34.50 27.04
C SER A 48 -23.62 -33.22 27.91
N SER A 49 -23.22 -33.28 29.21
CA SER A 49 -23.25 -32.13 30.11
C SER A 49 -22.28 -31.08 29.64
N GLN A 50 -21.10 -31.50 29.16
CA GLN A 50 -20.06 -30.65 28.61
C GLN A 50 -20.65 -29.78 27.51
N TRP A 51 -21.47 -30.38 26.63
CA TRP A 51 -22.13 -29.67 25.54
C TRP A 51 -23.14 -28.67 26.04
N LYS A 52 -23.96 -29.06 27.04
CA LYS A 52 -24.97 -28.20 27.66
C LYS A 52 -24.33 -26.97 28.29
N ASN A 53 -23.21 -27.17 28.99
CA ASN A 53 -22.50 -26.09 29.65
C ASN A 53 -21.79 -25.19 28.66
N PHE A 54 -21.45 -25.70 27.48
CA PHE A 54 -20.76 -24.95 26.43
C PHE A 54 -21.72 -24.12 25.60
N SER A 55 -22.63 -24.79 24.90
CA SER A 55 -23.65 -24.15 24.09
C SER A 55 -24.97 -24.80 24.43
N ALA A 56 -25.75 -24.15 25.29
CA ALA A 56 -27.07 -24.63 25.74
C ALA A 56 -27.98 -25.11 24.59
N ASP A 57 -27.83 -24.50 23.40
CA ASP A 57 -28.67 -24.75 22.21
C ASP A 57 -28.31 -25.94 21.30
N VAL A 58 -27.11 -26.53 21.43
CA VAL A 58 -26.71 -27.67 20.57
C VAL A 58 -27.56 -28.93 20.75
N LYS A 59 -28.01 -29.49 19.62
CA LYS A 59 -28.83 -30.69 19.57
C LYS A 59 -27.89 -31.86 19.38
N LEU A 60 -27.81 -32.72 20.41
CA LEU A 60 -26.90 -33.88 20.31
C LEU A 60 -27.71 -35.11 19.89
N THR A 61 -27.06 -36.01 19.17
CA THR A 61 -27.64 -37.29 18.80
C THR A 61 -26.69 -38.37 19.30
N ASP A 62 -27.20 -39.58 19.55
CA ASP A 62 -26.39 -40.68 20.11
C ASP A 62 -25.09 -41.02 19.37
N ASP A 63 -24.97 -40.64 18.09
CA ASP A 63 -23.76 -40.86 17.29
C ASP A 63 -22.58 -39.93 17.71
N PHE A 64 -22.85 -38.96 18.61
CA PHE A 64 -21.84 -38.06 19.17
C PHE A 64 -20.90 -38.85 20.10
N PHE A 65 -21.39 -39.97 20.67
CA PHE A 65 -20.65 -40.81 21.60
C PHE A 65 -20.74 -42.30 21.19
N ILE A 66 -19.60 -42.99 21.11
CA ILE A 66 -19.49 -44.40 20.80
C ILE A 66 -18.56 -45.05 21.82
N SER A 67 -18.99 -46.18 22.39
CA SER A 67 -18.17 -46.96 23.29
C SER A 67 -18.15 -48.36 22.76
N ASN A 68 -16.95 -48.91 22.54
CA ASN A 68 -16.76 -50.26 22.05
C ASN A 68 -15.86 -51.00 23.01
N GLU A 69 -16.33 -52.14 23.54
CA GLU A 69 -15.52 -52.94 24.44
C GLU A 69 -14.35 -53.53 23.64
N LEU A 70 -13.17 -53.53 24.25
CA LEU A 70 -11.97 -54.14 23.67
C LEU A 70 -11.74 -55.43 24.41
N ILE A 71 -11.56 -56.52 23.68
CA ILE A 71 -11.21 -57.85 24.20
C ILE A 71 -10.11 -58.43 23.35
N GLU A 72 -9.38 -59.39 23.88
CA GLU A 72 -8.31 -60.03 23.13
C GLU A 72 -8.83 -61.11 22.22
N ASP A 73 -8.34 -61.14 20.98
CA ASP A 73 -8.68 -62.19 20.03
C ASP A 73 -7.87 -63.47 20.33
N GLU A 74 -7.97 -64.50 19.44
CA GLU A 74 -7.28 -65.81 19.53
C GLU A 74 -5.75 -65.70 19.63
N ASN A 75 -5.18 -64.66 19.02
CA ASN A 75 -3.75 -64.35 19.00
C ASN A 75 -3.36 -63.28 20.04
N GLY A 76 -4.26 -63.00 21.00
CA GLY A 76 -4.04 -62.02 22.06
C GLY A 76 -4.00 -60.57 21.63
N GLU A 77 -4.53 -60.27 20.43
CA GLU A 77 -4.59 -58.89 19.93
C GLU A 77 -5.93 -58.28 20.28
N LEU A 78 -5.90 -57.04 20.78
CA LEU A 78 -7.15 -56.37 21.14
C LEU A 78 -8.03 -56.11 19.91
N THR A 79 -9.34 -56.35 20.03
CA THR A 79 -10.37 -56.12 19.00
C THR A 79 -11.64 -55.63 19.64
N GLU A 80 -12.45 -54.89 18.88
CA GLU A 80 -13.71 -54.33 19.36
C GLU A 80 -14.82 -55.36 19.32
N VAL A 81 -15.67 -55.37 20.37
CA VAL A 81 -16.81 -56.27 20.48
C VAL A 81 -18.03 -55.54 20.95
N GLU A 82 -19.18 -56.12 20.59
CA GLU A 82 -20.50 -55.70 21.00
C GLU A 82 -21.05 -56.99 21.55
N ARG A 83 -21.05 -57.10 22.87
CA ARG A 83 -21.53 -58.28 23.57
C ARG A 83 -22.36 -57.90 24.80
N GLU A 84 -22.99 -58.89 25.42
CA GLU A 84 -23.80 -58.64 26.60
C GLU A 84 -22.92 -58.33 27.79
N PRO A 85 -23.28 -57.35 28.64
CA PRO A 85 -22.44 -57.06 29.82
C PRO A 85 -22.36 -58.28 30.74
N GLY A 86 -21.22 -58.46 31.40
CA GLY A 86 -21.04 -59.57 32.33
C GLY A 86 -20.49 -60.86 31.75
N ALA A 87 -20.13 -60.84 30.45
CA ALA A 87 -19.58 -62.02 29.77
C ALA A 87 -18.04 -62.08 29.87
N ASN A 88 -17.43 -61.11 30.58
CA ASN A 88 -15.99 -61.05 30.76
C ASN A 88 -15.46 -62.30 31.49
N ALA A 89 -14.53 -63.02 30.85
CA ALA A 89 -13.90 -64.22 31.38
C ALA A 89 -12.72 -63.87 32.30
N ILE A 90 -12.25 -62.59 32.26
CA ILE A 90 -11.18 -62.06 33.14
C ILE A 90 -11.77 -60.88 33.94
N GLY A 91 -11.11 -60.48 35.02
CA GLY A 91 -11.58 -59.40 35.89
C GLY A 91 -11.13 -58.00 35.58
N MET A 92 -10.74 -57.76 34.32
CA MET A 92 -10.28 -56.47 33.81
C MET A 92 -11.03 -56.25 32.51
N VAL A 93 -11.57 -55.03 32.33
CA VAL A 93 -12.38 -54.70 31.14
C VAL A 93 -11.88 -53.38 30.50
N ALA A 94 -12.07 -53.21 29.20
CA ALA A 94 -11.68 -51.97 28.53
C ALA A 94 -12.67 -51.58 27.47
N PHE A 95 -12.70 -50.27 27.16
CA PHE A 95 -13.56 -49.66 26.17
C PHE A 95 -12.79 -48.63 25.37
N LYS A 96 -13.01 -48.55 24.05
CA LYS A 96 -12.46 -47.49 23.21
C LYS A 96 -13.60 -46.51 23.06
N ILE A 97 -13.39 -45.28 23.53
CA ILE A 97 -14.41 -44.23 23.47
C ILE A 97 -14.08 -43.20 22.40
N THR A 98 -15.08 -42.88 21.56
CA THR A 98 -14.96 -41.88 20.50
C THR A 98 -16.06 -40.91 20.74
N VAL A 99 -15.69 -39.70 21.18
CA VAL A 99 -16.63 -38.63 21.51
C VAL A 99 -16.35 -37.35 20.75
N LYS A 100 -17.43 -36.70 20.28
CA LYS A 100 -17.42 -35.39 19.67
C LYS A 100 -17.61 -34.42 20.86
N THR A 101 -16.60 -33.60 21.18
CA THR A 101 -16.68 -32.67 22.32
C THR A 101 -16.60 -31.20 21.85
N PRO A 102 -16.93 -30.16 22.67
CA PRO A 102 -16.76 -28.77 22.21
C PRO A 102 -15.37 -28.47 21.66
N GLU A 103 -14.31 -29.05 22.20
CA GLU A 103 -12.96 -28.80 21.69
C GLU A 103 -12.54 -29.68 20.49
N TYR A 104 -13.25 -30.82 20.28
CA TYR A 104 -13.07 -31.78 19.19
C TYR A 104 -14.42 -32.15 18.61
N PRO A 105 -15.13 -31.19 17.98
CA PRO A 105 -16.50 -31.48 17.49
C PRO A 105 -16.61 -32.59 16.44
N ARG A 106 -15.50 -32.94 15.79
CA ARG A 106 -15.45 -34.01 14.80
C ARG A 106 -15.06 -35.34 15.47
N GLY A 107 -14.64 -35.27 16.75
CA GLY A 107 -14.33 -36.44 17.55
C GLY A 107 -12.94 -36.54 18.11
N ARG A 108 -12.83 -37.12 19.32
CA ARG A 108 -11.57 -37.43 20.02
C ARG A 108 -11.71 -38.83 20.61
N GLN A 109 -10.58 -39.53 20.79
CA GLN A 109 -10.61 -40.89 21.32
C GLN A 109 -9.77 -41.07 22.58
N PHE A 110 -10.13 -42.09 23.36
CA PHE A 110 -9.45 -42.53 24.59
C PHE A 110 -9.86 -43.93 24.98
N VAL A 111 -9.06 -44.56 25.81
CA VAL A 111 -9.35 -45.88 26.32
C VAL A 111 -9.71 -45.80 27.81
N VAL A 112 -10.66 -46.62 28.22
CA VAL A 112 -11.03 -46.76 29.62
C VAL A 112 -10.71 -48.21 30.03
N VAL A 113 -9.79 -48.43 31.00
CA VAL A 113 -9.45 -49.74 31.59
C VAL A 113 -10.10 -49.73 32.94
N ALA A 114 -10.65 -50.85 33.37
CA ALA A 114 -11.30 -50.89 34.65
C ALA A 114 -11.28 -52.27 35.24
N ASN A 115 -11.16 -52.34 36.56
CA ASN A 115 -11.26 -53.61 37.27
C ASN A 115 -12.74 -53.98 37.35
N ASP A 116 -13.05 -55.27 37.35
CA ASP A 116 -14.44 -55.69 37.59
C ASP A 116 -14.47 -56.20 39.03
N ILE A 117 -14.95 -55.37 39.97
CA ILE A 117 -15.05 -55.70 41.40
C ILE A 117 -15.88 -56.96 41.64
N THR A 118 -16.81 -57.32 40.72
CA THR A 118 -17.65 -58.52 40.86
C THR A 118 -16.88 -59.78 40.48
N PHE A 119 -15.74 -59.64 39.77
CA PHE A 119 -14.93 -60.77 39.32
C PHE A 119 -13.84 -61.02 40.33
N LYS A 120 -13.95 -62.13 41.10
CA LYS A 120 -12.95 -62.51 42.10
C LYS A 120 -12.44 -61.27 42.90
N ILE A 121 -13.39 -60.52 43.48
CA ILE A 121 -13.23 -59.30 44.29
C ILE A 121 -12.37 -58.20 43.66
N GLY A 122 -12.28 -58.20 42.33
CA GLY A 122 -11.46 -57.23 41.60
C GLY A 122 -9.97 -57.44 41.77
N SER A 123 -9.56 -58.66 42.13
CA SER A 123 -8.15 -59.02 42.32
C SER A 123 -7.40 -59.06 40.98
N PHE A 124 -6.08 -58.82 41.02
CA PHE A 124 -5.25 -58.84 39.83
C PHE A 124 -4.53 -60.19 39.77
N GLY A 125 -4.92 -61.00 38.79
CA GLY A 125 -4.29 -62.27 38.48
C GLY A 125 -3.41 -62.03 37.27
N PRO A 126 -2.64 -63.06 36.80
CA PRO A 126 -1.77 -62.85 35.61
C PRO A 126 -2.50 -62.40 34.34
N GLN A 127 -3.73 -62.88 34.14
CA GLN A 127 -4.53 -62.52 32.96
C GLN A 127 -5.04 -61.09 32.95
N GLU A 128 -5.34 -60.56 34.13
CA GLU A 128 -5.83 -59.20 34.25
C GLU A 128 -4.66 -58.25 34.01
N ASP A 129 -3.51 -58.62 34.56
CA ASP A 129 -2.25 -57.90 34.44
C ASP A 129 -1.82 -57.86 32.98
N GLU A 130 -1.86 -59.00 32.32
CA GLU A 130 -1.47 -58.99 30.92
C GLU A 130 -2.39 -58.16 30.04
N PHE A 131 -3.72 -58.18 30.32
CA PHE A 131 -4.71 -57.39 29.59
C PHE A 131 -4.53 -55.89 29.86
N PHE A 132 -4.31 -55.50 31.14
CA PHE A 132 -4.09 -54.09 31.52
C PHE A 132 -2.87 -53.56 30.78
N ASN A 133 -1.80 -54.34 30.70
CA ASN A 133 -0.59 -54.00 29.99
C ASN A 133 -0.88 -53.86 28.48
N LYS A 134 -1.57 -54.82 27.90
CA LYS A 134 -1.95 -54.82 26.48
C LYS A 134 -2.75 -53.54 26.12
N VAL A 135 -3.71 -53.13 26.97
CA VAL A 135 -4.53 -51.91 26.81
C VAL A 135 -3.69 -50.64 26.91
N THR A 136 -2.75 -50.61 27.86
CA THR A 136 -1.84 -49.48 28.07
C THR A 136 -1.00 -49.29 26.82
N GLU A 137 -0.40 -50.38 26.27
CA GLU A 137 0.40 -50.34 25.06
C GLU A 137 -0.45 -49.91 23.84
N TYR A 138 -1.70 -50.35 23.78
CA TYR A 138 -2.66 -50.01 22.74
C TYR A 138 -2.84 -48.48 22.73
N ALA A 139 -3.05 -47.87 23.92
CA ALA A 139 -3.25 -46.44 24.09
C ALA A 139 -2.00 -45.66 23.68
N ARG A 140 -0.85 -46.12 24.16
CA ARG A 140 0.46 -45.53 23.92
C ARG A 140 0.84 -45.54 22.46
N LYS A 141 0.64 -46.69 21.76
CA LYS A 141 0.92 -46.79 20.32
C LYS A 141 0.12 -45.71 19.55
N ARG A 142 -1.13 -45.50 19.93
CA ARG A 142 -2.02 -44.54 19.29
C ARG A 142 -1.88 -43.12 19.81
N GLY A 143 -1.17 -42.92 20.91
CA GLY A 143 -1.00 -41.60 21.53
C GLY A 143 -2.23 -41.08 22.26
N ILE A 144 -3.26 -41.93 22.44
CA ILE A 144 -4.54 -41.53 23.04
C ILE A 144 -4.56 -41.67 24.56
N PRO A 145 -5.31 -40.82 25.31
CA PRO A 145 -5.34 -40.95 26.78
C PRO A 145 -5.78 -42.33 27.34
N ARG A 146 -5.23 -42.68 28.52
CA ARG A 146 -5.60 -43.90 29.21
C ARG A 146 -6.22 -43.55 30.54
N ILE A 147 -7.53 -43.80 30.68
CA ILE A 147 -8.34 -43.57 31.89
C ILE A 147 -8.41 -44.92 32.59
N TYR A 148 -8.03 -44.99 33.86
CA TYR A 148 -8.11 -46.22 34.63
C TYR A 148 -9.13 -46.03 35.75
N LEU A 149 -10.03 -46.98 35.90
CA LEU A 149 -11.05 -46.95 36.95
C LEU A 149 -10.69 -48.04 37.94
N ALA A 150 -10.17 -47.62 39.09
CA ALA A 150 -9.67 -48.52 40.13
C ALA A 150 -10.73 -48.96 41.11
N ALA A 151 -11.00 -50.28 41.15
CA ALA A 151 -11.96 -50.92 42.06
C ALA A 151 -11.44 -52.35 42.25
N ASN A 152 -10.54 -52.54 43.24
CA ASN A 152 -9.86 -53.82 43.40
C ASN A 152 -9.46 -54.23 44.83
N SER A 153 -8.92 -55.45 44.93
CA SER A 153 -8.43 -56.06 46.17
C SER A 153 -6.92 -56.38 46.07
N GLY A 154 -6.23 -55.77 45.12
CA GLY A 154 -4.81 -56.01 44.88
C GLY A 154 -4.55 -57.32 44.19
N ALA A 155 -3.29 -57.82 44.28
CA ALA A 155 -2.83 -59.09 43.71
C ALA A 155 -3.66 -60.26 44.24
N ARG A 156 -4.00 -61.21 43.35
CA ARG A 156 -4.79 -62.41 43.67
C ARG A 156 -3.98 -63.32 44.58
N ILE A 157 -4.64 -63.91 45.59
CA ILE A 157 -3.98 -64.84 46.53
C ILE A 157 -4.70 -66.18 46.45
N GLY A 158 -3.96 -67.26 46.65
CA GLY A 158 -4.50 -68.60 46.64
C GLY A 158 -3.57 -69.64 47.23
N MET A 159 -4.05 -70.88 47.25
CA MET A 159 -3.34 -72.06 47.73
C MET A 159 -3.72 -73.22 46.81
N ALA A 160 -2.91 -74.28 46.83
CA ALA A 160 -3.15 -75.48 46.07
C ALA A 160 -4.25 -76.27 46.81
N GLU A 161 -5.51 -75.93 46.48
CA GLU A 161 -6.72 -76.50 47.07
C GLU A 161 -6.85 -78.00 46.92
N GLU A 162 -6.16 -78.60 45.92
CA GLU A 162 -6.14 -80.05 45.71
C GLU A 162 -5.26 -80.78 46.73
N ILE A 163 -4.26 -80.09 47.31
CA ILE A 163 -3.36 -80.68 48.30
C ILE A 163 -3.97 -80.65 49.72
N VAL A 164 -4.97 -79.76 49.92
CA VAL A 164 -5.69 -79.61 51.20
C VAL A 164 -6.30 -80.97 51.66
N PRO A 165 -7.13 -81.68 50.83
CA PRO A 165 -7.68 -82.97 51.32
C PRO A 165 -6.70 -84.14 51.34
N LEU A 166 -5.52 -84.00 50.70
CA LEU A 166 -4.55 -85.09 50.57
C LEU A 166 -3.44 -85.14 51.59
N PHE A 167 -2.85 -83.98 51.95
CA PHE A 167 -1.70 -83.91 52.87
C PHE A 167 -1.86 -84.66 54.19
N GLN A 168 -0.74 -85.20 54.66
CA GLN A 168 -0.66 -85.93 55.92
C GLN A 168 0.37 -85.24 56.79
N VAL A 169 0.30 -85.48 58.10
CA VAL A 169 1.23 -84.86 59.04
C VAL A 169 2.03 -85.87 59.82
N ALA A 170 3.37 -85.68 59.83
CA ALA A 170 4.31 -86.57 60.51
C ALA A 170 4.52 -86.09 61.95
N TRP A 171 3.62 -86.56 62.84
CA TRP A 171 3.61 -86.24 64.27
C TRP A 171 4.83 -86.80 64.97
N ASN A 172 5.30 -86.08 66.00
CA ASN A 172 6.43 -86.51 66.83
C ASN A 172 5.97 -87.74 67.63
N ASP A 173 4.72 -87.66 68.13
CA ASP A 173 4.00 -88.70 68.87
C ASP A 173 2.57 -88.64 68.35
N ALA A 174 2.13 -89.70 67.64
CA ALA A 174 0.80 -89.78 67.04
C ALA A 174 -0.34 -89.55 68.05
N ALA A 175 -0.28 -90.24 69.22
CA ALA A 175 -1.26 -90.15 70.31
C ALA A 175 -1.35 -88.75 70.92
N ASN A 176 -0.24 -87.96 70.87
CA ASN A 176 -0.14 -86.58 71.37
C ASN A 176 0.18 -85.57 70.26
N PRO A 177 -0.84 -85.14 69.48
CA PRO A 177 -0.58 -84.17 68.38
C PRO A 177 -0.05 -82.81 68.84
N ASP A 178 -0.49 -82.37 70.03
CA ASP A 178 -0.11 -81.11 70.69
C ASP A 178 1.42 -80.93 70.82
N LYS A 179 2.16 -82.06 70.94
CA LYS A 179 3.62 -82.14 71.08
C LYS A 179 4.44 -81.74 69.83
N GLY A 180 3.76 -81.58 68.69
CA GLY A 180 4.38 -81.14 67.45
C GLY A 180 4.40 -82.14 66.31
N PHE A 181 4.90 -81.64 65.15
CA PHE A 181 5.05 -82.39 63.91
C PHE A 181 6.40 -82.08 63.25
N GLN A 182 6.92 -83.03 62.47
CA GLN A 182 8.21 -82.96 61.78
C GLN A 182 8.16 -82.38 60.35
N TYR A 183 7.18 -82.82 59.54
CA TYR A 183 6.98 -82.42 58.15
C TYR A 183 5.57 -82.76 57.66
N LEU A 184 5.22 -82.33 56.44
CA LEU A 184 3.96 -82.65 55.77
C LEU A 184 4.29 -83.65 54.65
N TYR A 185 3.41 -84.63 54.41
CA TYR A 185 3.66 -85.64 53.39
C TYR A 185 2.41 -86.15 52.67
N LEU A 186 2.62 -86.90 51.57
CA LEU A 186 1.58 -87.55 50.79
C LEU A 186 1.77 -89.06 50.85
N THR A 187 0.68 -89.81 50.74
CA THR A 187 0.72 -91.28 50.71
C THR A 187 0.69 -91.69 49.23
N SER A 188 0.85 -93.01 48.94
CA SER A 188 0.78 -93.54 47.56
C SER A 188 -0.60 -93.23 46.97
N GLU A 189 -1.66 -93.32 47.82
CA GLU A 189 -3.07 -93.04 47.52
C GLU A 189 -3.26 -91.56 47.19
N GLY A 190 -2.57 -90.70 47.93
CA GLY A 190 -2.56 -89.26 47.72
C GLY A 190 -1.86 -88.92 46.42
N MET A 191 -0.69 -89.55 46.18
CA MET A 191 0.11 -89.39 44.96
C MET A 191 -0.67 -89.84 43.73
N GLU A 192 -1.40 -90.98 43.85
CA GLU A 192 -2.25 -91.55 42.78
C GLU A 192 -3.41 -90.64 42.42
N THR A 193 -4.05 -90.02 43.44
CA THR A 193 -5.16 -89.06 43.26
C THR A 193 -4.68 -87.93 42.32
N LEU A 194 -3.45 -87.41 42.56
CA LEU A 194 -2.78 -86.38 41.77
C LEU A 194 -2.46 -86.86 40.34
N LYS A 195 -1.92 -88.11 40.23
CA LYS A 195 -1.57 -88.80 38.98
C LYS A 195 -2.81 -88.90 38.09
N LYS A 196 -3.95 -89.34 38.68
CA LYS A 196 -5.27 -89.53 38.08
C LYS A 196 -5.86 -88.23 37.52
N PHE A 197 -5.79 -87.12 38.28
CA PHE A 197 -6.33 -85.83 37.84
C PHE A 197 -5.34 -84.96 37.04
N ASP A 198 -4.20 -85.57 36.64
CA ASP A 198 -3.09 -84.94 35.90
C ASP A 198 -2.57 -83.65 36.60
N LYS A 199 -2.35 -83.77 37.91
CA LYS A 199 -1.88 -82.72 38.80
C LYS A 199 -0.64 -83.25 39.52
N GLU A 200 0.19 -84.02 38.79
CA GLU A 200 1.41 -84.66 39.32
C GLU A 200 2.44 -83.63 39.74
N ASN A 201 2.53 -82.53 38.99
CA ASN A 201 3.44 -81.41 39.22
C ASN A 201 2.87 -80.36 40.20
N SER A 202 1.76 -80.68 40.92
CA SER A 202 1.15 -79.79 41.94
C SER A 202 2.02 -79.71 43.19
N VAL A 203 2.82 -80.77 43.44
CA VAL A 203 3.75 -80.85 44.57
C VAL A 203 5.13 -81.29 44.11
N LEU A 204 6.15 -80.95 44.90
CA LEU A 204 7.54 -81.37 44.71
C LEU A 204 7.80 -82.26 45.91
N THR A 205 7.89 -83.57 45.68
CA THR A 205 8.06 -84.53 46.78
C THR A 205 9.41 -85.24 46.77
N GLU A 206 9.74 -85.84 47.90
CA GLU A 206 10.97 -86.60 48.11
C GLU A 206 10.53 -87.82 48.91
N ARG A 207 10.57 -89.00 48.27
CA ARG A 207 10.15 -90.28 48.86
C ARG A 207 11.10 -90.79 49.93
N THR A 208 10.55 -91.12 51.11
CA THR A 208 11.25 -91.71 52.25
C THR A 208 10.42 -92.90 52.73
N VAL A 209 11.06 -93.82 53.46
CA VAL A 209 10.37 -94.99 53.99
C VAL A 209 10.44 -95.00 55.51
N ILE A 210 9.27 -94.87 56.17
CA ILE A 210 9.16 -94.82 57.62
C ILE A 210 8.28 -95.92 58.17
N ASN A 211 8.94 -96.86 58.89
CA ASN A 211 8.37 -98.03 59.56
C ASN A 211 7.40 -98.83 58.67
N GLY A 212 7.91 -99.31 57.54
CA GLY A 212 7.16 -100.09 56.57
C GLY A 212 6.49 -99.29 55.47
N GLU A 213 5.85 -98.12 55.82
CA GLU A 213 5.15 -97.29 54.84
C GLU A 213 6.00 -96.23 54.13
N GLU A 214 5.74 -96.04 52.82
CA GLU A 214 6.43 -95.03 52.03
C GLU A 214 5.69 -93.71 52.13
N ARG A 215 6.42 -92.65 52.52
CA ARG A 215 5.88 -91.30 52.72
C ARG A 215 6.54 -90.39 51.70
N PHE A 216 5.72 -89.58 51.01
CA PHE A 216 6.20 -88.65 49.98
C PHE A 216 6.22 -87.26 50.59
N VAL A 217 7.37 -86.88 51.16
CA VAL A 217 7.61 -85.62 51.86
C VAL A 217 7.42 -84.44 50.94
N ILE A 218 6.46 -83.56 51.28
CA ILE A 218 6.19 -82.34 50.50
C ILE A 218 7.34 -81.37 50.79
N LYS A 219 8.05 -80.98 49.72
CA LYS A 219 9.20 -80.08 49.79
C LYS A 219 8.84 -78.69 49.26
N THR A 220 7.84 -78.62 48.37
CA THR A 220 7.26 -77.38 47.82
C THR A 220 5.86 -77.71 47.29
N ILE A 221 4.90 -76.82 47.55
CA ILE A 221 3.55 -76.93 47.01
C ILE A 221 3.51 -75.89 45.85
N ILE A 222 3.22 -76.36 44.61
CA ILE A 222 3.13 -75.50 43.43
C ILE A 222 1.70 -75.11 43.10
N GLY A 223 0.82 -76.12 43.03
CA GLY A 223 -0.58 -75.95 42.68
C GLY A 223 -0.84 -76.01 41.19
N SER A 224 -2.01 -76.55 40.81
CA SER A 224 -2.43 -76.70 39.42
C SER A 224 -3.01 -75.39 38.87
N GLU A 225 -3.70 -74.63 39.75
CA GLU A 225 -4.33 -73.36 39.41
C GLU A 225 -3.28 -72.26 39.30
N ASP A 226 -3.45 -71.35 38.33
CA ASP A 226 -2.57 -70.20 38.12
C ASP A 226 -3.16 -68.98 38.82
N GLY A 227 -2.29 -68.15 39.38
CA GLY A 227 -2.72 -66.94 40.05
C GLY A 227 -2.83 -67.08 41.54
N LEU A 228 -1.92 -67.83 42.14
CA LEU A 228 -1.86 -68.13 43.57
C LEU A 228 -0.91 -67.19 44.34
N GLY A 229 0.23 -66.83 43.73
CA GLY A 229 1.24 -66.03 44.40
C GLY A 229 2.18 -65.25 43.51
N VAL A 230 3.47 -65.65 43.45
CA VAL A 230 4.52 -64.90 42.73
C VAL A 230 4.23 -64.51 41.29
N GLU A 231 3.48 -65.38 40.56
CA GLU A 231 3.04 -65.11 39.19
C GLU A 231 2.17 -63.83 39.13
N CYS A 232 1.45 -63.53 40.23
CA CYS A 232 0.61 -62.33 40.37
C CYS A 232 1.47 -61.12 40.66
N LEU A 233 2.56 -61.34 41.43
CA LEU A 233 3.53 -60.29 41.77
C LEU A 233 4.33 -59.87 40.54
N ARG A 234 4.73 -60.83 39.66
CA ARG A 234 5.41 -60.53 38.38
C ARG A 234 4.50 -59.61 37.55
N GLY A 235 3.23 -59.98 37.41
CA GLY A 235 2.25 -59.19 36.68
C GLY A 235 2.06 -57.79 37.23
N SER A 236 2.13 -57.63 38.56
CA SER A 236 2.00 -56.34 39.24
C SER A 236 3.15 -55.44 38.84
N GLY A 237 4.37 -55.99 38.90
CA GLY A 237 5.58 -55.31 38.47
C GLY A 237 5.46 -54.86 37.03
N LEU A 238 4.99 -55.77 36.15
CA LEU A 238 4.78 -55.45 34.75
C LEU A 238 3.87 -54.24 34.56
N ILE A 239 2.70 -54.21 35.20
CA ILE A 239 1.76 -53.10 35.07
C ILE A 239 2.21 -51.81 35.74
N ALA A 240 3.01 -51.90 36.83
CA ALA A 240 3.60 -50.73 37.50
C ALA A 240 4.59 -50.02 36.54
N GLY A 241 5.45 -50.80 35.88
CA GLY A 241 6.40 -50.29 34.91
C GLY A 241 5.71 -49.73 33.68
N ALA A 242 4.65 -50.43 33.22
CA ALA A 242 3.85 -50.01 32.08
C ALA A 242 3.23 -48.61 32.32
N THR A 243 2.72 -48.36 33.56
CA THR A 243 2.08 -47.11 33.96
C THR A 243 3.08 -46.00 34.13
N SER A 244 4.24 -46.32 34.72
CA SER A 244 5.34 -45.38 34.86
C SER A 244 5.72 -44.76 33.47
N ARG A 245 5.76 -45.61 32.42
CA ARG A 245 6.10 -45.25 31.03
C ARG A 245 4.96 -44.50 30.35
N ALA A 246 3.73 -44.97 30.58
CA ALA A 246 2.52 -44.36 30.03
C ALA A 246 2.45 -42.87 30.45
N TYR A 247 2.73 -42.56 31.76
CA TYR A 247 2.71 -41.20 32.27
C TYR A 247 3.55 -40.19 31.46
N HIS A 248 4.66 -40.64 30.91
CA HIS A 248 5.58 -39.81 30.12
C HIS A 248 5.21 -39.70 28.63
N ASP A 249 4.22 -40.48 28.22
CA ASP A 249 3.88 -40.73 26.84
C ASP A 249 2.49 -40.26 26.48
N ILE A 250 1.52 -40.52 27.34
CA ILE A 250 0.13 -40.19 27.05
C ILE A 250 -0.52 -39.56 28.26
N PHE A 251 -1.72 -39.05 28.07
CA PHE A 251 -2.45 -38.49 29.21
C PHE A 251 -2.95 -39.66 30.05
N THR A 252 -2.51 -39.76 31.31
CA THR A 252 -2.96 -40.81 32.22
C THR A 252 -3.76 -40.18 33.37
N ILE A 253 -4.90 -40.77 33.71
CA ILE A 253 -5.76 -40.36 34.83
C ILE A 253 -6.41 -41.59 35.43
N THR A 254 -6.70 -41.55 36.73
CA THR A 254 -7.30 -42.67 37.48
C THR A 254 -8.46 -42.17 38.31
N LEU A 255 -9.58 -42.91 38.30
CA LEU A 255 -10.71 -42.62 39.20
C LEU A 255 -10.79 -43.75 40.21
N VAL A 256 -10.67 -43.45 41.53
CA VAL A 256 -10.76 -44.45 42.61
C VAL A 256 -12.22 -44.56 42.95
N THR A 257 -12.79 -45.68 42.49
CA THR A 257 -14.20 -45.92 42.46
C THR A 257 -14.80 -46.83 43.50
N CYS A 258 -13.98 -47.68 44.21
CA CYS A 258 -14.48 -48.59 45.27
C CYS A 258 -13.46 -48.78 46.42
N ARG A 259 -12.21 -48.97 46.04
CA ARG A 259 -11.04 -49.18 46.88
C ARG A 259 -10.01 -49.67 45.94
N SER A 260 -8.78 -49.22 46.18
CA SER A 260 -7.61 -49.60 45.43
C SER A 260 -6.61 -50.09 46.46
N VAL A 261 -6.26 -51.40 46.37
CA VAL A 261 -5.35 -52.07 47.30
C VAL A 261 -4.03 -52.50 46.62
N GLY A 262 -2.92 -52.43 47.38
CA GLY A 262 -1.58 -52.87 46.95
C GLY A 262 -1.16 -52.36 45.59
N ILE A 263 -1.08 -53.25 44.58
CA ILE A 263 -0.76 -52.82 43.21
C ILE A 263 -1.75 -51.72 42.76
N GLY A 264 -3.04 -51.87 43.15
CA GLY A 264 -4.10 -50.89 42.87
C GLY A 264 -3.73 -49.49 43.33
N ALA A 265 -3.19 -49.36 44.57
CA ALA A 265 -2.74 -48.08 45.14
C ALA A 265 -1.55 -47.51 44.35
N TYR A 266 -0.58 -48.39 43.99
CA TYR A 266 0.59 -48.01 43.19
C TYR A 266 0.23 -47.51 41.82
N LEU A 267 -0.76 -48.16 41.19
CA LEU A 267 -1.27 -47.77 39.89
C LEU A 267 -1.86 -46.38 39.93
N VAL A 268 -2.53 -46.07 41.04
CA VAL A 268 -3.13 -44.74 41.24
C VAL A 268 -2.02 -43.69 41.17
N ARG A 269 -0.94 -43.89 41.96
CA ARG A 269 0.17 -42.97 42.01
C ARG A 269 0.99 -42.93 40.70
N LEU A 270 1.31 -44.08 40.13
CA LEU A 270 2.15 -44.11 38.92
C LEU A 270 1.56 -43.35 37.71
N GLY A 271 0.22 -43.32 37.59
CA GLY A 271 -0.51 -42.59 36.57
C GLY A 271 -0.60 -41.12 36.94
N GLN A 272 -0.15 -40.77 38.18
CA GLN A 272 -0.09 -39.42 38.77
C GLN A 272 -1.44 -38.71 39.00
N ARG A 273 -2.14 -38.36 37.91
CA ARG A 273 -3.43 -37.67 37.96
C ARG A 273 -4.52 -38.61 38.54
N ALA A 274 -5.03 -38.28 39.73
CA ALA A 274 -6.00 -39.12 40.43
C ALA A 274 -7.15 -38.32 41.02
N ILE A 275 -8.38 -38.85 40.86
CA ILE A 275 -9.61 -38.33 41.41
C ILE A 275 -10.11 -39.44 42.31
N GLN A 276 -10.30 -39.15 43.59
CA GLN A 276 -10.75 -40.13 44.58
C GLN A 276 -12.20 -39.87 44.99
N VAL A 277 -13.05 -40.87 44.88
CA VAL A 277 -14.45 -40.72 45.30
C VAL A 277 -14.50 -40.82 46.85
N GLU A 278 -15.20 -39.89 47.49
CA GLU A 278 -15.34 -39.84 48.94
C GLU A 278 -15.74 -41.18 49.52
N GLY A 279 -15.01 -41.64 50.52
CA GLY A 279 -15.27 -42.90 51.20
C GLY A 279 -14.72 -44.14 50.56
N GLN A 280 -13.91 -43.99 49.47
CA GLN A 280 -13.27 -45.12 48.75
C GLN A 280 -11.76 -45.09 49.02
N PRO A 281 -11.21 -46.02 49.83
CA PRO A 281 -9.78 -45.91 50.20
C PRO A 281 -8.71 -46.42 49.23
N ILE A 282 -7.56 -45.73 49.21
CA ILE A 282 -6.35 -46.09 48.51
C ILE A 282 -5.43 -46.64 49.64
N ILE A 283 -5.37 -47.97 49.81
CA ILE A 283 -4.58 -48.59 50.87
C ILE A 283 -3.48 -49.53 50.39
N LEU A 284 -2.45 -49.72 51.24
CA LEU A 284 -1.39 -50.67 50.99
C LEU A 284 -1.66 -51.91 51.79
N THR A 285 -1.89 -51.74 53.10
CA THR A 285 -2.20 -52.82 54.04
C THR A 285 -3.54 -52.45 54.69
N GLY A 286 -4.42 -53.44 54.88
CA GLY A 286 -5.71 -53.21 55.52
C GLY A 286 -5.55 -53.01 57.00
N ALA A 287 -6.50 -52.31 57.63
CA ALA A 287 -6.49 -52.02 59.08
C ALA A 287 -6.38 -53.27 59.94
N SER A 288 -7.15 -54.34 59.63
CA SER A 288 -7.06 -55.56 60.44
C SER A 288 -5.73 -56.27 60.31
N ALA A 289 -5.12 -56.25 59.12
CA ALA A 289 -3.80 -56.84 58.90
C ALA A 289 -2.77 -56.08 59.73
N LEU A 290 -2.82 -54.72 59.70
CA LEU A 290 -1.93 -53.87 60.49
C LEU A 290 -2.06 -54.14 61.99
N ASN A 291 -3.31 -54.35 62.47
CA ASN A 291 -3.61 -54.63 63.86
C ASN A 291 -2.96 -55.90 64.36
N LYS A 292 -2.89 -56.95 63.52
CA LYS A 292 -2.23 -58.22 63.86
C LYS A 292 -0.72 -57.99 63.97
N VAL A 293 -0.12 -57.27 63.02
CA VAL A 293 1.32 -56.96 63.02
C VAL A 293 1.70 -56.14 64.28
N LEU A 294 0.83 -55.20 64.72
CA LEU A 294 1.11 -54.32 65.87
C LEU A 294 0.73 -54.94 67.24
N GLY A 295 -0.12 -55.97 67.20
CA GLY A 295 -0.63 -56.65 68.38
C GLY A 295 -1.95 -56.04 68.81
N ARG A 296 -1.91 -54.75 69.21
CA ARG A 296 -3.03 -53.91 69.66
C ARG A 296 -4.06 -53.68 68.52
N GLU A 297 -5.31 -53.32 68.88
CA GLU A 297 -6.37 -52.98 67.92
C GLU A 297 -6.38 -51.46 67.67
N VAL A 298 -5.30 -50.99 67.02
CA VAL A 298 -4.95 -49.61 66.66
C VAL A 298 -5.95 -48.92 65.71
N TYR A 299 -6.26 -49.53 64.55
CA TYR A 299 -7.15 -48.90 63.57
C TYR A 299 -8.53 -49.53 63.52
N THR A 300 -9.57 -48.72 63.24
CA THR A 300 -10.96 -49.19 63.16
C THR A 300 -11.50 -49.29 61.73
N SER A 301 -10.91 -48.53 60.77
CA SER A 301 -11.32 -48.59 59.36
C SER A 301 -10.17 -48.37 58.41
N ASN A 302 -10.33 -48.82 57.15
CA ASN A 302 -9.36 -48.59 56.09
C ASN A 302 -9.37 -47.12 55.66
N LEU A 303 -10.45 -46.39 55.98
CA LEU A 303 -10.57 -44.97 55.66
C LEU A 303 -9.60 -44.12 56.46
N GLN A 304 -9.21 -44.59 57.66
CA GLN A 304 -8.22 -43.93 58.50
C GLN A 304 -6.90 -43.91 57.78
N LEU A 305 -6.59 -44.99 57.04
CA LEU A 305 -5.34 -45.22 56.31
C LEU A 305 -5.30 -44.56 54.92
N GLY A 306 -6.36 -44.72 54.12
CA GLY A 306 -6.38 -44.23 52.76
C GLY A 306 -7.59 -43.46 52.27
N GLY A 307 -8.34 -42.86 53.17
CA GLY A 307 -9.48 -42.02 52.80
C GLY A 307 -9.03 -40.70 52.21
N THR A 308 -9.99 -39.87 51.73
CA THR A 308 -9.66 -38.57 51.13
C THR A 308 -8.90 -37.66 52.08
N GLN A 309 -9.22 -37.73 53.38
CA GLN A 309 -8.60 -36.94 54.43
C GLN A 309 -7.10 -37.25 54.61
N ILE A 310 -6.63 -38.33 53.93
CA ILE A 310 -5.23 -38.74 53.88
C ILE A 310 -4.72 -38.35 52.50
N MET A 311 -5.28 -38.98 51.45
CA MET A 311 -4.84 -38.84 50.06
C MET A 311 -5.01 -37.50 49.36
N TYR A 312 -6.11 -36.77 49.66
CA TYR A 312 -6.39 -35.47 49.05
C TYR A 312 -5.54 -34.42 49.78
N ASN A 313 -5.39 -34.58 51.12
CA ASN A 313 -4.53 -33.74 51.95
C ASN A 313 -3.02 -33.92 51.62
N ASN A 314 -2.65 -35.09 51.05
CA ASN A 314 -1.31 -35.58 50.62
C ASN A 314 -0.85 -35.05 49.29
N GLY A 315 -1.80 -34.90 48.37
CA GLY A 315 -1.51 -34.62 46.97
C GLY A 315 -1.45 -35.93 46.17
N VAL A 316 -1.79 -37.10 46.79
CA VAL A 316 -1.88 -38.37 46.03
C VAL A 316 -3.15 -38.28 45.17
N SER A 317 -4.26 -37.74 45.77
CA SER A 317 -5.52 -37.45 45.09
C SER A 317 -5.54 -35.97 44.71
N HIS A 318 -5.58 -35.69 43.43
CA HIS A 318 -5.58 -34.34 42.89
C HIS A 318 -6.89 -33.64 43.11
N LEU A 319 -7.98 -34.43 43.11
CA LEU A 319 -9.35 -34.00 43.31
C LEU A 319 -10.11 -35.10 44.02
N THR A 320 -11.21 -34.72 44.65
CA THR A 320 -12.14 -35.64 45.26
C THR A 320 -13.45 -35.54 44.47
N ALA A 321 -14.31 -36.55 44.60
CA ALA A 321 -15.62 -36.56 43.93
C ALA A 321 -16.66 -37.14 44.89
N VAL A 322 -17.83 -36.54 44.87
CA VAL A 322 -18.94 -36.92 45.71
C VAL A 322 -19.54 -38.30 45.37
N ASP A 323 -19.45 -38.72 44.09
CA ASP A 323 -19.90 -40.02 43.57
C ASP A 323 -19.17 -40.30 42.23
N ASP A 324 -19.38 -41.51 41.65
CA ASP A 324 -18.76 -41.94 40.39
C ASP A 324 -19.00 -40.99 39.23
N LEU A 325 -20.24 -40.53 39.05
CA LEU A 325 -20.55 -39.58 37.97
C LEU A 325 -19.78 -38.29 38.11
N ALA A 326 -19.68 -37.71 39.35
CA ALA A 326 -18.91 -36.48 39.60
C ALA A 326 -17.47 -36.69 39.21
N GLY A 327 -16.91 -37.87 39.55
CA GLY A 327 -15.56 -38.26 39.17
C GLY A 327 -15.38 -38.29 37.66
N VAL A 328 -16.33 -38.94 36.94
CA VAL A 328 -16.30 -39.01 35.48
C VAL A 328 -16.40 -37.61 34.84
N GLU A 329 -17.22 -36.73 35.43
CA GLU A 329 -17.37 -35.35 35.00
C GLU A 329 -16.03 -34.60 35.13
N LYS A 330 -15.30 -34.82 36.24
CA LYS A 330 -13.98 -34.22 36.45
C LYS A 330 -12.93 -34.73 35.46
N ILE A 331 -12.96 -36.03 35.08
CA ILE A 331 -12.05 -36.61 34.07
C ILE A 331 -12.26 -35.87 32.73
N VAL A 332 -13.51 -35.83 32.31
CA VAL A 332 -13.99 -35.22 31.06
C VAL A 332 -13.64 -33.71 30.99
N GLU A 333 -13.75 -32.99 32.13
CA GLU A 333 -13.42 -31.57 32.25
C GLU A 333 -11.91 -31.37 32.14
N TRP A 334 -11.12 -32.25 32.80
CA TRP A 334 -9.66 -32.20 32.80
C TRP A 334 -9.18 -32.43 31.38
N MET A 335 -9.71 -33.46 30.69
CA MET A 335 -9.38 -33.83 29.31
C MET A 335 -9.65 -32.74 28.29
N SER A 336 -10.58 -31.82 28.60
CA SER A 336 -10.92 -30.72 27.69
C SER A 336 -9.77 -29.72 27.47
N TYR A 337 -8.72 -29.80 28.33
CA TYR A 337 -7.55 -28.93 28.21
C TYR A 337 -6.45 -29.65 27.47
N VAL A 338 -6.60 -30.95 27.25
CA VAL A 338 -5.60 -31.85 26.72
C VAL A 338 -5.72 -32.19 25.20
N PRO A 339 -4.59 -32.21 24.44
CA PRO A 339 -4.67 -32.60 23.01
C PRO A 339 -5.40 -33.92 22.78
N ALA A 340 -6.07 -34.10 21.63
CA ALA A 340 -6.79 -35.34 21.31
C ALA A 340 -5.88 -36.58 21.37
N LYS A 341 -4.60 -36.39 21.02
CA LYS A 341 -3.56 -37.44 21.06
C LYS A 341 -2.18 -36.83 21.12
N ARG A 342 -1.18 -37.63 21.51
CA ARG A 342 0.21 -37.18 21.64
C ARG A 342 0.68 -36.38 20.43
N ASN A 343 1.28 -35.21 20.70
CA ASN A 343 1.85 -34.31 19.69
C ASN A 343 0.87 -33.57 18.80
N MET A 344 -0.42 -33.63 19.11
CA MET A 344 -1.40 -32.83 18.40
C MET A 344 -1.41 -31.46 19.08
N PRO A 345 -1.80 -30.38 18.38
CA PRO A 345 -1.78 -29.06 19.05
C PRO A 345 -2.72 -29.01 20.26
N VAL A 346 -2.44 -28.14 21.23
CA VAL A 346 -3.31 -27.96 22.42
C VAL A 346 -4.71 -27.53 21.96
N PRO A 347 -5.81 -28.06 22.55
CA PRO A 347 -7.15 -27.73 22.00
C PRO A 347 -7.63 -26.32 22.31
N ILE A 348 -7.66 -25.45 21.30
CA ILE A 348 -8.18 -24.07 21.45
C ILE A 348 -9.69 -24.16 21.64
N LEU A 349 -10.25 -23.36 22.55
CA LEU A 349 -11.68 -23.28 22.77
C LEU A 349 -12.06 -21.88 23.20
N GLU A 350 -12.49 -21.08 22.24
CA GLU A 350 -12.90 -19.70 22.52
C GLU A 350 -14.29 -19.67 23.10
N THR A 351 -14.51 -18.83 24.12
CA THR A 351 -15.81 -18.68 24.75
C THR A 351 -16.28 -17.21 24.65
N LYS A 352 -17.37 -16.83 25.37
CA LYS A 352 -17.92 -15.46 25.37
C LYS A 352 -16.83 -14.46 25.76
N ASP A 353 -15.88 -14.89 26.63
CA ASP A 353 -14.79 -14.07 27.11
C ASP A 353 -13.58 -14.09 26.14
N THR A 354 -13.63 -13.17 25.18
CA THR A 354 -12.62 -12.90 24.14
C THR A 354 -11.35 -12.35 24.76
N TRP A 355 -10.24 -12.45 24.02
CA TRP A 355 -8.93 -11.92 24.44
C TRP A 355 -8.90 -10.38 24.60
N ASP A 356 -9.68 -9.67 23.80
CA ASP A 356 -9.66 -8.22 23.70
C ASP A 356 -10.42 -7.44 24.74
N ARG A 357 -9.86 -7.41 25.95
CA ARG A 357 -10.42 -6.66 27.08
C ARG A 357 -9.31 -6.41 28.11
N PRO A 358 -9.42 -5.38 28.94
CA PRO A 358 -8.44 -5.23 30.02
C PRO A 358 -8.72 -6.23 31.17
N VAL A 359 -7.78 -6.32 32.12
CA VAL A 359 -7.92 -7.16 33.30
C VAL A 359 -8.50 -6.21 34.37
N ASP A 360 -9.65 -6.58 34.97
CA ASP A 360 -10.30 -5.74 35.98
C ASP A 360 -9.73 -5.94 37.37
N PHE A 361 -9.72 -7.18 37.91
CA PHE A 361 -9.21 -7.39 39.26
C PHE A 361 -7.75 -7.02 39.38
N THR A 362 -7.45 -6.01 40.22
CA THR A 362 -6.06 -5.59 40.45
C THR A 362 -5.70 -5.69 41.95
N PRO A 363 -4.63 -6.46 42.30
CA PRO A 363 -4.23 -6.54 43.72
C PRO A 363 -3.68 -5.21 44.24
N THR A 364 -3.86 -4.98 45.55
CA THR A 364 -3.36 -3.79 46.26
C THR A 364 -2.43 -4.30 47.36
N ASN A 365 -1.41 -3.49 47.71
CA ASN A 365 -0.43 -3.90 48.74
C ASN A 365 -1.03 -3.80 50.14
N ASP A 366 -2.02 -2.92 50.32
CA ASP A 366 -2.70 -2.70 51.59
C ASP A 366 -3.92 -3.62 51.84
N GLU A 367 -4.43 -4.30 50.79
CA GLU A 367 -5.59 -5.17 50.93
C GLU A 367 -5.27 -6.64 50.61
N THR A 368 -5.77 -7.57 51.45
CA THR A 368 -5.65 -9.01 51.28
C THR A 368 -6.46 -9.44 50.06
N TYR A 369 -5.91 -10.36 49.26
CA TYR A 369 -6.60 -10.89 48.09
C TYR A 369 -6.40 -12.38 47.97
N ASP A 370 -7.26 -13.00 47.19
CA ASP A 370 -7.15 -14.41 46.83
C ASP A 370 -6.53 -14.41 45.44
N VAL A 371 -5.45 -15.16 45.25
CA VAL A 371 -4.83 -15.20 43.92
C VAL A 371 -5.79 -15.67 42.82
N ARG A 372 -6.80 -16.51 43.17
CA ARG A 372 -7.79 -17.01 42.23
C ARG A 372 -8.57 -15.88 41.54
N TRP A 373 -8.72 -14.75 42.23
CA TRP A 373 -9.35 -13.55 41.69
C TRP A 373 -8.53 -12.99 40.54
N MET A 374 -7.20 -13.04 40.65
CA MET A 374 -6.31 -12.56 39.59
C MET A 374 -6.36 -13.48 38.40
N ILE A 375 -6.50 -14.79 38.68
CA ILE A 375 -6.55 -15.84 37.68
C ILE A 375 -7.86 -15.83 36.89
N GLU A 376 -8.99 -15.96 37.59
CA GLU A 376 -10.31 -16.14 36.95
C GLU A 376 -11.31 -15.01 37.14
N GLY A 377 -10.98 -14.04 37.97
CA GLY A 377 -11.87 -12.92 38.27
C GLY A 377 -12.68 -13.18 39.52
N ARG A 378 -13.60 -12.27 39.85
CA ARG A 378 -14.45 -12.38 41.05
C ARG A 378 -15.75 -11.63 40.95
N GLU A 379 -16.78 -12.18 41.59
CA GLU A 379 -18.08 -11.52 41.68
C GLU A 379 -18.02 -10.43 42.73
N THR A 380 -18.56 -9.25 42.40
CA THR A 380 -18.63 -8.08 43.29
C THR A 380 -20.10 -7.59 43.30
N GLU A 381 -20.49 -6.75 44.27
CA GLU A 381 -21.86 -6.22 44.30
C GLU A 381 -22.16 -5.35 43.05
N SER A 382 -21.11 -4.69 42.51
CA SER A 382 -21.15 -3.84 41.32
C SER A 382 -20.96 -4.59 39.97
N GLY A 383 -20.79 -5.91 40.01
CA GLY A 383 -20.63 -6.73 38.81
C GLY A 383 -19.51 -7.75 38.87
N PHE A 384 -19.09 -8.27 37.70
CA PHE A 384 -18.00 -9.24 37.66
C PHE A 384 -16.71 -8.55 37.22
N GLU A 385 -15.65 -8.67 38.04
CA GLU A 385 -14.33 -8.11 37.74
C GLU A 385 -13.58 -9.25 37.09
N TYR A 386 -13.31 -9.14 35.78
CA TYR A 386 -12.58 -10.17 35.04
C TYR A 386 -11.12 -10.20 35.46
N GLY A 387 -10.55 -11.39 35.46
CA GLY A 387 -9.16 -11.62 35.80
C GLY A 387 -8.31 -11.82 34.56
N LEU A 388 -7.12 -12.41 34.74
CA LEU A 388 -6.18 -12.60 33.64
C LEU A 388 -6.68 -13.62 32.60
N PHE A 389 -7.32 -14.69 33.08
CA PHE A 389 -7.78 -15.77 32.19
C PHE A 389 -9.27 -15.73 31.90
N ASP A 390 -9.71 -16.59 30.97
CA ASP A 390 -11.12 -16.63 30.54
C ASP A 390 -12.07 -16.94 31.70
N LYS A 391 -13.17 -16.18 31.80
CA LYS A 391 -14.22 -16.38 32.81
C LYS A 391 -14.70 -17.86 32.78
N GLY A 392 -14.67 -18.50 33.93
CA GLY A 392 -15.05 -19.89 34.11
C GLY A 392 -14.09 -20.92 33.60
N SER A 393 -12.82 -20.54 33.27
CA SER A 393 -11.88 -21.51 32.70
C SER A 393 -10.93 -22.17 33.69
N PHE A 394 -10.88 -21.65 34.93
CA PHE A 394 -9.97 -22.16 35.92
C PHE A 394 -10.39 -23.47 36.54
N PHE A 395 -9.64 -24.53 36.24
CA PHE A 395 -9.87 -25.87 36.76
C PHE A 395 -8.70 -26.17 37.72
N GLU A 396 -8.88 -25.88 39.02
CA GLU A 396 -7.85 -26.07 40.05
C GLU A 396 -7.71 -27.54 40.39
N THR A 397 -6.46 -28.02 40.52
CA THR A 397 -6.12 -29.39 40.91
C THR A 397 -5.15 -29.33 42.10
N LEU A 398 -4.94 -30.47 42.80
CA LEU A 398 -4.09 -30.62 44.00
C LEU A 398 -4.56 -29.62 45.08
N SER A 399 -5.87 -29.33 45.06
CA SER A 399 -6.48 -28.31 45.91
C SER A 399 -6.49 -28.61 47.39
N GLY A 400 -6.29 -29.87 47.76
CA GLY A 400 -6.29 -30.28 49.16
C GLY A 400 -4.94 -30.32 49.83
N TRP A 401 -3.86 -30.24 49.04
CA TRP A 401 -2.47 -30.30 49.47
C TRP A 401 -1.72 -29.01 49.23
N ALA A 402 -0.75 -28.71 50.11
CA ALA A 402 0.17 -27.57 50.04
C ALA A 402 -0.47 -26.33 49.44
N LYS A 403 -1.52 -25.85 50.11
CA LYS A 403 -2.37 -24.72 49.69
C LYS A 403 -1.72 -23.33 49.50
N GLY A 404 -0.40 -23.25 49.72
CA GLY A 404 0.39 -22.05 49.56
C GLY A 404 0.64 -21.74 48.11
N VAL A 405 0.54 -22.78 47.23
CA VAL A 405 0.60 -22.68 45.77
C VAL A 405 -0.75 -23.08 45.26
N VAL A 406 -1.21 -22.37 44.22
CA VAL A 406 -2.46 -22.57 43.54
C VAL A 406 -2.14 -23.08 42.15
N VAL A 407 -2.50 -24.35 41.86
CA VAL A 407 -2.26 -24.96 40.57
C VAL A 407 -3.55 -25.35 39.90
N GLY A 408 -3.63 -25.09 38.60
CA GLY A 408 -4.79 -25.45 37.79
C GLY A 408 -4.53 -25.32 36.31
N ARG A 409 -5.55 -25.61 35.52
CA ARG A 409 -5.55 -25.41 34.08
C ARG A 409 -6.50 -24.20 33.86
N ALA A 410 -6.26 -23.42 32.80
CA ALA A 410 -7.09 -22.29 32.45
C ALA A 410 -7.05 -22.10 30.95
N ARG A 411 -7.74 -21.07 30.46
CA ARG A 411 -7.72 -20.72 29.05
C ARG A 411 -7.43 -19.21 28.91
N LEU A 412 -6.60 -18.83 27.91
CA LEU A 412 -6.26 -17.41 27.60
C LEU A 412 -6.78 -17.14 26.19
N GLY A 413 -7.95 -16.50 26.10
CA GLY A 413 -8.61 -16.27 24.80
C GLY A 413 -8.86 -17.56 24.03
N GLY A 414 -8.99 -18.67 24.78
CA GLY A 414 -9.24 -20.00 24.24
C GLY A 414 -8.06 -20.94 24.34
N ILE A 415 -6.83 -20.40 24.48
CA ILE A 415 -5.62 -21.21 24.53
C ILE A 415 -5.53 -21.92 25.88
N PRO A 416 -5.50 -23.28 25.94
CA PRO A 416 -5.37 -23.94 27.24
C PRO A 416 -3.92 -23.88 27.72
N LEU A 417 -3.72 -23.74 29.04
CA LEU A 417 -2.38 -23.71 29.63
C LEU A 417 -2.46 -24.07 31.10
N GLY A 418 -1.31 -24.43 31.69
CA GLY A 418 -1.22 -24.70 33.11
C GLY A 418 -0.89 -23.40 33.85
N VAL A 419 -1.53 -23.17 34.96
CA VAL A 419 -1.28 -21.94 35.73
C VAL A 419 -0.81 -22.31 37.12
N ILE A 420 0.25 -21.60 37.63
CA ILE A 420 0.77 -21.70 38.99
C ILE A 420 0.76 -20.27 39.56
N GLY A 421 0.02 -20.11 40.65
CA GLY A 421 -0.10 -18.85 41.37
C GLY A 421 0.34 -19.03 42.80
N VAL A 422 0.61 -17.92 43.49
CA VAL A 422 1.06 -17.94 44.89
C VAL A 422 -0.04 -17.43 45.81
N GLU A 423 -0.40 -18.24 46.82
CA GLU A 423 -1.37 -17.86 47.85
C GLU A 423 -0.66 -16.93 48.88
N THR A 424 -1.12 -15.69 48.95
CA THR A 424 -0.60 -14.64 49.83
C THR A 424 -1.00 -14.79 51.29
N ARG A 425 -2.21 -15.34 51.53
CA ARG A 425 -2.75 -15.61 52.87
C ARG A 425 -1.97 -16.76 53.57
N THR A 426 -1.81 -16.65 54.89
CA THR A 426 -1.14 -17.68 55.68
C THR A 426 -1.96 -18.98 55.60
N VAL A 427 -1.30 -20.10 55.37
CA VAL A 427 -1.96 -21.39 55.26
C VAL A 427 -1.69 -22.22 56.51
N GLU A 428 -2.72 -22.91 56.99
CA GLU A 428 -2.67 -23.84 58.11
C GLU A 428 -2.95 -25.23 57.57
N ASN A 429 -2.35 -26.24 58.19
CA ASN A 429 -2.61 -27.63 57.84
C ASN A 429 -2.49 -28.47 59.08
N LEU A 430 -3.38 -29.43 59.22
CA LEU A 430 -3.39 -30.23 60.42
C LEU A 430 -2.83 -31.61 60.21
N ILE A 431 -1.74 -31.89 60.90
CA ILE A 431 -1.12 -33.19 60.86
C ILE A 431 -1.89 -34.05 61.87
N PRO A 432 -2.50 -35.16 61.42
CA PRO A 432 -3.29 -35.99 62.35
C PRO A 432 -2.42 -36.69 63.41
N ALA A 433 -3.06 -37.10 64.52
CA ALA A 433 -2.36 -37.84 65.57
C ALA A 433 -2.22 -39.29 65.10
N ASP A 434 -1.01 -39.86 65.25
CA ASP A 434 -0.69 -41.23 64.86
C ASP A 434 -1.38 -42.19 65.85
N PRO A 435 -2.41 -42.98 65.42
CA PRO A 435 -3.09 -43.88 66.37
C PRO A 435 -2.18 -44.98 66.94
N ALA A 436 -1.08 -45.30 66.22
CA ALA A 436 -0.10 -46.31 66.60
C ALA A 436 0.81 -45.83 67.75
N ASN A 437 0.90 -44.50 67.94
CA ASN A 437 1.72 -43.92 69.00
C ASN A 437 0.81 -43.31 70.06
N PRO A 438 0.84 -43.83 71.31
CA PRO A 438 -0.01 -43.26 72.37
C PRO A 438 0.44 -41.85 72.81
N ASN A 439 1.75 -41.56 72.63
CA ASN A 439 2.40 -40.28 72.96
C ASN A 439 2.50 -39.40 71.69
N SER A 440 1.35 -39.24 70.99
CA SER A 440 1.22 -38.44 69.77
C SER A 440 -0.13 -37.74 69.72
N ALA A 441 -0.09 -36.42 69.47
CA ALA A 441 -1.27 -35.56 69.34
C ALA A 441 -1.19 -34.77 68.04
N GLU A 442 -2.37 -34.34 67.53
CA GLU A 442 -2.49 -33.56 66.29
C GLU A 442 -1.67 -32.27 66.35
N THR A 443 -0.95 -31.97 65.27
CA THR A 443 -0.10 -30.78 65.14
C THR A 443 -0.73 -29.84 64.11
N LEU A 444 -0.75 -28.54 64.42
CA LEU A 444 -1.21 -27.52 63.48
C LEU A 444 0.00 -26.72 63.02
N ILE A 445 0.23 -26.70 61.70
CA ILE A 445 1.36 -26.00 61.10
C ILE A 445 0.89 -24.78 60.36
N GLN A 446 1.47 -23.62 60.70
CA GLN A 446 1.24 -22.34 60.01
C GLN A 446 2.40 -22.18 59.02
N GLN A 447 2.11 -21.68 57.84
CA GLN A 447 3.12 -21.41 56.81
C GLN A 447 2.81 -20.06 56.20
N ALA A 448 3.76 -19.13 56.30
CA ALA A 448 3.64 -17.79 55.74
C ALA A 448 3.41 -17.82 54.20
N GLY A 449 2.66 -16.84 53.73
CA GLY A 449 2.39 -16.69 52.29
C GLY A 449 3.63 -16.21 51.57
N GLN A 450 3.70 -16.46 50.26
CA GLN A 450 4.81 -16.04 49.41
C GLN A 450 6.19 -16.64 49.74
N VAL A 451 6.21 -17.81 50.43
CA VAL A 451 7.42 -18.51 50.87
C VAL A 451 7.26 -19.96 50.47
N TRP A 452 8.26 -20.51 49.76
CA TRP A 452 8.23 -21.91 49.39
C TRP A 452 8.66 -22.74 50.60
N PHE A 453 7.87 -23.77 50.92
CA PHE A 453 8.14 -24.74 51.97
C PHE A 453 8.36 -26.11 51.29
N PRO A 454 8.85 -27.15 51.99
CA PRO A 454 8.99 -28.46 51.33
C PRO A 454 7.75 -28.90 50.53
N ASN A 455 6.56 -28.83 51.14
CA ASN A 455 5.31 -29.22 50.50
C ASN A 455 4.96 -28.39 49.28
N SER A 456 4.93 -27.04 49.40
CA SER A 456 4.67 -26.15 48.25
C SER A 456 5.74 -26.27 47.13
N ALA A 457 7.02 -26.55 47.48
CA ALA A 457 8.07 -26.73 46.47
C ALA A 457 7.82 -28.03 45.68
N PHE A 458 7.40 -29.11 46.38
CA PHE A 458 7.04 -30.39 45.81
C PHE A 458 5.82 -30.23 44.88
N LYS A 459 4.77 -29.51 45.32
CA LYS A 459 3.58 -29.29 44.54
C LYS A 459 3.86 -28.53 43.23
N THR A 460 4.66 -27.44 43.30
CA THR A 460 5.06 -26.62 42.15
C THR A 460 5.74 -27.53 41.11
N ALA A 461 6.73 -28.35 41.54
CA ALA A 461 7.49 -29.28 40.70
C ALA A 461 6.54 -30.30 40.08
N GLN A 462 5.64 -30.83 40.93
CA GLN A 462 4.63 -31.81 40.53
C GLN A 462 3.77 -31.24 39.43
N ALA A 463 3.27 -30.00 39.63
CA ALA A 463 2.41 -29.29 38.69
C ALA A 463 3.10 -29.15 37.35
N ILE A 464 4.33 -28.66 37.34
CA ILE A 464 5.15 -28.47 36.15
C ILE A 464 5.26 -29.76 35.39
N ASN A 465 5.62 -30.86 36.07
CA ASN A 465 5.73 -32.16 35.39
C ASN A 465 4.39 -32.63 34.83
N ASP A 466 3.28 -32.49 35.59
CA ASP A 466 1.96 -32.92 35.13
C ASP A 466 1.43 -32.11 33.97
N PHE A 467 1.80 -30.83 33.85
CA PHE A 467 1.43 -29.99 32.69
C PHE A 467 2.24 -30.46 31.47
N ASN A 468 3.49 -30.87 31.73
CA ASN A 468 4.41 -31.21 30.68
C ASN A 468 4.16 -32.54 30.02
N ASN A 469 4.16 -33.62 30.82
CA ASN A 469 3.95 -34.98 30.39
C ASN A 469 2.48 -35.22 30.15
N GLY A 470 2.19 -35.87 29.02
CA GLY A 470 0.83 -36.23 28.62
C GLY A 470 -0.06 -35.06 28.29
N GLU A 471 -0.23 -34.12 29.24
CA GLU A 471 -1.00 -32.87 29.02
C GLU A 471 -0.37 -32.02 27.89
N GLN A 472 0.99 -31.99 27.81
CA GLN A 472 1.76 -31.26 26.80
C GLN A 472 1.29 -29.82 26.62
N LEU A 473 1.06 -29.13 27.75
CA LEU A 473 0.54 -27.77 27.77
C LEU A 473 1.60 -26.70 27.95
N PRO A 474 1.37 -25.45 27.41
CA PRO A 474 2.25 -24.34 27.78
C PRO A 474 1.94 -23.98 29.25
N MET A 475 2.77 -23.15 29.87
CA MET A 475 2.55 -22.82 31.27
C MET A 475 2.81 -21.38 31.58
N MET A 476 2.09 -20.84 32.57
CA MET A 476 2.32 -19.53 33.16
C MET A 476 2.48 -19.65 34.68
N ILE A 477 3.59 -19.10 35.20
CA ILE A 477 3.83 -19.01 36.62
C ILE A 477 3.74 -17.55 36.97
N LEU A 478 2.78 -17.21 37.84
CA LEU A 478 2.55 -15.84 38.33
C LEU A 478 3.44 -15.78 39.56
N ALA A 479 4.77 -15.74 39.34
CA ALA A 479 5.85 -15.84 40.32
C ALA A 479 5.80 -14.75 41.35
N ASN A 480 5.66 -15.13 42.63
CA ASN A 480 5.54 -14.18 43.72
C ASN A 480 6.01 -14.84 45.04
N TRP A 481 7.30 -15.14 45.12
CA TRP A 481 7.88 -15.76 46.30
C TRP A 481 8.99 -14.92 46.84
N ARG A 482 9.09 -14.84 48.18
CA ARG A 482 10.15 -14.13 48.90
C ARG A 482 11.40 -15.00 48.93
N GLY A 483 11.21 -16.31 48.80
CA GLY A 483 12.27 -17.31 48.79
C GLY A 483 11.82 -18.63 49.35
N PHE A 484 12.77 -19.44 49.81
CA PHE A 484 12.51 -20.74 50.43
C PHE A 484 12.61 -20.58 51.93
N SER A 485 11.91 -21.43 52.72
CA SER A 485 12.04 -21.39 54.16
C SER A 485 13.39 -22.01 54.55
N GLY A 486 14.28 -21.17 55.04
CA GLY A 486 15.63 -21.58 55.43
C GLY A 486 15.77 -21.92 56.90
N GLY A 487 14.64 -21.98 57.60
CA GLY A 487 14.60 -22.32 59.02
C GLY A 487 14.93 -23.77 59.27
N GLN A 488 15.24 -24.10 60.53
CA GLN A 488 15.64 -25.44 60.91
C GLN A 488 14.75 -26.59 60.52
N ARG A 489 13.45 -26.53 60.86
CA ARG A 489 12.48 -27.57 60.56
C ARG A 489 12.40 -27.87 59.06
N ASP A 490 12.33 -26.80 58.23
CA ASP A 490 12.19 -26.94 56.77
C ASP A 490 13.45 -27.38 56.08
N MET A 491 14.59 -27.03 56.66
CA MET A 491 15.90 -27.48 56.16
C MET A 491 16.02 -28.97 56.49
N PHE A 492 15.69 -29.34 57.75
CA PHE A 492 15.63 -30.74 58.15
C PHE A 492 14.62 -31.51 57.28
N ASN A 493 13.48 -30.88 56.91
CA ASN A 493 12.49 -31.57 56.06
C ASN A 493 12.81 -31.48 54.58
N GLU A 494 14.10 -31.27 54.27
CA GLU A 494 14.66 -31.31 52.92
C GLU A 494 14.11 -30.31 51.92
N VAL A 495 13.88 -29.07 52.35
CA VAL A 495 13.41 -28.06 51.39
C VAL A 495 14.28 -27.99 50.11
N LEU A 496 15.61 -28.16 50.25
CA LEU A 496 16.58 -28.13 49.14
C LEU A 496 16.27 -29.16 48.09
N LYS A 497 15.83 -30.35 48.53
CA LYS A 497 15.51 -31.46 47.64
C LYS A 497 14.34 -31.07 46.74
N TYR A 498 13.26 -30.53 47.34
CA TYR A 498 12.03 -30.14 46.65
C TYR A 498 12.18 -28.97 45.74
N GLY A 499 12.95 -27.98 46.17
CA GLY A 499 13.28 -26.80 45.37
C GLY A 499 14.03 -27.25 44.12
N SER A 500 15.00 -28.17 44.27
CA SER A 500 15.76 -28.71 43.14
C SER A 500 14.90 -29.44 42.11
N PHE A 501 13.81 -30.11 42.54
CA PHE A 501 12.88 -30.78 41.64
C PHE A 501 12.26 -29.76 40.69
N ILE A 502 12.04 -28.47 41.15
CA ILE A 502 11.46 -27.42 40.31
C ILE A 502 12.39 -27.18 39.12
N VAL A 503 13.71 -27.03 39.38
CA VAL A 503 14.72 -26.85 38.34
C VAL A 503 14.66 -28.00 37.35
N ASP A 504 14.71 -29.23 37.82
CA ASP A 504 14.63 -30.43 36.97
C ASP A 504 13.35 -30.47 36.13
N ALA A 505 12.22 -30.06 36.71
CA ALA A 505 10.94 -30.05 36.01
C ALA A 505 10.93 -29.05 34.85
N LEU A 506 11.55 -27.86 35.05
CA LEU A 506 11.72 -26.77 34.06
C LEU A 506 12.68 -27.17 32.96
N VAL A 507 13.79 -27.83 33.29
CA VAL A 507 14.76 -28.33 32.31
C VAL A 507 14.07 -29.29 31.29
N ASP A 508 13.09 -30.10 31.74
CA ASP A 508 12.37 -31.07 30.92
C ASP A 508 11.16 -30.53 30.14
N TYR A 509 10.77 -29.30 30.39
CA TYR A 509 9.58 -28.69 29.79
C TYR A 509 9.71 -28.52 28.27
N LYS A 510 8.70 -29.01 27.51
CA LYS A 510 8.80 -28.96 26.05
C LYS A 510 7.84 -28.00 25.34
N GLN A 511 7.14 -27.13 26.11
CA GLN A 511 6.17 -26.17 25.54
C GLN A 511 6.44 -24.75 26.06
N PRO A 512 5.93 -23.69 25.38
CA PRO A 512 6.19 -22.32 25.88
C PRO A 512 5.92 -22.12 27.38
N ILE A 513 6.83 -21.39 28.08
CA ILE A 513 6.70 -21.02 29.50
C ILE A 513 6.77 -19.49 29.63
N ILE A 514 5.83 -18.90 30.38
CA ILE A 514 5.82 -17.48 30.69
C ILE A 514 5.95 -17.39 32.21
N ILE A 515 7.00 -16.68 32.69
CA ILE A 515 7.17 -16.36 34.11
C ILE A 515 6.79 -14.87 34.17
N TYR A 516 5.86 -14.53 35.04
CA TYR A 516 5.39 -13.17 35.17
C TYR A 516 5.33 -12.77 36.64
N ILE A 517 6.15 -11.80 37.06
CA ILE A 517 6.12 -11.27 38.44
C ILE A 517 4.95 -10.26 38.40
N PRO A 518 3.79 -10.58 39.02
CA PRO A 518 2.62 -9.69 38.90
C PRO A 518 2.65 -8.40 39.73
N PRO A 519 1.65 -7.48 39.57
CA PRO A 519 1.63 -6.27 40.43
C PRO A 519 1.53 -6.70 41.90
N THR A 520 2.24 -5.97 42.81
CA THR A 520 2.39 -6.25 44.26
C THR A 520 3.28 -7.50 44.48
N GLY A 521 3.75 -8.09 43.39
CA GLY A 521 4.54 -9.31 43.44
C GLY A 521 6.02 -9.09 43.65
N GLU A 522 6.71 -10.16 44.05
CA GLU A 522 8.14 -10.12 44.26
C GLU A 522 8.84 -11.44 43.96
N LEU A 523 10.13 -11.36 43.69
CA LEU A 523 11.01 -12.49 43.45
C LEU A 523 12.35 -12.10 44.05
N ARG A 524 12.91 -12.95 44.91
CA ARG A 524 14.17 -12.64 45.59
C ARG A 524 15.25 -13.70 45.36
N GLY A 525 16.41 -13.49 45.95
CA GLY A 525 17.58 -14.37 45.87
C GLY A 525 17.29 -15.84 45.67
N GLY A 526 16.67 -16.49 46.65
CA GLY A 526 16.35 -17.91 46.59
C GLY A 526 15.29 -18.32 45.57
N SER A 527 14.22 -17.54 45.44
CA SER A 527 13.09 -17.82 44.56
C SER A 527 13.39 -17.61 43.09
N TRP A 528 14.12 -16.52 42.75
CA TRP A 528 14.48 -16.22 41.37
C TRP A 528 15.39 -17.32 40.78
N VAL A 529 16.35 -17.88 41.57
CA VAL A 529 17.25 -18.96 41.15
C VAL A 529 16.48 -20.06 40.40
N VAL A 530 15.42 -20.55 41.02
CA VAL A 530 14.64 -21.71 40.63
C VAL A 530 13.66 -21.50 39.45
N VAL A 531 13.57 -20.25 38.95
CA VAL A 531 12.57 -19.89 37.94
C VAL A 531 13.09 -19.01 36.80
N ASP A 532 14.38 -18.70 36.80
CA ASP A 532 14.99 -17.86 35.77
C ASP A 532 14.91 -18.51 34.38
N PRO A 533 14.58 -17.74 33.31
CA PRO A 533 14.49 -18.34 31.96
C PRO A 533 15.76 -19.01 31.42
N THR A 534 16.95 -18.76 31.99
CA THR A 534 18.17 -19.43 31.51
C THR A 534 18.23 -20.91 31.91
N ILE A 535 17.28 -21.36 32.78
CA ILE A 535 17.15 -22.77 33.14
C ILE A 535 16.79 -23.57 31.88
N ASN A 536 15.97 -22.99 31.00
CA ASN A 536 15.52 -23.56 29.73
C ASN A 536 15.18 -22.39 28.77
N ALA A 537 16.20 -21.80 28.14
CA ALA A 537 16.04 -20.65 27.24
C ALA A 537 15.22 -20.94 25.98
N ASP A 538 15.19 -22.18 25.52
CA ASP A 538 14.41 -22.63 24.36
C ASP A 538 12.92 -22.49 24.65
N GLN A 539 12.48 -22.64 25.93
CA GLN A 539 11.06 -22.49 26.26
C GLN A 539 10.70 -21.33 27.16
N MET A 540 11.62 -20.88 28.02
CA MET A 540 11.28 -19.88 29.02
C MET A 540 11.40 -18.46 28.61
N GLU A 541 10.58 -17.61 29.25
CA GLU A 541 10.53 -16.16 29.03
C GLU A 541 10.07 -15.49 30.30
N MET A 542 10.71 -14.38 30.70
CA MET A 542 10.29 -13.69 31.92
C MET A 542 9.84 -12.25 31.69
N TYR A 543 8.78 -11.87 32.41
CA TYR A 543 8.19 -10.55 32.41
C TYR A 543 7.97 -10.09 33.84
N ALA A 544 8.05 -8.78 34.07
CA ALA A 544 7.80 -8.23 35.39
C ALA A 544 6.86 -7.07 35.25
N ASP A 545 5.89 -6.99 36.15
CA ASP A 545 4.94 -5.88 36.14
C ASP A 545 5.70 -4.64 36.56
N VAL A 546 5.21 -3.48 36.15
CA VAL A 546 5.75 -2.17 36.53
C VAL A 546 5.65 -1.96 38.06
N ASN A 547 4.72 -2.69 38.73
CA ASN A 547 4.53 -2.68 40.18
C ASN A 547 5.09 -3.91 40.92
N ALA A 548 5.93 -4.67 40.23
CA ALA A 548 6.63 -5.80 40.81
C ALA A 548 7.95 -5.33 41.45
N ARG A 549 8.59 -6.23 42.22
CA ARG A 549 9.90 -5.98 42.84
C ARG A 549 10.73 -7.22 42.74
N ALA A 550 12.05 -7.04 42.58
CA ALA A 550 13.02 -8.13 42.55
C ALA A 550 14.43 -7.61 42.86
N GLY A 551 15.14 -8.38 43.66
CA GLY A 551 16.51 -8.11 44.07
C GLY A 551 17.02 -9.33 44.83
N VAL A 552 18.34 -9.37 45.13
CA VAL A 552 18.93 -10.51 45.87
C VAL A 552 18.26 -10.64 47.28
N LEU A 553 18.24 -9.54 48.02
CA LEU A 553 17.62 -9.49 49.33
C LEU A 553 16.42 -8.55 49.27
N GLU A 554 15.66 -8.49 50.36
CA GLU A 554 14.54 -7.53 50.50
C GLU A 554 15.21 -6.23 51.01
N PRO A 555 14.62 -5.02 50.85
CA PRO A 555 15.28 -3.79 51.32
C PRO A 555 15.90 -3.85 52.72
N GLU A 556 15.22 -4.49 53.71
CA GLU A 556 15.72 -4.67 55.07
C GLU A 556 17.07 -5.40 55.10
N GLY A 557 17.22 -6.43 54.27
CA GLY A 557 18.44 -7.20 54.11
C GLY A 557 19.56 -6.41 53.46
N THR A 558 19.28 -5.74 52.32
CA THR A 558 20.25 -4.93 51.57
C THR A 558 20.88 -3.84 52.45
N VAL A 559 20.04 -3.10 53.24
CA VAL A 559 20.49 -2.02 54.13
C VAL A 559 21.41 -2.60 55.20
N GLU A 560 21.01 -3.73 55.81
CA GLU A 560 21.77 -4.44 56.84
C GLU A 560 23.22 -4.77 56.39
N ILE A 561 23.40 -5.09 55.10
CA ILE A 561 24.71 -5.40 54.53
C ILE A 561 25.40 -4.17 53.87
N LYS A 562 24.65 -3.35 53.12
CA LYS A 562 25.20 -2.25 52.33
C LYS A 562 24.92 -0.79 52.73
N PHE A 563 24.03 -0.52 53.69
CA PHE A 563 23.75 0.85 54.16
C PHE A 563 23.75 0.85 55.70
N ARG A 564 24.93 0.57 56.27
CA ARG A 564 25.16 0.45 57.71
C ARG A 564 25.30 1.82 58.42
N ARG A 565 25.49 1.84 59.78
CA ARG A 565 25.57 3.08 60.58
C ARG A 565 26.49 4.19 60.04
N GLU A 566 27.73 3.85 59.63
CA GLU A 566 28.69 4.81 59.11
C GLU A 566 28.19 5.53 57.86
N LYS A 567 27.57 4.78 56.91
CA LYS A 567 27.01 5.32 55.67
C LYS A 567 25.82 6.22 56.02
N LEU A 568 24.97 5.75 56.96
CA LEU A 568 23.77 6.41 57.48
C LEU A 568 24.15 7.71 58.18
N LEU A 569 25.25 7.70 58.97
CA LEU A 569 25.75 8.89 59.68
C LEU A 569 26.36 9.88 58.70
N ASP A 570 27.06 9.38 57.65
CA ASP A 570 27.64 10.23 56.60
C ASP A 570 26.53 10.93 55.83
N THR A 571 25.36 10.25 55.72
CA THR A 571 24.14 10.75 55.08
C THR A 571 23.51 11.86 55.96
N MET A 572 23.73 11.81 57.31
CA MET A 572 23.25 12.84 58.25
C MET A 572 23.89 14.21 57.94
N ASN A 573 24.46 14.35 56.74
CA ASN A 573 25.02 15.59 56.21
C ASN A 573 24.10 16.10 55.09
N ARG A 574 22.83 15.66 55.17
CA ARG A 574 21.69 16.14 54.42
C ARG A 574 20.97 17.01 55.48
N LEU A 575 21.44 16.91 56.76
CA LEU A 575 20.90 17.68 57.89
C LEU A 575 21.78 18.86 58.23
N ASP A 576 21.14 20.03 58.32
CA ASP A 576 21.82 21.28 58.64
C ASP A 576 22.29 21.31 60.08
N ASP A 577 21.44 20.86 61.05
CA ASP A 577 21.80 20.84 62.47
C ASP A 577 22.88 19.81 62.81
N LYS A 578 22.90 18.66 62.09
CA LYS A 578 23.88 17.59 62.28
C LYS A 578 25.26 17.94 61.70
N TYR A 579 25.31 18.56 60.49
CA TYR A 579 26.55 18.98 59.80
C TYR A 579 27.38 19.91 60.69
N ARG A 580 26.74 20.97 61.27
CA ARG A 580 27.37 21.94 62.15
C ARG A 580 27.82 21.31 63.47
N GLU A 581 26.95 20.46 64.09
CA GLU A 581 27.25 19.76 65.34
C GLU A 581 28.45 18.79 65.22
N LEU A 582 28.60 18.11 64.06
CA LEU A 582 29.72 17.18 63.79
C LEU A 582 31.03 17.94 63.49
N ARG A 583 30.91 19.15 62.87
CA ARG A 583 32.03 20.03 62.53
C ARG A 583 32.64 20.67 63.79
N SER A 584 31.78 21.14 64.73
CA SER A 584 32.20 21.77 65.99
C SER A 584 32.92 20.77 66.92
N GLN A 585 32.45 19.51 66.97
CA GLN A 585 33.05 18.45 67.80
C GLN A 585 34.06 17.61 66.98
N LEU A 586 34.99 18.29 66.28
CA LEU A 586 36.04 17.69 65.44
C LEU A 586 37.13 18.72 65.14
N ALA A 592 36.48 24.25 73.86
CA ALA A 592 37.57 23.77 73.01
C ALA A 592 38.11 22.40 73.43
N PRO A 593 37.98 22.04 74.72
CA PRO A 593 38.43 20.75 75.29
C PRO A 593 37.41 20.18 76.29
N GLU A 594 36.91 21.04 77.22
CA GLU A 594 35.93 20.66 78.23
C GLU A 594 34.51 20.74 77.64
N VAL A 595 34.27 21.75 76.77
CA VAL A 595 33.00 21.98 76.09
C VAL A 595 32.66 20.89 75.05
N HIS A 596 33.69 20.12 74.60
CA HIS A 596 33.59 19.02 73.63
C HIS A 596 32.72 17.86 74.11
N GLN A 597 32.56 17.71 75.45
CA GLN A 597 31.72 16.68 76.07
C GLN A 597 30.23 16.97 75.83
N GLN A 598 29.84 18.27 75.90
CA GLN A 598 28.46 18.75 75.68
C GLN A 598 28.05 18.64 74.20
N ILE A 599 29.01 18.91 73.28
CA ILE A 599 28.81 18.81 71.83
C ILE A 599 28.68 17.33 71.41
N SER A 600 29.42 16.41 72.07
CA SER A 600 29.40 14.96 71.82
C SER A 600 28.06 14.36 72.25
N LYS A 601 27.44 14.93 73.31
CA LYS A 601 26.13 14.51 73.81
C LYS A 601 25.03 15.01 72.87
N GLN A 602 25.24 16.22 72.30
CA GLN A 602 24.34 16.89 71.36
C GLN A 602 24.29 16.19 70.00
N LEU A 603 25.41 15.57 69.55
CA LEU A 603 25.50 14.83 68.29
C LEU A 603 24.76 13.51 68.43
N ALA A 604 24.90 12.85 69.60
CA ALA A 604 24.22 11.60 69.92
C ALA A 604 22.71 11.83 70.12
N ASP A 605 22.31 13.07 70.43
CA ASP A 605 20.91 13.48 70.63
C ASP A 605 20.20 13.61 69.27
N ARG A 606 20.87 14.24 68.26
CA ARG A 606 20.37 14.41 66.89
C ARG A 606 20.35 13.04 66.17
N GLU A 607 21.47 12.26 66.26
CA GLU A 607 21.59 10.93 65.66
C GLU A 607 20.45 10.00 66.12
N ARG A 608 20.06 10.08 67.42
CA ARG A 608 18.98 9.28 68.00
C ARG A 608 17.59 9.68 67.46
N GLU A 609 17.37 10.99 67.31
CA GLU A 609 16.12 11.58 66.83
C GLU A 609 15.94 11.40 65.33
N LEU A 610 17.06 11.41 64.56
CA LEU A 610 17.08 11.26 63.09
C LEU A 610 17.05 9.82 62.56
N LEU A 611 17.68 8.90 63.30
CA LEU A 611 17.81 7.49 62.96
C LEU A 611 16.53 6.81 62.39
N PRO A 612 15.32 6.98 62.96
CA PRO A 612 14.16 6.29 62.38
C PRO A 612 13.81 6.67 60.93
N ILE A 613 13.92 7.97 60.56
CA ILE A 613 13.63 8.45 59.20
C ILE A 613 14.77 8.19 58.21
N TYR A 614 16.03 8.19 58.70
CA TYR A 614 17.20 7.90 57.87
C TYR A 614 17.26 6.40 57.56
N GLY A 615 16.67 5.59 58.43
CA GLY A 615 16.49 4.16 58.24
C GLY A 615 15.47 3.93 57.14
N GLN A 616 14.42 4.76 57.11
CA GLN A 616 13.37 4.74 56.09
C GLN A 616 13.91 5.20 54.72
N ILE A 617 14.82 6.21 54.73
CA ILE A 617 15.47 6.76 53.53
C ILE A 617 16.30 5.65 52.87
N SER A 618 17.13 4.94 53.67
CA SER A 618 18.00 3.86 53.18
C SER A 618 17.15 2.73 52.60
N LEU A 619 16.02 2.38 53.29
CA LEU A 619 15.06 1.37 52.83
C LEU A 619 14.51 1.77 51.45
N GLN A 620 14.16 3.07 51.27
CA GLN A 620 13.65 3.61 50.01
C GLN A 620 14.73 3.59 48.92
N PHE A 621 15.97 3.99 49.28
CA PHE A 621 17.13 3.98 48.39
C PHE A 621 17.36 2.53 47.85
N ALA A 622 17.34 1.52 48.75
CA ALA A 622 17.50 0.11 48.43
C ALA A 622 16.38 -0.38 47.51
N ASP A 623 15.11 0.00 47.81
CA ASP A 623 13.92 -0.36 47.03
C ASP A 623 13.96 0.23 45.62
N LEU A 624 14.64 1.38 45.45
CA LEU A 624 14.73 2.03 44.13
C LEU A 624 15.54 1.25 43.11
N HIS A 625 16.30 0.25 43.57
CA HIS A 625 17.11 -0.64 42.72
C HIS A 625 16.26 -1.81 42.26
N ASP A 626 15.26 -2.23 43.08
CA ASP A 626 14.38 -3.40 42.94
C ASP A 626 13.24 -3.28 41.90
N ARG A 627 13.35 -2.31 41.00
CA ARG A 627 12.33 -1.99 40.00
C ARG A 627 12.46 -2.73 38.68
N SER A 628 11.32 -2.92 37.98
CA SER A 628 11.30 -3.59 36.66
C SER A 628 12.16 -2.86 35.60
N SER A 629 12.38 -1.54 35.76
CA SER A 629 13.21 -0.72 34.89
C SER A 629 14.66 -1.17 34.94
N ARG A 630 15.17 -1.59 36.13
CA ARG A 630 16.53 -2.13 36.33
C ARG A 630 16.60 -3.49 35.67
N MET A 631 15.51 -4.28 35.78
CA MET A 631 15.40 -5.61 35.22
C MET A 631 15.52 -5.53 33.70
N VAL A 632 14.82 -4.57 33.07
CA VAL A 632 14.89 -4.29 31.64
C VAL A 632 16.33 -3.85 31.26
N ALA A 633 16.87 -2.84 31.98
CA ALA A 633 18.19 -2.27 31.78
C ALA A 633 19.28 -3.32 31.78
N LYS A 634 19.20 -4.28 32.72
CA LYS A 634 20.19 -5.34 32.89
C LYS A 634 19.89 -6.57 32.02
N GLY A 635 18.83 -6.51 31.22
CA GLY A 635 18.42 -7.57 30.30
C GLY A 635 18.03 -8.89 30.92
N VAL A 636 17.42 -8.86 32.11
CA VAL A 636 17.02 -10.11 32.79
C VAL A 636 15.55 -10.50 32.54
N ILE A 637 14.76 -9.56 31.94
CA ILE A 637 13.34 -9.77 31.61
C ILE A 637 13.13 -9.38 30.16
N SER A 638 12.16 -10.03 29.46
CA SER A 638 11.85 -9.75 28.06
C SER A 638 11.19 -8.39 27.90
N LYS A 639 10.35 -7.98 28.87
CA LYS A 639 9.60 -6.72 28.87
C LYS A 639 9.05 -6.42 30.25
N GLU A 640 8.82 -5.13 30.55
CA GLU A 640 8.08 -4.74 31.76
C GLU A 640 6.65 -4.53 31.32
N LEU A 641 5.66 -5.04 32.09
CA LEU A 641 4.27 -4.98 31.65
C LEU A 641 3.35 -4.23 32.58
N GLU A 642 2.16 -3.89 32.06
CA GLU A 642 1.09 -3.27 32.81
C GLU A 642 -0.01 -4.31 32.95
N TRP A 643 -0.28 -4.73 34.20
CA TRP A 643 -1.28 -5.73 34.55
C TRP A 643 -2.59 -5.67 33.76
N THR A 644 -3.23 -4.51 33.68
CA THR A 644 -4.51 -4.34 32.97
C THR A 644 -4.40 -4.70 31.51
N GLU A 645 -3.22 -4.55 30.94
CA GLU A 645 -2.96 -4.87 29.54
C GLU A 645 -2.34 -6.24 29.29
N ALA A 646 -2.08 -7.02 30.37
CA ALA A 646 -1.45 -8.33 30.32
C ALA A 646 -2.17 -9.42 29.54
N ARG A 647 -3.49 -9.48 29.64
CA ARG A 647 -4.31 -10.47 28.93
C ARG A 647 -4.11 -10.33 27.42
N ARG A 648 -4.23 -9.10 26.90
CA ARG A 648 -4.03 -8.75 25.49
C ARG A 648 -2.62 -9.10 25.05
N PHE A 649 -1.60 -8.78 25.88
CA PHE A 649 -0.21 -9.03 25.58
C PHE A 649 0.08 -10.52 25.51
N PHE A 650 -0.26 -11.26 26.60
CA PHE A 650 -0.03 -12.68 26.70
C PHE A 650 -0.74 -13.50 25.68
N PHE A 651 -2.01 -13.14 25.34
CA PHE A 651 -2.77 -13.87 24.32
C PHE A 651 -1.95 -13.92 23.01
N TRP A 652 -1.53 -12.77 22.49
CA TRP A 652 -0.78 -12.72 21.25
C TRP A 652 0.59 -13.27 21.35
N ARG A 653 1.23 -13.10 22.51
CA ARG A 653 2.58 -13.65 22.70
C ARG A 653 2.53 -15.17 22.66
N LEU A 654 1.60 -15.77 23.45
CA LEU A 654 1.41 -17.20 23.50
C LEU A 654 1.06 -17.75 22.13
N ARG A 655 0.05 -17.12 21.47
CA ARG A 655 -0.39 -17.45 20.10
C ARG A 655 0.78 -17.39 19.09
N ARG A 656 1.60 -16.33 19.12
CA ARG A 656 2.80 -16.20 18.28
C ARG A 656 3.78 -17.36 18.54
N ARG A 657 4.04 -17.65 19.85
CA ARG A 657 4.96 -18.69 20.35
C ARG A 657 4.57 -20.09 19.90
N LEU A 658 3.26 -20.45 20.02
CA LEU A 658 2.75 -21.74 19.55
C LEU A 658 2.96 -21.94 18.04
N ASN A 659 2.78 -20.87 17.23
CA ASN A 659 2.97 -20.94 15.78
C ASN A 659 4.42 -21.17 15.40
N GLU A 660 5.35 -20.39 16.01
CA GLU A 660 6.77 -20.53 15.75
C GLU A 660 7.28 -21.90 16.18
N GLU A 661 6.79 -22.40 17.35
CA GLU A 661 7.07 -23.73 17.89
C GLU A 661 6.68 -24.78 16.86
N TYR A 662 5.45 -24.68 16.26
CA TYR A 662 4.97 -25.61 15.22
C TYR A 662 5.97 -25.65 14.06
N LEU A 663 6.42 -24.47 13.56
CA LEU A 663 7.41 -24.37 12.48
C LEU A 663 8.77 -24.90 12.87
N ILE A 664 9.17 -24.74 14.16
CA ILE A 664 10.45 -25.30 14.64
C ILE A 664 10.35 -26.84 14.57
N LYS A 665 9.23 -27.47 15.06
CA LYS A 665 9.02 -28.92 14.99
C LYS A 665 9.10 -29.46 13.55
N ARG A 666 8.48 -28.79 12.59
CA ARG A 666 8.52 -29.20 11.18
C ARG A 666 9.94 -29.12 10.61
N LEU A 667 10.68 -28.07 10.95
CA LEU A 667 12.03 -27.87 10.45
C LEU A 667 12.96 -28.94 10.97
N SER A 668 12.62 -29.53 12.11
CA SER A 668 13.40 -30.59 12.73
C SER A 668 13.25 -31.93 12.00
N HIS A 669 12.04 -32.26 11.50
CA HIS A 669 11.81 -33.51 10.78
C HIS A 669 12.62 -33.57 9.49
N GLN A 670 12.72 -32.42 8.81
CA GLN A 670 13.52 -32.20 7.60
C GLN A 670 14.93 -31.83 8.12
N VAL A 671 15.99 -31.90 7.27
CA VAL A 671 17.41 -31.65 7.63
C VAL A 671 17.87 -32.44 8.89
N GLY A 672 17.27 -32.12 10.04
CA GLY A 672 17.48 -32.75 11.33
C GLY A 672 18.43 -32.02 12.25
N GLU A 673 19.75 -32.13 11.93
CA GLU A 673 20.86 -31.58 12.71
C GLU A 673 21.20 -30.08 12.57
N ALA A 674 20.45 -29.25 13.31
CA ALA A 674 20.63 -27.81 13.44
C ALA A 674 20.19 -27.40 14.83
N SER A 675 20.82 -26.36 15.41
CA SER A 675 20.44 -25.88 16.74
C SER A 675 19.12 -25.11 16.64
N ARG A 676 18.42 -24.93 17.78
CA ARG A 676 17.15 -24.22 17.79
C ARG A 676 17.31 -22.74 17.35
N LEU A 677 18.45 -22.09 17.71
CA LEU A 677 18.74 -20.72 17.30
C LEU A 677 18.86 -20.61 15.77
N GLU A 678 19.38 -21.67 15.12
CA GLU A 678 19.54 -21.75 13.66
C GLU A 678 18.20 -21.93 12.99
N LYS A 679 17.34 -22.81 13.57
CA LYS A 679 16.02 -23.15 13.06
C LYS A 679 15.07 -21.93 13.10
N ILE A 680 15.00 -21.27 14.25
CA ILE A 680 14.17 -20.09 14.44
C ILE A 680 14.58 -18.95 13.54
N ALA A 681 15.88 -18.70 13.42
CA ALA A 681 16.44 -17.64 12.55
C ALA A 681 16.13 -17.95 11.08
N ARG A 682 16.11 -19.27 10.73
CA ARG A 682 15.76 -19.71 9.38
C ARG A 682 14.29 -19.42 9.10
N ILE A 683 13.37 -19.87 10.00
CA ILE A 683 11.91 -19.65 9.91
C ILE A 683 11.66 -18.14 9.77
N ARG A 684 12.35 -17.32 10.60
CA ARG A 684 12.24 -15.85 10.57
C ARG A 684 12.73 -15.19 9.29
N SER A 685 13.66 -15.86 8.58
CA SER A 685 14.17 -15.36 7.31
C SER A 685 13.10 -15.51 6.23
N TRP A 686 12.03 -16.29 6.52
CA TRP A 686 10.90 -16.54 5.60
C TRP A 686 9.81 -15.48 5.66
N TYR A 687 9.73 -14.74 6.78
CA TYR A 687 8.73 -13.70 6.98
C TYR A 687 8.94 -12.56 5.96
N PRO A 688 7.86 -11.92 5.45
CA PRO A 688 8.07 -10.78 4.55
C PRO A 688 8.98 -9.75 5.24
N ALA A 689 9.82 -9.08 4.45
CA ALA A 689 10.78 -8.07 4.90
C ALA A 689 10.10 -7.01 5.78
N SER A 690 8.82 -6.68 5.48
CA SER A 690 8.02 -5.71 6.21
C SER A 690 7.52 -6.16 7.56
N VAL A 691 7.48 -7.49 7.81
CA VAL A 691 7.00 -8.02 9.08
C VAL A 691 8.02 -7.71 10.23
N ASP A 692 7.53 -7.03 11.30
CA ASP A 692 8.30 -6.75 12.49
C ASP A 692 8.31 -8.02 13.31
N HIS A 693 9.50 -8.65 13.48
CA HIS A 693 9.66 -9.90 14.24
C HIS A 693 9.23 -9.74 15.69
N GLU A 694 9.25 -8.50 16.19
CA GLU A 694 8.85 -8.25 17.57
C GLU A 694 7.34 -8.10 17.74
N ASP A 695 6.58 -8.07 16.61
CA ASP A 695 5.14 -7.95 16.68
C ASP A 695 4.48 -9.33 16.65
N ASP A 696 4.07 -9.79 17.83
CA ASP A 696 3.43 -11.07 18.06
C ASP A 696 2.19 -11.29 17.21
N ARG A 697 1.29 -10.30 17.20
CA ARG A 697 0.05 -10.38 16.44
C ARG A 697 0.29 -10.46 14.94
N GLN A 698 1.20 -9.65 14.42
CA GLN A 698 1.56 -9.62 13.01
C GLN A 698 2.20 -10.96 12.62
N VAL A 699 3.15 -11.45 13.44
CA VAL A 699 3.84 -12.72 13.20
C VAL A 699 2.84 -13.91 13.21
N ALA A 700 1.97 -14.02 14.24
CA ALA A 700 0.95 -15.10 14.29
C ALA A 700 0.01 -14.99 13.06
N THR A 701 -0.55 -13.79 12.81
CA THR A 701 -1.40 -13.55 11.64
C THR A 701 -0.70 -13.95 10.30
N TRP A 702 0.55 -13.62 10.12
CA TRP A 702 1.20 -14.00 8.88
C TRP A 702 1.37 -15.53 8.71
N ILE A 703 1.81 -16.23 9.78
CA ILE A 703 1.95 -17.70 9.79
C ILE A 703 0.59 -18.37 9.50
N GLU A 704 -0.47 -18.04 10.28
CA GLU A 704 -1.79 -18.62 10.04
C GLU A 704 -2.32 -18.34 8.62
N GLU A 705 -1.94 -17.19 8.02
CA GLU A 705 -2.33 -16.89 6.65
C GLU A 705 -1.52 -17.69 5.61
N ASN A 706 -0.38 -18.32 6.02
CA ASN A 706 0.53 -18.99 5.09
C ASN A 706 0.97 -20.38 5.48
N TYR A 707 0.20 -21.08 6.36
CA TYR A 707 0.56 -22.45 6.79
C TYR A 707 0.83 -23.38 5.57
N LYS A 708 -0.08 -23.35 4.55
CA LYS A 708 0.04 -24.19 3.36
C LYS A 708 1.22 -23.76 2.48
N THR A 709 1.52 -22.45 2.43
CA THR A 709 2.64 -21.88 1.70
C THR A 709 3.94 -22.27 2.37
N LEU A 710 4.00 -22.19 3.71
CA LEU A 710 5.18 -22.60 4.50
C LEU A 710 5.40 -24.12 4.41
N ASP A 711 4.30 -24.89 4.26
CA ASP A 711 4.36 -26.33 4.08
C ASP A 711 5.13 -26.61 2.78
N ASP A 712 4.71 -25.95 1.66
CA ASP A 712 5.36 -26.05 0.35
C ASP A 712 6.82 -25.71 0.45
N LYS A 713 7.16 -24.71 1.30
CA LYS A 713 8.56 -24.34 1.47
C LYS A 713 9.32 -25.49 2.15
N LEU A 714 8.73 -26.09 3.20
CA LEU A 714 9.33 -27.21 3.95
C LEU A 714 9.48 -28.47 3.07
N LYS A 715 8.44 -28.83 2.29
CA LYS A 715 8.48 -29.96 1.34
C LYS A 715 9.55 -29.78 0.28
N GLY A 716 9.86 -28.53 -0.08
CA GLY A 716 10.91 -28.20 -1.04
C GLY A 716 12.30 -28.40 -0.47
N LEU A 717 12.45 -28.11 0.81
CA LEU A 717 13.68 -28.26 1.56
C LEU A 717 14.03 -29.77 1.76
N LYS A 718 13.14 -30.69 1.30
CA LYS A 718 13.34 -32.14 1.31
C LYS A 718 14.15 -32.51 0.06
N LEU A 719 15.33 -31.90 -0.01
CA LEU A 719 16.39 -32.06 -0.99
C LEU A 719 17.56 -32.17 -0.03
N GLU A 720 17.53 -33.25 0.78
CA GLU A 720 18.49 -33.53 1.83
C GLU A 720 19.40 -34.75 1.68
N SER A 721 20.63 -34.47 1.20
CA SER A 721 21.73 -35.42 1.07
C SER A 721 22.66 -35.10 2.25
N PHE A 722 22.11 -35.29 3.46
CA PHE A 722 22.80 -35.01 4.72
C PHE A 722 23.27 -36.29 5.41
N ALA A 723 24.61 -36.52 5.32
CA ALA A 723 25.37 -37.66 5.85
C ALA A 723 26.54 -37.17 6.70
N LEU B 8 -6.90 -31.89 3.55
CA LEU B 8 -6.45 -30.74 4.34
C LEU B 8 -5.16 -30.07 3.82
N ARG B 9 -4.01 -30.24 4.57
CA ARG B 9 -2.63 -29.74 4.37
C ARG B 9 -2.30 -28.28 4.77
N PRO B 10 -1.41 -28.05 5.77
CA PRO B 10 -0.74 -29.03 6.64
C PRO B 10 -1.60 -29.49 7.82
N ILE B 11 -1.42 -30.71 8.24
CA ILE B 11 -2.17 -31.21 9.37
C ILE B 11 -1.46 -30.84 10.71
N ALA B 12 -2.21 -30.85 11.85
CA ALA B 12 -1.74 -30.53 13.20
C ALA B 12 -1.14 -29.11 13.41
N THR B 13 -1.74 -28.07 12.82
CA THR B 13 -1.30 -26.68 13.04
C THR B 13 -1.99 -26.16 14.33
N PRO B 14 -1.41 -25.15 15.08
CA PRO B 14 -2.05 -24.70 16.34
C PRO B 14 -3.41 -24.02 16.16
N TYR B 15 -3.57 -23.26 15.10
CA TYR B 15 -4.80 -22.55 14.72
C TYR B 15 -5.29 -23.00 13.34
N PRO B 16 -6.54 -22.70 12.93
CA PRO B 16 -7.02 -23.13 11.60
C PRO B 16 -6.18 -22.68 10.40
N VAL B 17 -6.03 -23.62 9.41
CA VAL B 17 -5.35 -23.36 8.13
C VAL B 17 -6.26 -22.45 7.26
N LYS B 18 -5.98 -21.15 7.25
CA LYS B 18 -6.75 -20.14 6.51
C LYS B 18 -6.79 -20.41 4.98
N GLU B 19 -5.72 -21.03 4.43
CA GLU B 19 -5.60 -21.35 3.00
C GLU B 19 -6.45 -22.58 2.60
N TRP B 20 -6.99 -23.30 3.59
CA TRP B 20 -7.85 -24.45 3.41
C TRP B 20 -9.32 -24.03 3.60
N LEU B 21 -9.60 -23.19 4.62
CA LEU B 21 -10.92 -22.62 4.90
C LEU B 21 -11.39 -21.84 3.66
N GLN B 22 -10.46 -21.09 3.06
CA GLN B 22 -10.72 -20.37 1.82
C GLN B 22 -9.58 -20.68 0.82
N PRO B 23 -9.75 -21.74 -0.02
CA PRO B 23 -8.68 -22.09 -1.01
C PRO B 23 -8.26 -20.97 -1.95
N LYS B 24 -9.09 -19.94 -2.12
CA LYS B 24 -8.78 -18.78 -2.95
C LYS B 24 -7.61 -18.01 -2.31
N ARG B 25 -7.44 -18.11 -0.94
CA ARG B 25 -6.32 -17.45 -0.24
C ARG B 25 -5.03 -18.06 -0.74
N TYR B 26 -5.01 -19.38 -0.88
CA TYR B 26 -3.85 -20.16 -1.38
C TYR B 26 -3.53 -19.84 -2.87
N LYS B 27 -4.59 -19.66 -3.70
CA LYS B 27 -4.44 -19.29 -5.12
C LYS B 27 -3.74 -17.92 -5.26
N ALA B 28 -4.15 -16.89 -4.50
CA ALA B 28 -3.46 -15.59 -4.59
C ALA B 28 -1.99 -15.68 -4.20
N HIS B 29 -1.70 -16.43 -3.13
CA HIS B 29 -0.36 -16.62 -2.63
C HIS B 29 0.44 -17.31 -3.67
N LEU B 30 -0.10 -18.39 -4.29
CA LEU B 30 0.55 -19.15 -5.38
C LEU B 30 0.89 -18.17 -6.54
N MET B 31 0.10 -17.08 -6.70
CA MET B 31 0.32 -16.04 -7.71
C MET B 31 1.16 -14.86 -7.24
N GLY B 32 1.78 -15.00 -6.07
CA GLY B 32 2.68 -14.01 -5.48
C GLY B 32 2.06 -12.72 -5.00
N THR B 33 0.78 -12.76 -4.58
CA THR B 33 0.11 -11.57 -4.06
C THR B 33 -0.71 -11.92 -2.82
N THR B 34 -1.17 -10.90 -2.09
CA THR B 34 -2.01 -10.99 -0.91
C THR B 34 -3.45 -11.25 -1.38
N TYR B 35 -4.14 -12.16 -0.70
CA TYR B 35 -5.56 -12.40 -0.98
C TYR B 35 -6.32 -11.08 -0.65
N VAL B 36 -7.22 -10.61 -1.55
CA VAL B 36 -7.98 -9.35 -1.34
C VAL B 36 -8.51 -9.17 0.06
N TYR B 37 -9.27 -10.15 0.57
CA TYR B 37 -9.87 -10.05 1.90
C TYR B 37 -8.89 -9.85 3.07
N ASP B 38 -7.58 -10.07 2.81
CA ASP B 38 -6.50 -9.90 3.75
C ASP B 38 -5.86 -8.49 3.69
N PHE B 39 -6.18 -7.71 2.65
CA PHE B 39 -5.68 -6.33 2.54
C PHE B 39 -6.16 -5.42 3.70
N PRO B 40 -7.45 -5.42 4.13
CA PRO B 40 -7.83 -4.62 5.33
C PRO B 40 -6.92 -4.87 6.55
N GLU B 41 -6.52 -6.14 6.81
CA GLU B 41 -5.59 -6.46 7.90
C GLU B 41 -4.22 -5.77 7.71
N LEU B 42 -3.71 -5.68 6.46
CA LEU B 42 -2.44 -4.99 6.18
C LEU B 42 -2.59 -3.49 6.50
N PHE B 43 -3.75 -2.88 6.18
CA PHE B 43 -4.05 -1.49 6.51
C PHE B 43 -4.11 -1.30 8.04
N ARG B 44 -4.66 -2.29 8.78
CA ARG B 44 -4.71 -2.25 10.24
C ARG B 44 -3.27 -2.29 10.81
N GLN B 45 -2.43 -3.27 10.36
CA GLN B 45 -1.03 -3.39 10.75
C GLN B 45 -0.25 -2.07 10.45
N ALA B 46 -0.35 -1.53 9.23
CA ALA B 46 0.30 -0.27 8.81
C ALA B 46 -0.14 0.92 9.67
N SER B 47 -1.46 1.02 9.97
CA SER B 47 -2.05 2.07 10.78
C SER B 47 -1.56 2.01 12.22
N SER B 48 -1.39 0.79 12.76
CA SER B 48 -0.89 0.57 14.10
C SER B 48 0.58 0.96 14.19
N SER B 49 1.37 0.71 13.10
CA SER B 49 2.79 1.06 13.04
C SER B 49 2.94 2.57 13.07
N GLN B 50 2.04 3.30 12.38
CA GLN B 50 2.00 4.76 12.34
C GLN B 50 1.96 5.29 13.76
N TRP B 51 1.12 4.68 14.61
CA TRP B 51 0.98 5.08 16.01
C TRP B 51 2.24 4.81 16.79
N LYS B 52 2.85 3.63 16.61
CA LYS B 52 4.10 3.24 17.28
C LYS B 52 5.25 4.19 16.93
N ASN B 53 5.35 4.59 15.67
CA ASN B 53 6.38 5.51 15.22
C ASN B 53 6.12 6.94 15.69
N PHE B 54 4.87 7.29 15.97
CA PHE B 54 4.49 8.62 16.44
C PHE B 54 4.69 8.75 17.96
N SER B 55 4.02 7.91 18.74
CA SER B 55 4.12 7.89 20.20
C SER B 55 4.09 6.43 20.55
N ALA B 56 5.25 5.89 20.90
CA ALA B 56 5.36 4.47 21.22
C ALA B 56 4.52 4.05 22.45
N ASP B 57 4.20 5.01 23.33
CA ASP B 57 3.45 4.79 24.56
C ASP B 57 1.92 4.79 24.38
N VAL B 58 1.47 5.00 23.16
CA VAL B 58 0.04 4.99 22.84
C VAL B 58 -0.55 3.57 22.94
N LYS B 59 -1.71 3.48 23.61
CA LYS B 59 -2.43 2.22 23.80
C LYS B 59 -3.55 2.15 22.77
N LEU B 60 -3.41 1.25 21.77
CA LEU B 60 -4.45 1.14 20.76
C LEU B 60 -5.38 0.00 21.08
N THR B 61 -6.64 0.12 20.68
CA THR B 61 -7.61 -0.96 20.82
C THR B 61 -8.20 -1.16 19.44
N ASP B 62 -8.76 -2.34 19.16
CA ASP B 62 -9.28 -2.68 17.82
C ASP B 62 -10.32 -1.72 17.21
N ASP B 63 -10.98 -0.91 18.06
CA ASP B 63 -11.97 0.08 17.63
C ASP B 63 -11.32 1.29 16.94
N PHE B 64 -9.98 1.38 16.96
CA PHE B 64 -9.22 2.44 16.30
C PHE B 64 -9.31 2.27 14.76
N PHE B 65 -9.56 1.01 14.30
CA PHE B 65 -9.64 0.66 12.89
C PHE B 65 -10.88 -0.19 12.61
N ILE B 66 -11.67 0.20 11.60
CA ILE B 66 -12.87 -0.52 11.14
C ILE B 66 -12.81 -0.62 9.62
N SER B 67 -13.07 -1.83 9.10
CA SER B 67 -13.15 -2.06 7.68
C SER B 67 -14.47 -2.73 7.42
N ASN B 68 -15.28 -2.16 6.52
CA ASN B 68 -16.58 -2.71 6.13
C ASN B 68 -16.60 -2.90 4.64
N GLU B 69 -16.87 -4.12 4.19
CA GLU B 69 -16.97 -4.38 2.75
C GLU B 69 -18.18 -3.65 2.17
N LEU B 70 -18.00 -3.06 1.00
CA LEU B 70 -19.08 -2.41 0.27
C LEU B 70 -19.47 -3.32 -0.85
N ILE B 71 -20.75 -3.59 -0.97
CA ILE B 71 -21.33 -4.38 -2.06
C ILE B 71 -22.56 -3.65 -2.55
N GLU B 72 -22.98 -3.93 -3.77
CA GLU B 72 -24.18 -3.34 -4.31
C GLU B 72 -25.42 -4.07 -3.85
N ASP B 73 -26.45 -3.32 -3.45
CA ASP B 73 -27.73 -3.89 -3.08
C ASP B 73 -28.52 -4.29 -4.35
N GLU B 74 -29.79 -4.72 -4.18
CA GLU B 74 -30.72 -5.15 -5.25
C GLU B 74 -30.93 -4.06 -6.34
N ASN B 75 -30.87 -2.78 -5.95
CA ASN B 75 -31.03 -1.59 -6.78
C ASN B 75 -29.69 -0.97 -7.21
N GLY B 76 -28.60 -1.75 -7.05
CA GLY B 76 -27.25 -1.34 -7.44
C GLY B 76 -26.63 -0.23 -6.62
N GLU B 77 -27.19 0.03 -5.42
CA GLU B 77 -26.63 1.04 -4.51
C GLU B 77 -25.65 0.40 -3.53
N LEU B 78 -24.49 1.08 -3.32
CA LEU B 78 -23.47 0.57 -2.41
C LEU B 78 -23.94 0.54 -0.97
N THR B 79 -23.72 -0.58 -0.28
CA THR B 79 -24.07 -0.77 1.12
C THR B 79 -23.00 -1.58 1.84
N GLU B 80 -22.88 -1.39 3.16
CA GLU B 80 -21.91 -2.10 3.97
C GLU B 80 -22.39 -3.49 4.33
N VAL B 81 -21.46 -4.48 4.30
CA VAL B 81 -21.74 -5.88 4.66
C VAL B 81 -20.65 -6.46 5.50
N GLU B 82 -21.01 -7.53 6.22
CA GLU B 82 -20.10 -8.36 7.00
C GLU B 82 -20.42 -9.75 6.52
N ARG B 83 -19.55 -10.32 5.69
CA ARG B 83 -19.79 -11.65 5.13
C ARG B 83 -18.50 -12.48 5.17
N GLU B 84 -18.58 -13.75 4.82
CA GLU B 84 -17.38 -14.57 4.81
C GLU B 84 -16.52 -14.19 3.61
N PRO B 85 -15.17 -14.12 3.75
CA PRO B 85 -14.33 -13.77 2.59
C PRO B 85 -14.51 -14.81 1.48
N GLY B 86 -14.41 -14.37 0.23
CA GLY B 86 -14.51 -15.26 -0.92
C GLY B 86 -15.91 -15.48 -1.47
N ALA B 87 -16.92 -14.76 -0.94
CA ALA B 87 -18.31 -14.87 -1.36
C ALA B 87 -18.64 -13.86 -2.48
N ASN B 88 -17.65 -13.07 -2.91
CA ASN B 88 -17.83 -12.09 -3.97
C ASN B 88 -18.24 -12.77 -5.29
N ALA B 89 -19.38 -12.33 -5.83
CA ALA B 89 -19.94 -12.84 -7.08
C ALA B 89 -19.31 -12.12 -8.31
N ILE B 90 -18.58 -11.00 -8.09
CA ILE B 90 -17.83 -10.27 -9.14
C ILE B 90 -16.36 -10.25 -8.74
N GLY B 91 -15.47 -9.93 -9.69
CA GLY B 91 -14.02 -9.92 -9.46
C GLY B 91 -13.40 -8.62 -9.01
N MET B 92 -14.22 -7.74 -8.42
CA MET B 92 -13.82 -6.42 -7.92
C MET B 92 -14.44 -6.30 -6.55
N VAL B 93 -13.65 -5.87 -5.56
CA VAL B 93 -14.13 -5.75 -4.16
C VAL B 93 -13.78 -4.40 -3.58
N ALA B 94 -14.54 -3.93 -2.60
CA ALA B 94 -14.26 -2.64 -1.96
C ALA B 94 -14.54 -2.68 -0.51
N PHE B 95 -13.86 -1.79 0.23
CA PHE B 95 -13.97 -1.63 1.68
C PHE B 95 -14.03 -0.16 2.05
N LYS B 96 -14.85 0.20 3.03
CA LYS B 96 -14.85 1.57 3.59
C LYS B 96 -14.04 1.42 4.86
N ILE B 97 -12.93 2.17 4.94
CA ILE B 97 -12.04 2.15 6.10
C ILE B 97 -12.18 3.41 6.94
N THR B 98 -12.33 3.23 8.28
CA THR B 98 -12.43 4.31 9.24
C THR B 98 -11.34 4.06 10.23
N VAL B 99 -10.29 4.91 10.19
CA VAL B 99 -9.12 4.80 11.07
C VAL B 99 -8.89 6.07 11.86
N LYS B 100 -8.53 5.90 13.15
CA LYS B 100 -8.08 6.97 14.05
C LYS B 100 -6.55 7.02 13.83
N THR B 101 -6.02 8.09 13.27
CA THR B 101 -4.58 8.19 13.02
C THR B 101 -3.93 9.32 13.84
N PRO B 102 -2.58 9.43 13.98
CA PRO B 102 -2.02 10.58 14.72
C PRO B 102 -2.53 11.94 14.23
N GLU B 103 -2.77 12.11 12.93
CA GLU B 103 -3.29 13.40 12.43
C GLU B 103 -4.82 13.57 12.51
N TYR B 104 -5.57 12.45 12.65
CA TYR B 104 -7.03 12.40 12.81
C TYR B 104 -7.37 11.45 13.95
N PRO B 105 -6.98 11.78 15.21
CA PRO B 105 -7.21 10.83 16.32
C PRO B 105 -8.66 10.45 16.60
N ARG B 106 -9.62 11.24 16.08
CA ARG B 106 -11.05 10.97 16.22
C ARG B 106 -11.55 10.15 15.01
N GLY B 107 -10.70 10.01 13.98
CA GLY B 107 -10.99 9.20 12.80
C GLY B 107 -10.99 9.89 11.46
N ARG B 108 -10.55 9.18 10.42
CA ARG B 108 -10.56 9.60 9.00
C ARG B 108 -11.05 8.42 8.17
N GLN B 109 -11.65 8.69 7.02
CA GLN B 109 -12.17 7.63 6.17
C GLN B 109 -11.60 7.64 4.75
N PHE B 110 -11.65 6.47 4.11
CA PHE B 110 -11.24 6.23 2.73
C PHE B 110 -11.80 4.95 2.21
N VAL B 111 -11.81 4.81 0.88
CA VAL B 111 -12.30 3.58 0.25
C VAL B 111 -11.13 2.83 -0.39
N VAL B 112 -11.15 1.52 -0.29
CA VAL B 112 -10.17 0.67 -0.94
C VAL B 112 -10.90 -0.18 -2.00
N VAL B 113 -10.59 -0.03 -3.31
CA VAL B 113 -11.12 -0.84 -4.42
C VAL B 113 -10.00 -1.80 -4.76
N ALA B 114 -10.33 -3.04 -5.09
CA ALA B 114 -9.29 -3.97 -5.44
C ALA B 114 -9.80 -5.03 -6.37
N ASN B 115 -8.94 -5.48 -7.27
CA ASN B 115 -9.24 -6.61 -8.16
C ASN B 115 -9.10 -7.88 -7.33
N ASP B 116 -9.91 -8.91 -7.63
CA ASP B 116 -9.72 -10.22 -7.00
C ASP B 116 -9.00 -11.08 -8.05
N ILE B 117 -7.68 -11.25 -7.93
CA ILE B 117 -6.86 -12.04 -8.87
C ILE B 117 -7.34 -13.50 -8.97
N THR B 118 -8.02 -14.01 -7.92
CA THR B 118 -8.52 -15.39 -7.93
C THR B 118 -9.80 -15.52 -8.75
N PHE B 119 -10.48 -14.37 -9.03
CA PHE B 119 -11.73 -14.36 -9.78
C PHE B 119 -11.44 -14.12 -11.24
N LYS B 120 -11.61 -15.14 -12.08
CA LYS B 120 -11.38 -15.07 -13.53
C LYS B 120 -10.11 -14.25 -13.85
N ILE B 121 -8.98 -14.65 -13.23
CA ILE B 121 -7.63 -14.07 -13.35
C ILE B 121 -7.54 -12.56 -13.11
N GLY B 122 -8.51 -12.01 -12.39
CA GLY B 122 -8.58 -10.59 -12.06
C GLY B 122 -8.94 -9.73 -13.25
N SER B 123 -9.56 -10.33 -14.29
CA SER B 123 -9.98 -9.65 -15.51
C SER B 123 -11.11 -8.67 -15.25
N PHE B 124 -11.22 -7.63 -16.09
CA PHE B 124 -12.28 -6.62 -15.98
C PHE B 124 -13.41 -6.96 -16.97
N GLY B 125 -14.54 -7.37 -16.43
CA GLY B 125 -15.75 -7.62 -17.19
C GLY B 125 -16.67 -6.42 -16.97
N PRO B 126 -17.85 -6.37 -17.64
CA PRO B 126 -18.74 -5.21 -17.44
C PRO B 126 -19.18 -4.95 -15.99
N GLN B 127 -19.38 -6.03 -15.21
CA GLN B 127 -19.79 -5.92 -13.80
C GLN B 127 -18.72 -5.37 -12.87
N GLU B 128 -17.43 -5.69 -13.11
CA GLU B 128 -16.31 -5.21 -12.30
C GLU B 128 -16.11 -3.74 -12.60
N ASP B 129 -16.27 -3.36 -13.88
CA ASP B 129 -16.13 -1.99 -14.38
C ASP B 129 -17.26 -1.14 -13.81
N GLU B 130 -18.51 -1.63 -13.85
CA GLU B 130 -19.58 -0.84 -13.27
C GLU B 130 -19.44 -0.64 -11.77
N PHE B 131 -18.96 -1.66 -11.04
CA PHE B 131 -18.71 -1.61 -9.60
C PHE B 131 -17.55 -0.63 -9.27
N PHE B 132 -16.44 -0.70 -10.03
CA PHE B 132 -15.28 0.19 -9.83
C PHE B 132 -15.72 1.62 -9.98
N ASN B 133 -16.55 1.90 -10.99
CA ASN B 133 -17.09 3.22 -11.25
C ASN B 133 -17.99 3.66 -10.09
N LYS B 134 -18.90 2.77 -9.67
CA LYS B 134 -19.82 3.04 -8.56
C LYS B 134 -19.05 3.44 -7.26
N VAL B 135 -17.96 2.70 -6.94
CA VAL B 135 -17.08 2.96 -5.79
C VAL B 135 -16.34 4.30 -5.91
N THR B 136 -15.84 4.61 -7.12
CA THR B 136 -15.16 5.88 -7.42
C THR B 136 -16.09 7.03 -7.17
N GLU B 137 -17.33 6.96 -7.69
CA GLU B 137 -18.36 7.98 -7.49
C GLU B 137 -18.75 8.13 -6.02
N TYR B 138 -18.81 7.01 -5.29
CA TYR B 138 -19.08 6.94 -3.85
C TYR B 138 -18.03 7.77 -3.10
N ALA B 139 -16.73 7.57 -3.42
CA ALA B 139 -15.61 8.28 -2.80
C ALA B 139 -15.68 9.78 -3.10
N ARG B 140 -15.90 10.12 -4.37
CA ARG B 140 -15.99 11.47 -4.89
C ARG B 140 -17.11 12.26 -4.27
N LYS B 141 -18.32 11.67 -4.19
CA LYS B 141 -19.48 12.33 -3.56
C LYS B 141 -19.13 12.70 -2.10
N ARG B 142 -18.43 11.83 -1.38
CA ARG B 142 -18.05 12.06 0.01
C ARG B 142 -16.76 12.87 0.18
N GLY B 143 -16.01 13.07 -0.88
CA GLY B 143 -14.74 13.79 -0.83
C GLY B 143 -13.59 13.01 -0.21
N ILE B 144 -13.78 11.70 0.06
CA ILE B 144 -12.78 10.83 0.73
C ILE B 144 -11.81 10.18 -0.23
N PRO B 145 -10.55 9.90 0.18
CA PRO B 145 -9.59 9.27 -0.76
C PRO B 145 -10.03 7.95 -1.37
N ARG B 146 -9.57 7.68 -2.61
CA ARG B 146 -9.84 6.39 -3.27
C ARG B 146 -8.53 5.69 -3.53
N ILE B 147 -8.27 4.56 -2.83
CA ILE B 147 -7.06 3.72 -2.95
C ILE B 147 -7.46 2.53 -3.83
N TYR B 148 -6.66 2.28 -4.86
CA TYR B 148 -6.91 1.16 -5.77
C TYR B 148 -5.76 0.17 -5.68
N LEU B 149 -6.09 -1.12 -5.49
CA LEU B 149 -5.09 -2.18 -5.42
C LEU B 149 -5.21 -2.99 -6.72
N ALA B 150 -4.22 -2.79 -7.59
CA ALA B 150 -4.22 -3.39 -8.91
C ALA B 150 -3.54 -4.73 -8.97
N ALA B 151 -4.32 -5.77 -9.29
CA ALA B 151 -3.88 -7.16 -9.43
C ALA B 151 -4.82 -7.75 -10.50
N ASN B 152 -4.47 -7.56 -11.78
CA ASN B 152 -5.37 -7.95 -12.87
C ASN B 152 -4.73 -8.46 -14.16
N SER B 153 -5.58 -8.90 -15.09
CA SER B 153 -5.22 -9.38 -16.41
C SER B 153 -5.84 -8.53 -17.54
N GLY B 154 -6.27 -7.31 -17.20
CA GLY B 154 -6.91 -6.41 -18.15
C GLY B 154 -8.34 -6.81 -18.45
N ALA B 155 -8.90 -6.29 -19.58
CA ALA B 155 -10.25 -6.58 -20.05
C ALA B 155 -10.44 -8.09 -20.27
N ARG B 156 -11.63 -8.58 -19.89
CA ARG B 156 -12.03 -9.97 -20.01
C ARG B 156 -12.20 -10.31 -21.50
N ILE B 157 -11.70 -11.50 -21.90
CA ILE B 157 -11.81 -11.98 -23.28
C ILE B 157 -12.60 -13.28 -23.29
N GLY B 158 -13.35 -13.52 -24.36
CA GLY B 158 -14.16 -14.72 -24.49
C GLY B 158 -14.64 -14.95 -25.90
N MET B 159 -15.33 -16.09 -26.08
CA MET B 159 -15.94 -16.52 -27.33
C MET B 159 -17.26 -17.17 -27.00
N ALA B 160 -18.15 -17.26 -28.00
CA ALA B 160 -19.46 -17.87 -27.85
C ALA B 160 -19.25 -19.38 -27.85
N GLU B 161 -18.96 -19.92 -26.64
CA GLU B 161 -18.67 -21.33 -26.38
C GLU B 161 -19.78 -22.29 -26.78
N GLU B 162 -21.03 -21.79 -26.89
CA GLU B 162 -22.17 -22.59 -27.34
C GLU B 162 -22.16 -22.85 -28.87
N ILE B 163 -21.53 -21.95 -29.65
CA ILE B 163 -21.45 -22.07 -31.11
C ILE B 163 -20.28 -23.01 -31.52
N VAL B 164 -19.31 -23.23 -30.60
CA VAL B 164 -18.15 -24.10 -30.82
C VAL B 164 -18.59 -25.54 -31.22
N PRO B 165 -19.47 -26.25 -30.44
CA PRO B 165 -19.88 -27.59 -30.86
C PRO B 165 -20.89 -27.65 -32.02
N LEU B 166 -21.50 -26.52 -32.39
CA LEU B 166 -22.54 -26.49 -33.41
C LEU B 166 -22.09 -26.14 -34.84
N PHE B 167 -21.20 -25.12 -34.99
CA PHE B 167 -20.76 -24.63 -36.30
C PHE B 167 -20.29 -25.68 -37.27
N GLN B 168 -20.56 -25.45 -38.55
CA GLN B 168 -20.19 -26.30 -39.66
C GLN B 168 -19.34 -25.50 -40.63
N VAL B 169 -18.55 -26.19 -41.46
CA VAL B 169 -17.66 -25.57 -42.42
C VAL B 169 -18.09 -25.91 -43.87
N ALA B 170 -18.15 -24.87 -44.72
CA ALA B 170 -18.50 -24.99 -46.14
C ALA B 170 -17.20 -25.07 -46.96
N TRP B 171 -16.67 -26.30 -47.09
CA TRP B 171 -15.44 -26.64 -47.82
C TRP B 171 -15.58 -26.39 -49.30
N ASN B 172 -14.47 -25.99 -49.94
CA ASN B 172 -14.42 -25.78 -51.39
C ASN B 172 -14.56 -27.16 -52.06
N ASP B 173 -13.87 -28.16 -51.47
CA ASP B 173 -13.87 -29.57 -51.84
C ASP B 173 -13.89 -30.33 -50.52
N ALA B 174 -14.99 -31.04 -50.23
CA ALA B 174 -15.17 -31.80 -49.00
C ALA B 174 -14.04 -32.80 -48.73
N ALA B 175 -13.68 -33.63 -49.76
CA ALA B 175 -12.62 -34.64 -49.72
C ALA B 175 -11.23 -34.04 -49.43
N ASN B 176 -11.00 -32.77 -49.83
CA ASN B 176 -9.74 -32.03 -49.63
C ASN B 176 -9.94 -30.76 -48.76
N PRO B 177 -9.99 -30.91 -47.41
CA PRO B 177 -10.19 -29.75 -46.54
C PRO B 177 -9.08 -28.70 -46.60
N ASP B 178 -7.83 -29.17 -46.81
CA ASP B 178 -6.61 -28.34 -46.94
C ASP B 178 -6.74 -27.23 -47.99
N LYS B 179 -7.56 -27.46 -49.05
CA LYS B 179 -7.82 -26.54 -50.17
C LYS B 179 -8.63 -25.28 -49.81
N GLY B 180 -9.21 -25.24 -48.61
CA GLY B 180 -9.96 -24.10 -48.12
C GLY B 180 -11.44 -24.29 -47.88
N PHE B 181 -12.05 -23.21 -47.34
CA PHE B 181 -13.47 -23.10 -46.99
C PHE B 181 -14.03 -21.75 -47.41
N GLN B 182 -15.34 -21.69 -47.69
CA GLN B 182 -16.08 -20.50 -48.14
C GLN B 182 -16.70 -19.66 -46.99
N TYR B 183 -17.34 -20.32 -46.02
CA TYR B 183 -18.00 -19.69 -44.87
C TYR B 183 -18.25 -20.71 -43.75
N LEU B 184 -18.73 -20.22 -42.59
CA LEU B 184 -19.14 -21.04 -41.46
C LEU B 184 -20.67 -21.01 -41.41
N TYR B 185 -21.31 -22.14 -41.04
CA TYR B 185 -22.77 -22.22 -41.01
C TYR B 185 -23.32 -23.12 -39.91
N LEU B 186 -24.65 -23.03 -39.70
CA LEU B 186 -25.41 -23.85 -38.76
C LEU B 186 -26.42 -24.69 -39.54
N THR B 187 -26.76 -25.86 -39.01
CA THR B 187 -27.78 -26.74 -39.61
C THR B 187 -29.10 -26.46 -38.89
N SER B 188 -30.23 -27.05 -39.36
CA SER B 188 -31.53 -26.89 -38.69
C SER B 188 -31.44 -27.41 -37.24
N GLU B 189 -30.68 -28.52 -37.05
CA GLU B 189 -30.40 -29.21 -35.79
C GLU B 189 -29.60 -28.30 -34.86
N GLY B 190 -28.65 -27.57 -35.45
CA GLY B 190 -27.82 -26.59 -34.74
C GLY B 190 -28.67 -25.41 -34.31
N MET B 191 -29.52 -24.90 -35.24
CA MET B 191 -30.45 -23.79 -35.01
C MET B 191 -31.44 -24.13 -33.90
N GLU B 192 -31.98 -25.38 -33.93
CA GLU B 192 -32.93 -25.89 -32.94
C GLU B 192 -32.31 -26.00 -31.54
N THR B 193 -31.03 -26.46 -31.46
CA THR B 193 -30.27 -26.56 -30.20
C THR B 193 -30.29 -25.19 -29.50
N LEU B 194 -30.07 -24.10 -30.27
CA LEU B 194 -30.11 -22.74 -29.73
C LEU B 194 -31.52 -22.33 -29.33
N LYS B 195 -32.53 -22.56 -30.21
CA LYS B 195 -33.96 -22.27 -29.93
C LYS B 195 -34.38 -22.92 -28.59
N LYS B 196 -33.95 -24.19 -28.37
CA LYS B 196 -34.20 -25.01 -27.19
C LYS B 196 -33.59 -24.41 -25.91
N PHE B 197 -32.32 -23.97 -25.96
CA PHE B 197 -31.63 -23.38 -24.81
C PHE B 197 -31.82 -21.85 -24.69
N ASP B 198 -32.76 -21.28 -25.50
CA ASP B 198 -33.10 -19.86 -25.60
C ASP B 198 -31.85 -18.97 -25.85
N LYS B 199 -31.04 -19.40 -26.83
CA LYS B 199 -29.82 -18.77 -27.26
C LYS B 199 -29.94 -18.49 -28.77
N GLU B 200 -31.15 -18.10 -29.21
CA GLU B 200 -31.46 -17.84 -30.62
C GLU B 200 -30.68 -16.65 -31.15
N ASN B 201 -30.51 -15.64 -30.31
CA ASN B 201 -29.77 -14.41 -30.61
C ASN B 201 -28.24 -14.52 -30.40
N SER B 202 -27.71 -15.76 -30.22
CA SER B 202 -26.27 -16.02 -30.05
C SER B 202 -25.54 -15.85 -31.39
N VAL B 203 -26.25 -16.04 -32.51
CA VAL B 203 -25.73 -15.87 -33.86
C VAL B 203 -26.67 -15.00 -34.71
N LEU B 204 -26.13 -14.39 -35.76
CA LEU B 204 -26.85 -13.64 -36.75
C LEU B 204 -26.66 -14.45 -38.02
N THR B 205 -27.74 -15.12 -38.48
CA THR B 205 -27.66 -16.01 -39.63
C THR B 205 -28.45 -15.51 -40.83
N GLU B 206 -28.15 -16.08 -41.99
CA GLU B 206 -28.80 -15.79 -43.27
C GLU B 206 -28.97 -17.14 -43.95
N ARG B 207 -30.23 -17.60 -44.10
CA ARG B 207 -30.50 -18.89 -44.72
C ARG B 207 -30.23 -18.94 -46.22
N THR B 208 -29.74 -20.10 -46.66
CA THR B 208 -29.43 -20.47 -48.05
C THR B 208 -29.69 -21.99 -48.18
N VAL B 209 -29.94 -22.46 -49.40
CA VAL B 209 -30.15 -23.89 -49.60
C VAL B 209 -29.14 -24.45 -50.60
N ILE B 210 -28.28 -25.36 -50.12
CA ILE B 210 -27.23 -25.99 -50.94
C ILE B 210 -27.51 -27.47 -51.22
N ASN B 211 -27.92 -27.75 -52.48
CA ASN B 211 -28.29 -29.08 -52.97
C ASN B 211 -29.31 -29.74 -52.03
N GLY B 212 -30.41 -29.02 -51.78
CA GLY B 212 -31.49 -29.45 -50.89
C GLY B 212 -31.23 -29.24 -49.41
N GLU B 213 -29.94 -29.29 -48.98
CA GLU B 213 -29.53 -29.12 -47.58
C GLU B 213 -29.59 -27.65 -47.19
N GLU B 214 -30.37 -27.35 -46.14
CA GLU B 214 -30.59 -26.02 -45.58
C GLU B 214 -29.38 -25.66 -44.72
N ARG B 215 -28.69 -24.57 -45.10
CA ARG B 215 -27.51 -24.04 -44.39
C ARG B 215 -27.83 -22.64 -43.88
N PHE B 216 -27.53 -22.36 -42.60
CA PHE B 216 -27.75 -21.07 -41.94
C PHE B 216 -26.39 -20.40 -41.74
N VAL B 217 -25.96 -19.63 -42.77
CA VAL B 217 -24.65 -18.96 -42.82
C VAL B 217 -24.48 -17.96 -41.71
N ILE B 218 -23.49 -18.20 -40.84
CA ILE B 218 -23.15 -17.33 -39.71
C ILE B 218 -22.55 -16.05 -40.27
N LYS B 219 -23.18 -14.93 -39.98
CA LYS B 219 -22.79 -13.61 -40.47
C LYS B 219 -22.13 -12.80 -39.34
N THR B 220 -22.50 -13.08 -38.08
CA THR B 220 -21.91 -12.51 -36.87
C THR B 220 -22.17 -13.50 -35.71
N ILE B 221 -21.17 -13.72 -34.85
CA ILE B 221 -21.31 -14.52 -33.64
C ILE B 221 -21.42 -13.46 -32.50
N ILE B 222 -22.52 -13.48 -31.72
CA ILE B 222 -22.75 -12.58 -30.61
C ILE B 222 -22.42 -13.21 -29.26
N GLY B 223 -22.96 -14.39 -29.00
CA GLY B 223 -22.76 -15.11 -27.75
C GLY B 223 -23.80 -14.78 -26.71
N SER B 224 -24.18 -15.80 -25.90
CA SER B 224 -25.17 -15.66 -24.82
C SER B 224 -24.54 -15.08 -23.55
N GLU B 225 -23.26 -15.40 -23.31
CA GLU B 225 -22.50 -14.93 -22.17
C GLU B 225 -22.07 -13.46 -22.38
N ASP B 226 -22.09 -12.66 -21.29
CA ASP B 226 -21.68 -11.27 -21.30
C ASP B 226 -20.24 -11.17 -20.86
N GLY B 227 -19.49 -10.25 -21.46
CA GLY B 227 -18.11 -10.03 -21.08
C GLY B 227 -17.12 -10.74 -21.95
N LEU B 228 -17.42 -10.83 -23.25
CA LEU B 228 -16.62 -11.51 -24.29
C LEU B 228 -15.65 -10.55 -25.03
N GLY B 229 -16.10 -9.31 -25.29
CA GLY B 229 -15.32 -8.37 -26.06
C GLY B 229 -15.64 -6.90 -25.86
N VAL B 230 -16.22 -6.25 -26.88
CA VAL B 230 -16.47 -4.79 -26.88
C VAL B 230 -17.17 -4.22 -25.66
N GLU B 231 -18.10 -5.00 -25.05
CA GLU B 231 -18.79 -4.62 -23.82
C GLU B 231 -17.81 -4.40 -22.68
N CYS B 232 -16.65 -5.12 -22.71
CA CYS B 232 -15.57 -5.00 -21.72
C CYS B 232 -14.76 -3.74 -21.99
N LEU B 233 -14.58 -3.41 -23.29
CA LEU B 233 -13.87 -2.22 -23.74
C LEU B 233 -14.65 -0.95 -23.40
N ARG B 234 -15.99 -0.97 -23.52
CA ARG B 234 -16.85 0.15 -23.12
C ARG B 234 -16.66 0.41 -21.61
N GLY B 235 -16.71 -0.65 -20.80
CA GLY B 235 -16.49 -0.55 -19.36
C GLY B 235 -15.12 -0.01 -18.98
N SER B 236 -14.09 -0.36 -19.77
CA SER B 236 -12.72 0.09 -19.60
C SER B 236 -12.65 1.60 -19.77
N GLY B 237 -13.28 2.09 -20.84
CA GLY B 237 -13.39 3.52 -21.15
C GLY B 237 -14.09 4.26 -20.02
N LEU B 238 -15.20 3.67 -19.53
CA LEU B 238 -15.95 4.25 -18.42
C LEU B 238 -15.07 4.47 -17.19
N ILE B 239 -14.33 3.42 -16.76
CA ILE B 239 -13.45 3.53 -15.59
C ILE B 239 -12.22 4.39 -15.78
N ALA B 240 -11.70 4.49 -17.03
CA ALA B 240 -10.57 5.37 -17.38
C ALA B 240 -10.99 6.84 -17.19
N GLY B 241 -12.18 7.20 -17.70
CA GLY B 241 -12.73 8.54 -17.58
C GLY B 241 -13.08 8.88 -16.14
N ALA B 242 -13.63 7.88 -15.39
CA ALA B 242 -13.98 8.02 -13.97
C ALA B 242 -12.76 8.38 -13.16
N THR B 243 -11.58 7.73 -13.45
CA THR B 243 -10.32 7.90 -12.73
C THR B 243 -9.67 9.22 -13.08
N SER B 244 -9.71 9.59 -14.35
CA SER B 244 -9.24 10.87 -14.83
C SER B 244 -9.90 12.04 -14.00
N ARG B 245 -11.22 11.94 -13.75
CA ARG B 245 -12.04 12.90 -13.00
C ARG B 245 -11.77 12.83 -11.50
N ALA B 246 -11.63 11.60 -10.97
CA ALA B 246 -11.36 11.37 -9.56
C ALA B 246 -10.06 12.07 -9.15
N TYR B 247 -8.99 11.97 -10.01
CA TYR B 247 -7.71 12.62 -9.74
C TYR B 247 -7.81 14.12 -9.42
N HIS B 248 -8.76 14.84 -10.03
CA HIS B 248 -8.98 16.27 -9.87
C HIS B 248 -9.88 16.63 -8.70
N ASP B 249 -10.48 15.63 -8.10
CA ASP B 249 -11.53 15.74 -7.10
C ASP B 249 -11.17 15.19 -5.74
N ILE B 250 -10.49 14.04 -5.73
CA ILE B 250 -10.15 13.36 -4.49
C ILE B 250 -8.73 12.86 -4.52
N PHE B 251 -8.23 12.46 -3.34
CA PHE B 251 -6.90 11.90 -3.28
C PHE B 251 -6.98 10.48 -3.89
N THR B 252 -6.26 10.24 -5.00
CA THR B 252 -6.20 8.94 -5.66
C THR B 252 -4.79 8.37 -5.55
N ILE B 253 -4.67 7.08 -5.21
CA ILE B 253 -3.39 6.36 -5.13
C ILE B 253 -3.66 4.92 -5.54
N THR B 254 -2.65 4.28 -6.13
CA THR B 254 -2.73 2.89 -6.61
C THR B 254 -1.54 2.10 -6.11
N LEU B 255 -1.78 0.87 -5.63
CA LEU B 255 -0.70 -0.04 -5.28
C LEU B 255 -0.73 -1.17 -6.32
N VAL B 256 0.37 -1.35 -7.10
CA VAL B 256 0.45 -2.43 -8.10
C VAL B 256 0.97 -3.65 -7.39
N THR B 257 0.05 -4.53 -7.06
CA THR B 257 0.30 -5.69 -6.21
C THR B 257 0.56 -7.01 -6.88
N CYS B 258 0.23 -7.21 -8.17
CA CYS B 258 0.49 -8.51 -8.81
C CYS B 258 0.89 -8.39 -10.25
N ARG B 259 0.18 -7.56 -11.00
CA ARG B 259 0.39 -7.22 -12.41
C ARG B 259 -0.83 -6.47 -12.76
N SER B 260 -0.64 -5.35 -13.43
CA SER B 260 -1.72 -4.52 -13.93
C SER B 260 -1.52 -4.50 -15.44
N VAL B 261 -2.49 -5.06 -16.17
CA VAL B 261 -2.47 -5.19 -17.65
C VAL B 261 -3.53 -4.31 -18.33
N GLY B 262 -3.20 -3.78 -19.51
CA GLY B 262 -4.11 -2.99 -20.37
C GLY B 262 -4.82 -1.87 -19.64
N ILE B 263 -6.15 -2.01 -19.46
CA ILE B 263 -6.92 -1.02 -18.67
C ILE B 263 -6.27 -0.87 -17.25
N GLY B 264 -5.82 -1.97 -16.67
CA GLY B 264 -5.13 -1.98 -15.38
C GLY B 264 -3.96 -1.02 -15.35
N ALA B 265 -3.09 -1.02 -16.41
CA ALA B 265 -1.93 -0.12 -16.53
C ALA B 265 -2.39 1.33 -16.66
N TYR B 266 -3.45 1.58 -17.46
CA TYR B 266 -4.01 2.92 -17.63
C TYR B 266 -4.57 3.49 -16.36
N LEU B 267 -5.23 2.63 -15.57
CA LEU B 267 -5.79 3.00 -14.27
C LEU B 267 -4.70 3.44 -13.32
N VAL B 268 -3.53 2.77 -13.40
CA VAL B 268 -2.37 3.11 -12.59
C VAL B 268 -1.97 4.56 -12.88
N ARG B 269 -1.80 4.88 -14.18
CA ARG B 269 -1.41 6.21 -14.61
C ARG B 269 -2.48 7.29 -14.37
N LEU B 270 -3.75 7.00 -14.70
CA LEU B 270 -4.80 7.99 -14.56
C LEU B 270 -5.02 8.50 -13.12
N GLY B 271 -4.80 7.62 -12.13
CA GLY B 271 -4.87 7.95 -10.70
C GLY B 271 -3.61 8.66 -10.26
N GLN B 272 -2.57 8.73 -11.15
CA GLN B 272 -1.28 9.41 -11.00
C GLN B 272 -0.37 8.82 -9.92
N ARG B 273 -0.76 8.98 -8.63
CA ARG B 273 0.03 8.49 -7.50
C ARG B 273 0.10 6.92 -7.53
N ALA B 274 1.28 6.36 -7.71
CA ALA B 274 1.45 4.90 -7.82
C ALA B 274 2.65 4.38 -7.08
N ILE B 275 2.45 3.28 -6.38
CA ILE B 275 3.49 2.54 -5.65
C ILE B 275 3.50 1.16 -6.30
N GLN B 276 4.66 0.76 -6.81
CA GLN B 276 4.81 -0.52 -7.50
C GLN B 276 5.60 -1.52 -6.65
N VAL B 277 5.03 -2.68 -6.40
CA VAL B 277 5.74 -3.72 -5.63
C VAL B 277 6.78 -4.40 -6.58
N GLU B 278 8.02 -4.54 -6.11
CA GLU B 278 9.11 -5.15 -6.87
C GLU B 278 8.72 -6.48 -7.47
N GLY B 279 8.96 -6.63 -8.77
CA GLY B 279 8.65 -7.86 -9.49
C GLY B 279 7.23 -8.00 -10.00
N GLN B 280 6.39 -6.93 -9.85
CA GLN B 280 4.99 -6.91 -10.32
C GLN B 280 4.88 -5.94 -11.49
N PRO B 281 4.68 -6.43 -12.74
CA PRO B 281 4.70 -5.51 -13.90
C PRO B 281 3.44 -4.73 -14.25
N ILE B 282 3.63 -3.49 -14.75
CA ILE B 282 2.62 -2.62 -15.31
C ILE B 282 2.84 -2.75 -16.84
N ILE B 283 2.04 -3.60 -17.51
CA ILE B 283 2.20 -3.82 -18.95
C ILE B 283 0.99 -3.46 -19.80
N LEU B 284 1.23 -3.19 -21.09
CA LEU B 284 0.17 -2.96 -22.06
C LEU B 284 -0.04 -4.24 -22.85
N THR B 285 1.05 -4.78 -23.41
CA THR B 285 1.06 -6.01 -24.20
C THR B 285 2.08 -6.94 -23.52
N GLY B 286 1.75 -8.21 -23.44
CA GLY B 286 2.65 -9.20 -22.84
C GLY B 286 3.79 -9.53 -23.77
N ALA B 287 4.92 -9.97 -23.21
CA ALA B 287 6.12 -10.31 -23.97
C ALA B 287 5.86 -11.35 -25.05
N SER B 288 5.11 -12.42 -24.78
CA SER B 288 4.86 -13.42 -25.82
C SER B 288 3.96 -12.91 -26.95
N ALA B 289 3.00 -12.03 -26.64
CA ALA B 289 2.15 -11.40 -27.66
C ALA B 289 3.02 -10.52 -28.56
N LEU B 290 3.92 -9.71 -27.97
CA LEU B 290 4.85 -8.85 -28.71
C LEU B 290 5.76 -9.66 -29.62
N ASN B 291 6.33 -10.79 -29.12
CA ASN B 291 7.18 -11.67 -29.91
C ASN B 291 6.48 -12.18 -31.17
N LYS B 292 5.18 -12.56 -31.11
CA LYS B 292 4.41 -13.02 -32.28
C LYS B 292 4.28 -11.88 -33.29
N VAL B 293 3.96 -10.67 -32.83
CA VAL B 293 3.83 -9.52 -33.72
C VAL B 293 5.16 -9.12 -34.40
N LEU B 294 6.30 -9.30 -33.70
CA LEU B 294 7.63 -8.99 -34.23
C LEU B 294 8.28 -10.15 -35.03
N GLY B 295 7.76 -11.37 -34.84
CA GLY B 295 8.27 -12.58 -35.47
C GLY B 295 9.27 -13.27 -34.58
N ARG B 296 10.38 -12.58 -34.32
CA ARG B 296 11.51 -12.99 -33.48
C ARG B 296 11.11 -13.13 -31.98
N GLU B 297 11.89 -13.93 -31.21
CA GLU B 297 11.68 -14.10 -29.75
C GLU B 297 12.54 -13.07 -28.99
N VAL B 298 12.15 -11.78 -29.15
CA VAL B 298 12.75 -10.56 -28.62
C VAL B 298 12.78 -10.46 -27.06
N TYR B 299 11.62 -10.62 -26.40
CA TYR B 299 11.54 -10.49 -24.94
C TYR B 299 11.39 -11.83 -24.22
N THR B 300 11.96 -11.95 -23.02
CA THR B 300 11.89 -13.18 -22.20
C THR B 300 10.93 -13.08 -21.01
N SER B 301 10.67 -11.84 -20.53
CA SER B 301 9.72 -11.64 -19.42
C SER B 301 8.93 -10.34 -19.56
N ASN B 302 7.77 -10.27 -18.86
CA ASN B 302 6.96 -9.07 -18.80
C ASN B 302 7.65 -8.01 -17.96
N LEU B 303 8.63 -8.41 -17.13
CA LEU B 303 9.37 -7.48 -16.29
C LEU B 303 10.28 -6.59 -17.09
N GLN B 304 10.71 -7.05 -18.27
CA GLN B 304 11.52 -6.27 -19.21
C GLN B 304 10.72 -5.08 -19.69
N LEU B 305 9.39 -5.27 -19.86
CA LEU B 305 8.44 -4.28 -20.37
C LEU B 305 7.89 -3.32 -19.29
N GLY B 306 7.48 -3.86 -18.14
CA GLY B 306 6.86 -3.06 -17.10
C GLY B 306 7.30 -3.24 -15.67
N GLY B 307 8.52 -3.73 -15.46
CA GLY B 307 9.08 -3.85 -14.12
C GLY B 307 9.42 -2.49 -13.53
N THR B 308 9.86 -2.45 -12.24
CA THR B 308 10.22 -1.21 -11.56
C THR B 308 11.35 -0.46 -12.29
N GLN B 309 12.27 -1.20 -12.91
CA GLN B 309 13.41 -0.66 -13.64
C GLN B 309 12.98 0.12 -14.90
N ILE B 310 11.68 0.01 -15.24
CA ILE B 310 11.07 0.74 -16.34
C ILE B 310 10.23 1.84 -15.71
N MET B 311 9.18 1.45 -14.93
CA MET B 311 8.19 2.35 -14.34
C MET B 311 8.63 3.33 -13.25
N TYR B 312 9.57 2.92 -12.40
CA TYR B 312 10.09 3.76 -11.32
C TYR B 312 11.10 4.72 -11.91
N ASN B 313 11.90 4.25 -12.87
CA ASN B 313 12.86 5.06 -13.63
C ASN B 313 12.14 6.11 -14.55
N ASN B 314 10.89 5.85 -14.94
CA ASN B 314 9.97 6.63 -15.80
C ASN B 314 9.27 7.76 -15.08
N GLY B 315 8.93 7.53 -13.82
CA GLY B 315 8.07 8.42 -13.08
C GLY B 315 6.62 7.96 -13.14
N VAL B 316 6.35 6.75 -13.72
CA VAL B 316 4.98 6.18 -13.74
C VAL B 316 4.73 5.69 -12.29
N SER B 317 5.76 5.03 -11.69
CA SER B 317 5.76 4.56 -10.30
C SER B 317 6.49 5.60 -9.46
N HIS B 318 5.76 6.18 -8.51
CA HIS B 318 6.28 7.22 -7.64
C HIS B 318 7.20 6.67 -6.66
N LEU B 319 6.91 5.46 -6.20
CA LEU B 319 7.69 4.73 -5.22
C LEU B 319 7.63 3.26 -5.57
N THR B 320 8.57 2.50 -5.05
CA THR B 320 8.62 1.05 -5.16
C THR B 320 8.43 0.49 -3.73
N ALA B 321 8.05 -0.78 -3.62
CA ALA B 321 7.86 -1.44 -2.34
C ALA B 321 8.38 -2.88 -2.42
N VAL B 322 9.05 -3.33 -1.36
CA VAL B 322 9.60 -4.69 -1.30
C VAL B 322 8.52 -5.78 -1.26
N ASP B 323 7.38 -5.48 -0.66
CA ASP B 323 6.24 -6.41 -0.57
C ASP B 323 4.93 -5.61 -0.37
N ASP B 324 3.77 -6.32 -0.36
CA ASP B 324 2.45 -5.68 -0.22
C ASP B 324 2.32 -4.82 1.02
N LEU B 325 2.80 -5.32 2.18
CA LEU B 325 2.73 -4.53 3.41
C LEU B 325 3.52 -3.23 3.31
N ALA B 326 4.75 -3.27 2.75
CA ALA B 326 5.57 -2.06 2.56
C ALA B 326 4.81 -1.06 1.70
N GLY B 327 4.14 -1.55 0.66
CA GLY B 327 3.30 -0.71 -0.19
C GLY B 327 2.16 -0.05 0.59
N VAL B 328 1.45 -0.83 1.39
CA VAL B 328 0.35 -0.34 2.24
C VAL B 328 0.86 0.70 3.26
N GLU B 329 2.06 0.46 3.83
CA GLU B 329 2.72 1.39 4.74
C GLU B 329 3.00 2.72 4.06
N LYS B 330 3.49 2.69 2.79
CA LYS B 330 3.73 3.89 2.00
C LYS B 330 2.43 4.67 1.68
N ILE B 331 1.31 3.98 1.41
CA ILE B 331 0.01 4.62 1.17
C ILE B 331 -0.39 5.43 2.40
N VAL B 332 -0.39 4.76 3.54
CA VAL B 332 -0.75 5.25 4.86
C VAL B 332 0.12 6.45 5.27
N GLU B 333 1.44 6.40 4.96
CA GLU B 333 2.41 7.46 5.22
C GLU B 333 2.13 8.68 4.34
N TRP B 334 1.83 8.44 3.04
CA TRP B 334 1.52 9.47 2.07
C TRP B 334 0.24 10.19 2.51
N MET B 335 -0.81 9.43 2.85
CA MET B 335 -2.12 9.95 3.31
C MET B 335 -2.04 10.83 4.56
N SER B 336 -0.99 10.65 5.39
CA SER B 336 -0.82 11.40 6.62
C SER B 336 -0.57 12.90 6.38
N TYR B 337 -0.26 13.27 5.10
CA TYR B 337 -0.04 14.66 4.73
C TYR B 337 -1.29 15.25 4.11
N VAL B 338 -2.29 14.41 3.84
CA VAL B 338 -3.51 14.75 3.10
C VAL B 338 -4.76 15.03 3.98
N PRO B 339 -5.56 16.10 3.68
CA PRO B 339 -6.82 16.33 4.46
C PRO B 339 -7.69 15.07 4.53
N ALA B 340 -8.47 14.89 5.60
CA ALA B 340 -9.37 13.73 5.77
C ALA B 340 -10.34 13.60 4.61
N LYS B 341 -10.78 14.73 4.06
CA LYS B 341 -11.69 14.81 2.90
C LYS B 341 -11.54 16.12 2.16
N ARG B 342 -11.98 16.15 0.90
CA ARG B 342 -11.92 17.35 0.05
C ARG B 342 -12.35 18.62 0.81
N ASN B 343 -11.53 19.67 0.69
CA ASN B 343 -11.78 20.99 1.28
C ASN B 343 -11.64 21.13 2.77
N MET B 344 -11.22 20.07 3.47
CA MET B 344 -10.97 20.17 4.90
C MET B 344 -9.56 20.79 5.06
N PRO B 345 -9.24 21.45 6.19
CA PRO B 345 -7.89 22.02 6.32
C PRO B 345 -6.81 20.94 6.31
N VAL B 346 -5.58 21.32 5.91
CA VAL B 346 -4.45 20.40 5.83
C VAL B 346 -4.16 19.83 7.23
N PRO B 347 -3.86 18.51 7.38
CA PRO B 347 -3.71 17.96 8.74
C PRO B 347 -2.43 18.35 9.46
N ILE B 348 -2.53 19.22 10.47
CA ILE B 348 -1.39 19.66 11.29
C ILE B 348 -0.96 18.47 12.14
N LEU B 349 0.35 18.27 12.29
CA LEU B 349 0.91 17.24 13.16
C LEU B 349 2.24 17.70 13.75
N GLU B 350 2.19 18.26 14.95
CA GLU B 350 3.41 18.74 15.59
C GLU B 350 4.17 17.58 16.22
N THR B 351 5.50 17.62 16.09
CA THR B 351 6.37 16.60 16.69
C THR B 351 7.36 17.25 17.68
N LYS B 352 8.39 16.53 18.16
CA LYS B 352 9.35 17.14 19.10
C LYS B 352 10.06 18.36 18.48
N ASP B 353 10.17 18.37 17.13
CA ASP B 353 10.76 19.45 16.35
C ASP B 353 9.78 20.58 16.10
N THR B 354 9.68 21.51 17.08
CA THR B 354 8.84 22.70 17.06
C THR B 354 9.42 23.76 16.10
N TRP B 355 8.58 24.73 15.73
CA TRP B 355 8.94 25.81 14.81
C TRP B 355 10.04 26.72 15.33
N ASP B 356 10.11 26.94 16.64
CA ASP B 356 11.01 27.91 17.25
C ASP B 356 12.45 27.51 17.45
N ARG B 357 13.19 27.45 16.33
CA ARG B 357 14.63 27.12 16.34
C ARG B 357 15.27 27.65 15.06
N PRO B 358 16.59 27.92 15.06
CA PRO B 358 17.23 28.30 13.80
C PRO B 358 17.43 27.07 12.90
N VAL B 359 17.83 27.31 11.65
CA VAL B 359 18.14 26.25 10.70
C VAL B 359 19.66 26.07 10.83
N ASP B 360 20.10 24.83 11.11
CA ASP B 360 21.53 24.54 11.30
C ASP B 360 22.26 24.31 9.99
N PHE B 361 21.82 23.33 9.16
CA PHE B 361 22.53 23.06 7.92
C PHE B 361 22.51 24.25 6.99
N THR B 362 23.71 24.78 6.68
CA THR B 362 23.84 25.92 5.77
C THR B 362 24.70 25.55 4.55
N PRO B 363 24.19 25.67 3.29
CA PRO B 363 25.03 25.38 2.13
C PRO B 363 26.15 26.39 1.96
N THR B 364 27.29 25.93 1.40
CA THR B 364 28.47 26.76 1.10
C THR B 364 28.70 26.68 -0.40
N ASN B 365 29.25 27.76 -0.99
CA ASN B 365 29.52 27.82 -2.44
C ASN B 365 30.72 26.94 -2.83
N ASP B 366 31.64 26.73 -1.89
CA ASP B 366 32.84 25.92 -2.10
C ASP B 366 32.67 24.42 -1.78
N GLU B 367 31.58 24.03 -1.08
CA GLU B 367 31.35 22.64 -0.71
C GLU B 367 30.09 22.07 -1.35
N THR B 368 30.18 20.87 -1.92
CA THR B 368 29.04 20.19 -2.52
C THR B 368 28.10 19.68 -1.41
N TYR B 369 26.79 19.79 -1.63
CA TYR B 369 25.77 19.38 -0.67
C TYR B 369 24.66 18.65 -1.33
N ASP B 370 23.90 17.90 -0.53
CA ASP B 370 22.69 17.18 -0.94
C ASP B 370 21.56 18.11 -0.52
N VAL B 371 20.67 18.51 -1.45
CA VAL B 371 19.55 19.41 -1.08
C VAL B 371 18.73 18.87 0.10
N ARG B 372 18.64 17.51 0.24
CA ARG B 372 17.86 16.87 1.29
C ARG B 372 18.31 17.30 2.68
N TRP B 373 19.60 17.67 2.83
CA TRP B 373 20.18 18.18 4.07
C TRP B 373 19.54 19.52 4.42
N MET B 374 19.25 20.36 3.40
CA MET B 374 18.62 21.66 3.62
C MET B 374 17.18 21.49 4.00
N ILE B 375 16.54 20.47 3.41
CA ILE B 375 15.15 20.15 3.62
C ILE B 375 14.90 19.52 5.01
N GLU B 376 15.58 18.42 5.32
CA GLU B 376 15.32 17.64 6.52
C GLU B 376 16.44 17.58 7.56
N GLY B 377 17.59 18.14 7.22
CA GLY B 377 18.75 18.13 8.10
C GLY B 377 19.66 16.96 7.80
N ARG B 378 20.76 16.88 8.58
CA ARG B 378 21.74 15.80 8.44
C ARG B 378 22.45 15.36 9.72
N GLU B 379 22.81 14.08 9.75
CA GLU B 379 23.58 13.53 10.86
C GLU B 379 25.05 13.90 10.62
N THR B 380 25.71 14.38 11.67
CA THR B 380 27.13 14.77 11.69
C THR B 380 27.77 14.00 12.87
N GLU B 381 29.10 13.85 12.89
CA GLU B 381 29.78 13.18 14.01
C GLU B 381 29.54 13.95 15.32
N SER B 382 29.40 15.30 15.23
CA SER B 382 29.15 16.22 16.35
C SER B 382 27.66 16.39 16.74
N GLY B 383 26.74 15.77 15.99
CA GLY B 383 25.31 15.86 16.29
C GLY B 383 24.41 15.95 15.08
N PHE B 384 23.14 16.32 15.27
CA PHE B 384 22.20 16.45 14.16
C PHE B 384 22.03 17.91 13.81
N GLU B 385 22.24 18.23 12.51
CA GLU B 385 22.10 19.59 12.00
C GLU B 385 20.72 19.67 11.45
N TYR B 386 19.83 20.41 12.11
CA TYR B 386 18.45 20.53 11.65
C TYR B 386 18.40 21.36 10.38
N GLY B 387 17.47 21.01 9.49
CA GLY B 387 17.24 21.70 8.24
C GLY B 387 16.03 22.61 8.33
N LEU B 388 15.48 22.99 7.17
CA LEU B 388 14.36 23.92 7.12
C LEU B 388 13.06 23.30 7.68
N PHE B 389 12.84 22.01 7.39
CA PHE B 389 11.61 21.32 7.79
C PHE B 389 11.77 20.43 9.01
N ASP B 390 10.65 19.91 9.53
CA ASP B 390 10.64 19.07 10.72
C ASP B 390 11.48 17.81 10.54
N LYS B 391 12.28 17.47 11.57
CA LYS B 391 13.14 16.27 11.58
C LYS B 391 12.29 15.03 11.29
N GLY B 392 12.70 14.24 10.30
CA GLY B 392 12.01 13.03 9.85
C GLY B 392 10.68 13.23 9.14
N SER B 393 10.39 14.45 8.64
CA SER B 393 9.12 14.70 7.96
C SER B 393 9.16 14.58 6.44
N PHE B 394 10.35 14.50 5.87
CA PHE B 394 10.49 14.43 4.42
C PHE B 394 10.17 13.09 3.81
N PHE B 395 9.05 13.04 3.06
CA PHE B 395 8.59 11.87 2.36
C PHE B 395 8.79 12.15 0.85
N GLU B 396 9.92 11.75 0.29
CA GLU B 396 10.28 11.96 -1.12
C GLU B 396 9.53 11.01 -1.98
N THR B 397 9.00 11.51 -3.12
CA THR B 397 8.29 10.72 -4.14
C THR B 397 8.92 11.02 -5.49
N LEU B 398 8.65 10.17 -6.52
CA LEU B 398 9.22 10.25 -7.88
C LEU B 398 10.75 10.14 -7.79
N SER B 399 11.22 9.43 -6.76
CA SER B 399 12.65 9.32 -6.45
C SER B 399 13.52 8.59 -7.45
N GLY B 400 12.88 7.80 -8.33
CA GLY B 400 13.60 7.03 -9.34
C GLY B 400 13.74 7.70 -10.69
N TRP B 401 13.00 8.78 -10.91
CA TRP B 401 12.93 9.54 -12.15
C TRP B 401 13.45 10.95 -12.00
N ALA B 402 14.08 11.48 -13.09
CA ALA B 402 14.57 12.86 -13.21
C ALA B 402 15.11 13.40 -11.90
N LYS B 403 16.16 12.74 -11.39
CA LYS B 403 16.77 13.02 -10.09
C LYS B 403 17.40 14.42 -9.88
N GLY B 404 17.32 15.27 -10.89
CA GLY B 404 17.85 16.62 -10.86
C GLY B 404 16.97 17.56 -10.05
N VAL B 405 15.73 17.13 -9.84
CA VAL B 405 14.75 17.85 -9.05
C VAL B 405 14.25 16.89 -7.95
N VAL B 406 14.21 17.40 -6.70
CA VAL B 406 13.81 16.60 -5.56
C VAL B 406 12.40 16.98 -5.13
N VAL B 407 11.45 16.01 -5.20
CA VAL B 407 10.07 16.28 -4.80
C VAL B 407 9.65 15.41 -3.63
N GLY B 408 8.83 15.96 -2.75
CA GLY B 408 8.33 15.22 -1.61
C GLY B 408 7.37 16.04 -0.80
N ARG B 409 6.85 15.44 0.26
CA ARG B 409 5.98 16.09 1.25
C ARG B 409 6.85 16.28 2.50
N ALA B 410 6.56 17.32 3.28
CA ALA B 410 7.28 17.60 4.51
C ALA B 410 6.33 18.26 5.48
N ARG B 411 6.82 18.64 6.65
CA ARG B 411 6.06 19.37 7.65
C ARG B 411 6.90 20.55 8.15
N LEU B 412 6.27 21.74 8.35
CA LEU B 412 6.89 22.97 8.85
C LEU B 412 6.19 23.27 10.18
N GLY B 413 6.83 22.92 11.30
CA GLY B 413 6.22 23.09 12.61
C GLY B 413 4.87 22.37 12.74
N GLY B 414 4.72 21.29 11.95
CA GLY B 414 3.54 20.46 11.91
C GLY B 414 2.69 20.64 10.66
N ILE B 415 2.85 21.80 9.94
CA ILE B 415 2.03 22.10 8.77
C ILE B 415 2.51 21.24 7.59
N PRO B 416 1.63 20.40 6.99
CA PRO B 416 2.07 19.62 5.83
C PRO B 416 2.11 20.48 4.57
N LEU B 417 3.08 20.23 3.68
CA LEU B 417 3.20 20.97 2.42
C LEU B 417 4.02 20.14 1.43
N GLY B 418 3.93 20.49 0.16
CA GLY B 418 4.75 19.87 -0.86
C GLY B 418 6.05 20.65 -1.00
N VAL B 419 7.16 19.95 -1.10
CA VAL B 419 8.46 20.59 -1.25
C VAL B 419 9.08 20.26 -2.62
N ILE B 420 9.69 21.28 -3.29
CA ILE B 420 10.45 21.11 -4.53
C ILE B 420 11.81 21.74 -4.31
N GLY B 421 12.86 20.93 -4.41
CA GLY B 421 14.25 21.34 -4.27
C GLY B 421 15.05 20.96 -5.50
N VAL B 422 16.21 21.60 -5.70
CA VAL B 422 17.08 21.39 -6.85
C VAL B 422 18.32 20.60 -6.44
N GLU B 423 18.58 19.47 -7.13
CA GLU B 423 19.77 18.67 -6.93
C GLU B 423 20.96 19.36 -7.64
N THR B 424 21.93 19.83 -6.86
CA THR B 424 23.13 20.52 -7.34
C THR B 424 24.16 19.60 -7.98
N ARG B 425 24.24 18.34 -7.52
CA ARG B 425 25.16 17.32 -8.07
C ARG B 425 24.72 16.85 -9.47
N THR B 426 25.68 16.58 -10.36
CA THR B 426 25.40 16.09 -11.71
C THR B 426 24.66 14.74 -11.60
N VAL B 427 23.60 14.57 -12.39
CA VAL B 427 22.83 13.34 -12.39
C VAL B 427 23.10 12.55 -13.68
N GLU B 428 23.23 11.23 -13.54
CA GLU B 428 23.42 10.28 -14.62
C GLU B 428 22.19 9.40 -14.67
N ASN B 429 21.81 8.97 -15.88
CA ASN B 429 20.69 8.05 -16.06
C ASN B 429 20.97 7.16 -17.23
N LEU B 430 20.62 5.89 -17.09
CA LEU B 430 20.91 4.90 -18.11
C LEU B 430 19.69 4.52 -18.92
N ILE B 431 19.74 4.89 -20.21
CA ILE B 431 18.70 4.53 -21.14
C ILE B 431 19.02 3.09 -21.58
N PRO B 432 18.09 2.15 -21.33
CA PRO B 432 18.35 0.74 -21.68
C PRO B 432 18.48 0.49 -23.18
N ALA B 433 19.14 -0.61 -23.56
CA ALA B 433 19.23 -1.00 -24.97
C ALA B 433 17.88 -1.63 -25.37
N ASP B 434 17.35 -1.21 -26.53
CA ASP B 434 16.08 -1.73 -27.07
C ASP B 434 16.31 -3.17 -27.58
N PRO B 435 15.72 -4.22 -26.94
CA PRO B 435 15.96 -5.60 -27.41
C PRO B 435 15.43 -5.86 -28.82
N ALA B 436 14.45 -5.05 -29.27
CA ALA B 436 13.82 -5.14 -30.60
C ALA B 436 14.74 -4.63 -31.71
N ASN B 437 15.74 -3.80 -31.36
CA ASN B 437 16.69 -3.25 -32.31
C ASN B 437 18.08 -3.89 -32.06
N PRO B 438 18.62 -4.65 -33.04
CA PRO B 438 19.94 -5.26 -32.84
C PRO B 438 21.08 -4.25 -32.86
N ASN B 439 20.86 -3.09 -33.53
CA ASN B 439 21.81 -1.97 -33.64
C ASN B 439 21.45 -0.88 -32.60
N SER B 440 21.32 -1.31 -31.33
CA SER B 440 21.00 -0.45 -30.19
C SER B 440 21.75 -0.93 -28.95
N ALA B 441 22.44 0.02 -28.28
CA ALA B 441 23.19 -0.19 -27.06
C ALA B 441 22.77 0.83 -26.00
N GLU B 442 22.97 0.48 -24.71
CA GLU B 442 22.63 1.35 -23.58
C GLU B 442 23.35 2.70 -23.66
N THR B 443 22.61 3.78 -23.41
CA THR B 443 23.12 5.14 -23.42
C THR B 443 23.19 5.69 -22.00
N LEU B 444 24.29 6.36 -21.65
CA LEU B 444 24.42 7.02 -20.36
C LEU B 444 24.37 8.52 -20.59
N ILE B 445 23.40 9.19 -19.97
CA ILE B 445 23.19 10.62 -20.09
C ILE B 445 23.60 11.33 -18.81
N GLN B 446 24.48 12.33 -18.94
CA GLN B 446 24.89 13.21 -17.86
C GLN B 446 24.03 14.48 -17.99
N GLN B 447 23.56 15.02 -16.87
CA GLN B 447 22.79 16.26 -16.83
C GLN B 447 23.30 17.10 -15.69
N ALA B 448 23.79 18.31 -16.01
CA ALA B 448 24.28 19.27 -15.04
C ALA B 448 23.22 19.63 -13.98
N GLY B 449 23.65 19.88 -12.76
CA GLY B 449 22.79 20.32 -11.68
C GLY B 449 22.36 21.75 -11.94
N GLN B 450 21.32 22.22 -11.25
CA GLN B 450 20.76 23.57 -11.37
C GLN B 450 20.28 23.93 -12.80
N VAL B 451 19.99 22.91 -13.64
CA VAL B 451 19.49 23.15 -15.02
C VAL B 451 18.23 22.30 -15.24
N TRP B 452 17.17 22.91 -15.78
CA TRP B 452 15.95 22.17 -16.10
C TRP B 452 16.13 21.53 -17.45
N PHE B 453 15.94 20.19 -17.50
CA PHE B 453 15.99 19.41 -18.72
C PHE B 453 14.56 18.95 -19.01
N PRO B 454 14.24 18.38 -20.21
CA PRO B 454 12.87 17.89 -20.43
C PRO B 454 12.30 17.04 -19.29
N ASN B 455 13.06 16.06 -18.80
CA ASN B 455 12.63 15.19 -17.70
C ASN B 455 12.42 15.94 -16.38
N SER B 456 13.42 16.76 -15.89
CA SER B 456 13.24 17.55 -14.65
C SER B 456 12.12 18.59 -14.74
N ALA B 457 11.90 19.19 -15.93
CA ALA B 457 10.82 20.14 -16.18
C ALA B 457 9.45 19.43 -16.05
N PHE B 458 9.32 18.23 -16.65
CA PHE B 458 8.12 17.40 -16.56
C PHE B 458 7.84 17.02 -15.09
N LYS B 459 8.88 16.57 -14.34
CA LYS B 459 8.73 16.16 -12.95
C LYS B 459 8.25 17.32 -12.08
N THR B 460 8.82 18.54 -12.28
CA THR B 460 8.46 19.74 -11.50
C THR B 460 6.98 20.00 -11.66
N ALA B 461 6.51 20.04 -12.93
CA ALA B 461 5.13 20.28 -13.29
C ALA B 461 4.24 19.21 -12.68
N GLN B 462 4.65 17.93 -12.81
CA GLN B 462 3.96 16.76 -12.28
C GLN B 462 3.76 16.90 -10.79
N ALA B 463 4.83 17.27 -10.07
CA ALA B 463 4.82 17.44 -8.64
C ALA B 463 3.82 18.50 -8.22
N ILE B 464 3.87 19.68 -8.87
CA ILE B 464 2.96 20.81 -8.64
C ILE B 464 1.53 20.34 -8.78
N ASN B 465 1.22 19.64 -9.88
CA ASN B 465 -0.15 19.16 -10.09
C ASN B 465 -0.58 18.15 -9.01
N ASP B 466 0.30 17.19 -8.64
CA ASP B 466 -0.02 16.20 -7.61
C ASP B 466 -0.17 16.78 -6.22
N PHE B 467 0.50 17.88 -5.90
CA PHE B 467 0.30 18.59 -4.61
C PHE B 467 -1.06 19.29 -4.61
N ASN B 468 -1.49 19.77 -5.77
CA ASN B 468 -2.69 20.56 -5.90
C ASN B 468 -3.95 19.75 -5.91
N ASN B 469 -4.06 18.82 -6.88
CA ASN B 469 -5.20 17.96 -7.05
C ASN B 469 -5.19 16.91 -6.01
N GLY B 470 -6.34 16.79 -5.33
CA GLY B 470 -6.58 15.79 -4.30
C GLY B 470 -5.83 16.04 -3.01
N GLU B 471 -4.48 16.15 -3.07
CA GLU B 471 -3.64 16.46 -1.88
C GLU B 471 -4.03 17.82 -1.29
N GLN B 472 -4.36 18.81 -2.15
CA GLN B 472 -4.78 20.17 -1.77
C GLN B 472 -3.84 20.81 -0.76
N LEU B 473 -2.53 20.67 -1.03
CA LEU B 473 -1.51 21.15 -0.12
C LEU B 473 -0.90 22.47 -0.53
N PRO B 474 -0.39 23.28 0.44
CA PRO B 474 0.42 24.43 0.06
C PRO B 474 1.78 23.91 -0.45
N MET B 475 2.58 24.75 -1.06
CA MET B 475 3.83 24.27 -1.60
C MET B 475 4.95 25.26 -1.40
N MET B 476 6.19 24.76 -1.25
CA MET B 476 7.41 25.55 -1.24
C MET B 476 8.39 25.02 -2.30
N ILE B 477 8.86 25.95 -3.15
CA ILE B 477 9.88 25.67 -4.16
C ILE B 477 11.11 26.41 -3.72
N LEU B 478 12.17 25.65 -3.46
CA LEU B 478 13.48 26.15 -3.08
C LEU B 478 14.19 26.36 -4.43
N ALA B 479 13.75 27.42 -5.16
CA ALA B 479 14.14 27.80 -6.51
C ALA B 479 15.62 28.04 -6.65
N ASN B 480 16.29 27.20 -7.47
CA ASN B 480 17.73 27.29 -7.67
C ASN B 480 18.11 26.75 -9.05
N TRP B 481 17.67 27.42 -10.10
CA TRP B 481 17.97 26.99 -11.45
C TRP B 481 18.66 28.09 -12.22
N ARG B 482 19.65 27.72 -13.05
CA ARG B 482 20.40 28.63 -13.91
C ARG B 482 19.57 28.93 -15.16
N GLY B 483 18.65 28.03 -15.49
CA GLY B 483 17.73 28.13 -16.60
C GLY B 483 17.35 26.77 -17.13
N PHE B 484 16.92 26.73 -18.38
CA PHE B 484 16.56 25.49 -19.07
C PHE B 484 17.74 25.14 -19.99
N SER B 485 17.90 23.84 -20.34
CA SER B 485 18.92 23.46 -21.29
C SER B 485 18.45 23.86 -22.70
N GLY B 486 19.13 24.85 -23.27
CA GLY B 486 18.82 25.36 -24.60
C GLY B 486 19.60 24.68 -25.71
N GLY B 487 20.31 23.59 -25.37
CA GLY B 487 21.10 22.80 -26.31
C GLY B 487 20.25 22.04 -27.29
N GLN B 488 20.86 21.61 -28.40
CA GLN B 488 20.17 20.93 -29.48
C GLN B 488 19.33 19.72 -29.12
N ARG B 489 19.91 18.72 -28.45
CA ARG B 489 19.22 17.49 -28.05
C ARG B 489 17.99 17.79 -27.21
N ASP B 490 18.16 18.66 -26.19
CA ASP B 490 17.08 19.01 -25.28
C ASP B 490 15.97 19.83 -25.93
N MET B 491 16.33 20.74 -26.86
CA MET B 491 15.39 21.53 -27.65
C MET B 491 14.59 20.58 -28.54
N PHE B 492 15.30 19.67 -29.22
CA PHE B 492 14.68 18.64 -30.02
C PHE B 492 13.78 17.79 -29.14
N ASN B 493 14.18 17.48 -27.88
CA ASN B 493 13.35 16.68 -26.95
C ASN B 493 12.29 17.49 -26.25
N GLU B 494 11.92 18.63 -26.84
CA GLU B 494 10.80 19.48 -26.44
C GLU B 494 10.89 20.09 -25.06
N VAL B 495 12.06 20.54 -24.61
CA VAL B 495 12.17 21.19 -23.31
C VAL B 495 11.12 22.29 -23.12
N LEU B 496 10.81 23.07 -24.20
CA LEU B 496 9.81 24.17 -24.18
C LEU B 496 8.44 23.70 -23.77
N LYS B 497 8.06 22.49 -24.22
CA LYS B 497 6.77 21.88 -23.92
C LYS B 497 6.65 21.64 -22.41
N TYR B 498 7.66 21.01 -21.82
CA TYR B 498 7.70 20.67 -20.41
C TYR B 498 7.80 21.84 -19.48
N GLY B 499 8.61 22.82 -19.85
CA GLY B 499 8.72 24.08 -19.12
C GLY B 499 7.38 24.78 -19.08
N SER B 500 6.64 24.80 -20.22
CA SER B 500 5.31 25.40 -20.28
C SER B 500 4.29 24.72 -19.36
N PHE B 501 4.39 23.40 -19.17
CA PHE B 501 3.53 22.67 -18.23
C PHE B 501 3.68 23.22 -16.81
N ILE B 502 4.91 23.69 -16.42
CA ILE B 502 5.16 24.28 -15.09
C ILE B 502 4.25 25.51 -14.90
N VAL B 503 4.23 26.41 -15.92
CA VAL B 503 3.39 27.60 -15.91
C VAL B 503 1.94 27.20 -15.74
N ASP B 504 1.45 26.26 -16.54
CA ASP B 504 0.05 25.76 -16.47
C ASP B 504 -0.28 25.20 -15.10
N ALA B 505 0.66 24.47 -14.50
CA ALA B 505 0.48 23.85 -13.18
C ALA B 505 0.31 24.89 -12.09
N LEU B 506 1.10 25.99 -12.16
CA LEU B 506 1.08 27.14 -11.24
C LEU B 506 -0.18 27.97 -11.39
N VAL B 507 -0.64 28.19 -12.63
CA VAL B 507 -1.88 28.90 -12.92
C VAL B 507 -3.09 28.22 -12.22
N ASP B 508 -3.10 26.88 -12.16
CA ASP B 508 -4.18 26.08 -11.56
C ASP B 508 -4.11 25.90 -10.03
N TYR B 509 -2.97 26.29 -9.41
CA TYR B 509 -2.73 26.10 -7.99
C TYR B 509 -3.73 26.81 -7.10
N LYS B 510 -4.37 26.09 -6.13
CA LYS B 510 -5.39 26.74 -5.30
C LYS B 510 -5.03 26.92 -3.83
N GLN B 511 -3.74 26.68 -3.47
CA GLN B 511 -3.27 26.82 -2.08
C GLN B 511 -2.02 27.70 -1.99
N PRO B 512 -1.68 28.27 -0.81
CA PRO B 512 -0.46 29.11 -0.73
C PRO B 512 0.78 28.50 -1.37
N ILE B 513 1.55 29.32 -2.12
CA ILE B 513 2.83 28.95 -2.73
C ILE B 513 3.87 29.92 -2.18
N ILE B 514 5.02 29.38 -1.80
CA ILE B 514 6.18 30.14 -1.38
C ILE B 514 7.29 29.73 -2.34
N ILE B 515 7.87 30.72 -3.05
CA ILE B 515 9.05 30.54 -3.89
C ILE B 515 10.15 31.18 -3.06
N TYR B 516 11.23 30.45 -2.82
CA TYR B 516 12.34 30.94 -2.00
C TYR B 516 13.66 30.61 -2.67
N ILE B 517 14.42 31.63 -3.11
CA ILE B 517 15.75 31.44 -3.69
C ILE B 517 16.66 31.28 -2.46
N PRO B 518 17.15 30.05 -2.17
CA PRO B 518 17.92 29.85 -0.92
C PRO B 518 19.36 30.41 -0.91
N PRO B 519 20.09 30.35 0.23
CA PRO B 519 21.51 30.76 0.21
C PRO B 519 22.29 29.88 -0.79
N THR B 520 23.25 30.49 -1.53
CA THR B 520 24.05 29.89 -2.62
C THR B 520 23.18 29.64 -3.85
N GLY B 521 21.90 30.00 -3.76
CA GLY B 521 20.95 29.77 -4.83
C GLY B 521 20.88 30.86 -5.88
N GLU B 522 20.31 30.52 -7.03
CA GLU B 522 20.16 31.46 -8.12
C GLU B 522 18.93 31.22 -8.97
N LEU B 523 18.51 32.26 -9.68
CA LEU B 523 17.39 32.23 -10.60
C LEU B 523 17.78 33.18 -11.71
N ARG B 524 17.70 32.72 -12.95
CA ARG B 524 18.11 33.55 -14.11
C ARG B 524 17.00 33.71 -15.14
N GLY B 525 17.30 34.41 -16.23
CA GLY B 525 16.39 34.69 -17.32
C GLY B 525 15.29 33.66 -17.58
N GLY B 526 15.68 32.47 -18.02
CA GLY B 526 14.76 31.38 -18.34
C GLY B 526 14.07 30.73 -17.15
N SER B 527 14.81 30.53 -16.05
CA SER B 527 14.26 29.89 -14.84
C SER B 527 13.26 30.75 -14.08
N TRP B 528 13.52 32.06 -13.93
CA TRP B 528 12.64 33.00 -13.24
C TRP B 528 11.27 33.10 -13.91
N VAL B 529 11.21 33.13 -15.26
CA VAL B 529 9.94 33.26 -15.98
C VAL B 529 8.88 32.28 -15.58
N VAL B 530 9.25 31.05 -15.24
CA VAL B 530 8.25 30.01 -14.95
C VAL B 530 7.87 29.88 -13.47
N VAL B 531 8.45 30.70 -12.58
CA VAL B 531 8.13 30.61 -11.15
C VAL B 531 7.80 31.97 -10.56
N ASP B 532 7.76 33.04 -11.38
CA ASP B 532 7.46 34.38 -10.89
C ASP B 532 6.05 34.42 -10.26
N PRO B 533 5.87 35.08 -9.08
CA PRO B 533 4.53 35.15 -8.47
C PRO B 533 3.41 35.78 -9.29
N THR B 534 3.72 36.51 -10.38
CA THR B 534 2.66 37.11 -11.22
C THR B 534 1.95 36.06 -12.09
N ILE B 535 2.47 34.83 -12.11
CA ILE B 535 1.85 33.71 -12.82
C ILE B 535 0.52 33.43 -12.13
N ASN B 536 0.52 33.51 -10.79
CA ASN B 536 -0.67 33.30 -9.96
C ASN B 536 -0.51 34.15 -8.67
N ALA B 537 -0.85 35.43 -8.79
CA ALA B 537 -0.75 36.43 -7.71
C ALA B 537 -1.65 36.14 -6.52
N ASP B 538 -2.75 35.44 -6.73
CA ASP B 538 -3.69 35.07 -5.67
C ASP B 538 -3.04 34.14 -4.67
N GLN B 539 -2.15 33.23 -5.16
CA GLN B 539 -1.49 32.21 -4.35
C GLN B 539 0.04 32.35 -4.12
N MET B 540 0.77 32.86 -5.13
CA MET B 540 2.22 32.93 -5.10
C MET B 540 2.84 34.12 -4.44
N GLU B 541 4.00 33.88 -3.86
CA GLU B 541 4.80 34.84 -3.11
C GLU B 541 6.24 34.46 -3.27
N MET B 542 7.12 35.45 -3.49
CA MET B 542 8.55 35.14 -3.64
C MET B 542 9.43 35.83 -2.60
N TYR B 543 10.45 35.09 -2.16
CA TYR B 543 11.45 35.51 -1.20
C TYR B 543 12.83 35.12 -1.72
N ALA B 544 13.84 35.90 -1.37
CA ALA B 544 15.21 35.60 -1.78
C ALA B 544 16.09 35.75 -0.56
N ASP B 545 17.00 34.81 -0.40
CA ASP B 545 17.94 34.85 0.70
C ASP B 545 18.91 36.00 0.43
N VAL B 546 19.50 36.54 1.49
CA VAL B 546 20.51 37.59 1.42
C VAL B 546 21.75 37.09 0.65
N ASN B 547 21.95 35.75 0.59
CA ASN B 547 23.03 35.07 -0.14
C ASN B 547 22.63 34.43 -1.47
N ALA B 548 21.43 34.81 -1.95
CA ALA B 548 20.92 34.37 -3.24
C ALA B 548 21.39 35.35 -4.34
N ARG B 549 21.17 34.97 -5.60
CA ARG B 549 21.48 35.80 -6.76
C ARG B 549 20.40 35.63 -7.80
N ALA B 550 20.10 36.70 -8.54
CA ALA B 550 19.15 36.70 -9.65
C ALA B 550 19.39 37.90 -10.59
N GLY B 551 19.31 37.62 -11.87
CA GLY B 551 19.46 38.57 -12.97
C GLY B 551 19.09 37.86 -14.26
N VAL B 552 18.97 38.61 -15.37
CA VAL B 552 18.62 38.03 -16.70
C VAL B 552 19.71 37.00 -17.13
N LEU B 553 20.97 37.42 -17.09
CA LEU B 553 22.10 36.55 -17.40
C LEU B 553 22.95 36.37 -16.13
N GLU B 554 23.96 35.50 -16.21
CA GLU B 554 24.94 35.29 -15.13
C GLU B 554 26.00 36.40 -15.37
N PRO B 555 26.81 36.83 -14.35
CA PRO B 555 27.81 37.89 -14.59
C PRO B 555 28.61 37.80 -15.89
N GLU B 556 29.09 36.58 -16.27
CA GLU B 556 29.83 36.32 -17.51
C GLU B 556 29.06 36.79 -18.76
N GLY B 557 27.75 36.52 -18.77
CA GLY B 557 26.85 36.93 -19.84
C GLY B 557 26.62 38.43 -19.91
N THR B 558 26.29 39.05 -18.75
CA THR B 558 26.06 40.50 -18.62
C THR B 558 27.27 41.33 -19.13
N VAL B 559 28.50 40.95 -18.72
CA VAL B 559 29.73 41.63 -19.13
C VAL B 559 29.93 41.52 -20.65
N GLU B 560 29.69 40.32 -21.22
CA GLU B 560 29.80 40.03 -22.65
C GLU B 560 28.92 40.98 -23.49
N ILE B 561 27.74 41.35 -22.96
CA ILE B 561 26.82 42.27 -23.63
C ILE B 561 26.99 43.75 -23.21
N LYS B 562 27.19 44.01 -21.90
CA LYS B 562 27.22 45.37 -21.35
C LYS B 562 28.54 45.96 -20.82
N PHE B 563 29.60 45.13 -20.63
CA PHE B 563 30.92 45.62 -20.15
C PHE B 563 32.05 45.09 -21.10
N ARG B 564 31.98 45.56 -22.37
CA ARG B 564 32.87 45.17 -23.47
C ARG B 564 34.22 45.91 -23.45
N ARG B 565 35.12 45.59 -24.44
CA ARG B 565 36.50 46.15 -24.56
C ARG B 565 36.68 47.65 -24.30
N GLU B 566 35.86 48.49 -24.96
CA GLU B 566 35.92 49.96 -24.86
C GLU B 566 35.61 50.45 -23.44
N LYS B 567 34.57 49.88 -22.80
CA LYS B 567 34.16 50.23 -21.43
C LYS B 567 35.28 49.83 -20.46
N LEU B 568 35.84 48.62 -20.66
CA LEU B 568 36.92 48.01 -19.90
C LEU B 568 38.20 48.83 -20.03
N LEU B 569 38.51 49.33 -21.25
CA LEU B 569 39.68 50.18 -21.50
C LEU B 569 39.50 51.56 -20.89
N ASP B 570 38.26 52.11 -20.93
CA ASP B 570 37.93 53.40 -20.30
C ASP B 570 38.14 53.30 -18.79
N THR B 571 37.88 52.10 -18.20
CA THR B 571 38.07 51.81 -16.78
C THR B 571 39.56 51.72 -16.43
N MET B 572 40.42 51.39 -17.41
CA MET B 572 41.87 51.33 -17.18
C MET B 572 42.43 52.73 -16.77
N ASN B 573 41.54 53.72 -16.55
CA ASN B 573 41.86 55.08 -16.09
C ASN B 573 41.55 55.25 -14.58
N ARG B 574 41.58 54.11 -13.86
CA ARG B 574 41.40 53.99 -12.41
C ARG B 574 42.76 53.68 -11.81
N LEU B 575 43.69 53.10 -12.62
CA LEU B 575 45.07 52.76 -12.27
C LEU B 575 45.88 52.36 -13.54
N ASP B 576 47.16 52.76 -13.70
CA ASP B 576 48.05 53.55 -12.83
C ASP B 576 48.97 54.34 -13.78
N ASP B 577 49.79 53.57 -14.50
CA ASP B 577 50.70 53.93 -15.56
C ASP B 577 49.94 53.97 -16.88
N LYS B 578 48.67 53.49 -16.88
CA LYS B 578 47.80 53.44 -18.06
C LYS B 578 47.27 54.82 -18.47
N TYR B 579 46.83 55.65 -17.48
CA TYR B 579 46.31 57.01 -17.71
C TYR B 579 47.34 57.91 -18.43
N ARG B 580 48.60 57.91 -17.94
CA ARG B 580 49.70 58.69 -18.52
C ARG B 580 50.07 58.18 -19.92
N GLU B 581 50.17 56.84 -20.08
CA GLU B 581 50.50 56.18 -21.35
C GLU B 581 49.45 56.46 -22.46
N LEU B 582 48.15 56.54 -22.09
CA LEU B 582 47.06 56.83 -23.03
C LEU B 582 47.01 58.33 -23.40
N ARG B 583 47.42 59.21 -22.44
CA ARG B 583 47.47 60.66 -22.62
C ARG B 583 48.59 61.07 -23.56
N SER B 584 49.80 60.47 -23.40
CA SER B 584 50.98 60.74 -24.22
C SER B 584 50.80 60.31 -25.69
N GLN B 585 50.12 59.17 -25.92
CA GLN B 585 49.82 58.62 -27.25
C GLN B 585 48.42 59.05 -27.74
N LEU B 586 48.13 60.38 -27.64
CA LEU B 586 46.87 61.01 -28.05
C LEU B 586 47.04 62.52 -28.17
N ALA B 592 57.35 62.60 -30.87
CA ALA B 592 56.21 63.38 -31.36
C ALA B 592 55.50 62.72 -32.54
N PRO B 593 56.23 61.94 -33.36
CA PRO B 593 55.70 61.22 -34.53
C PRO B 593 56.27 59.81 -34.66
N GLU B 594 57.60 59.67 -34.50
CA GLU B 594 58.32 58.40 -34.55
C GLU B 594 58.26 57.68 -33.20
N VAL B 595 58.31 58.45 -32.10
CA VAL B 595 58.24 57.96 -30.71
C VAL B 595 56.85 57.40 -30.36
N HIS B 596 55.80 57.81 -31.13
CA HIS B 596 54.40 57.39 -30.96
C HIS B 596 54.17 55.88 -31.15
N GLN B 597 55.07 55.21 -31.90
CA GLN B 597 55.04 53.77 -32.15
C GLN B 597 55.40 53.00 -30.88
N GLN B 598 56.39 53.50 -30.09
CA GLN B 598 56.86 52.92 -28.83
C GLN B 598 55.81 53.07 -27.72
N ILE B 599 55.09 54.21 -27.69
CA ILE B 599 54.03 54.51 -26.73
C ILE B 599 52.80 53.62 -27.01
N SER B 600 52.51 53.36 -28.30
CA SER B 600 51.39 52.51 -28.74
C SER B 600 51.62 51.03 -28.36
N LYS B 601 52.90 50.60 -28.35
CA LYS B 601 53.29 49.25 -27.97
C LYS B 601 53.22 49.11 -26.44
N GLN B 602 53.56 50.20 -25.73
CA GLN B 602 53.54 50.30 -24.27
C GLN B 602 52.13 50.28 -23.69
N LEU B 603 51.13 50.84 -24.42
CA LEU B 603 49.72 50.86 -24.02
C LEU B 603 49.12 49.47 -24.17
N ALA B 604 49.49 48.76 -25.25
CA ALA B 604 49.06 47.39 -25.53
C ALA B 604 49.73 46.40 -24.57
N ASP B 605 50.87 46.79 -23.96
CA ASP B 605 51.62 46.00 -22.98
C ASP B 605 50.91 46.02 -21.61
N ARG B 606 50.43 47.22 -21.18
CA ARG B 606 49.70 47.42 -19.92
C ARG B 606 48.29 46.80 -20.05
N GLU B 607 47.57 47.08 -21.17
CA GLU B 607 46.24 46.54 -21.45
C GLU B 607 46.22 45.02 -21.37
N ARG B 608 47.28 44.34 -21.88
CA ARG B 608 47.42 42.88 -21.87
C ARG B 608 47.65 42.33 -20.46
N GLU B 609 48.47 43.03 -19.67
CA GLU B 609 48.81 42.65 -18.29
C GLU B 609 47.67 42.93 -17.31
N LEU B 610 46.87 43.99 -17.58
CA LEU B 610 45.76 44.47 -16.74
C LEU B 610 44.37 43.90 -17.05
N LEU B 611 44.17 43.32 -18.25
CA LEU B 611 42.94 42.67 -18.74
C LEU B 611 42.38 41.55 -17.82
N PRO B 612 43.18 40.58 -17.28
CA PRO B 612 42.57 39.54 -16.43
C PRO B 612 41.86 40.04 -15.16
N ILE B 613 42.44 41.05 -14.47
CA ILE B 613 41.87 41.63 -13.24
C ILE B 613 40.72 42.62 -13.51
N TYR B 614 40.77 43.33 -14.65
CA TYR B 614 39.72 44.26 -15.05
C TYR B 614 38.48 43.49 -15.53
N GLY B 615 38.70 42.26 -16.00
CA GLY B 615 37.67 41.31 -16.36
C GLY B 615 36.95 40.85 -15.10
N GLN B 616 37.74 40.65 -14.01
CA GLN B 616 37.25 40.27 -12.68
C GLN B 616 36.45 41.41 -12.03
N ILE B 617 36.91 42.67 -12.22
CA ILE B 617 36.27 43.89 -11.72
C ILE B 617 34.86 44.02 -12.34
N SER B 618 34.76 43.87 -13.67
CA SER B 618 33.51 43.97 -14.42
C SER B 618 32.54 42.86 -13.98
N LEU B 619 33.07 41.64 -13.74
CA LEU B 619 32.30 40.50 -13.24
C LEU B 619 31.71 40.85 -11.86
N GLN B 620 32.51 41.49 -11.00
CA GLN B 620 32.07 41.93 -9.66
C GLN B 620 31.02 43.04 -9.75
N PHE B 621 31.25 44.03 -10.65
CA PHE B 621 30.32 45.12 -10.92
C PHE B 621 28.93 44.55 -11.35
N ALA B 622 28.94 43.57 -12.30
CA ALA B 622 27.75 42.91 -12.79
C ALA B 622 27.02 42.15 -11.67
N ASP B 623 27.79 41.40 -10.83
CA ASP B 623 27.27 40.62 -9.69
C ASP B 623 26.63 41.51 -8.63
N LEU B 624 27.10 42.78 -8.51
CA LEU B 624 26.55 43.69 -7.52
C LEU B 624 25.10 44.12 -7.78
N HIS B 625 24.59 43.86 -8.99
CA HIS B 625 23.24 44.17 -9.41
C HIS B 625 22.34 43.00 -9.05
N ASP B 626 22.88 41.76 -9.10
CA ASP B 626 22.19 40.48 -8.89
C ASP B 626 21.76 40.14 -7.44
N ARG B 627 21.77 41.13 -6.54
CA ARG B 627 21.51 40.97 -5.11
C ARG B 627 20.06 41.08 -4.71
N SER B 628 19.69 40.43 -3.59
CA SER B 628 18.32 40.48 -3.05
C SER B 628 17.85 41.92 -2.70
N SER B 629 18.80 42.83 -2.42
CA SER B 629 18.53 44.24 -2.12
C SER B 629 17.91 44.95 -3.32
N ARG B 630 18.37 44.61 -4.55
CA ARG B 630 17.84 45.16 -5.81
C ARG B 630 16.46 44.58 -6.02
N MET B 631 16.27 43.28 -5.67
CA MET B 631 15.01 42.56 -5.82
C MET B 631 13.94 43.24 -4.95
N VAL B 632 14.30 43.60 -3.69
CA VAL B 632 13.44 44.32 -2.75
C VAL B 632 13.12 45.73 -3.33
N ALA B 633 14.17 46.48 -3.75
CA ALA B 633 14.08 47.83 -4.31
C ALA B 633 13.14 47.89 -5.52
N LYS B 634 13.22 46.91 -6.40
CA LYS B 634 12.38 46.86 -7.59
C LYS B 634 11.01 46.18 -7.35
N GLY B 635 10.76 45.76 -6.10
CA GLY B 635 9.51 45.15 -5.67
C GLY B 635 9.15 43.83 -6.33
N VAL B 636 10.17 42.99 -6.65
CA VAL B 636 9.93 41.70 -7.31
C VAL B 636 9.85 40.52 -6.32
N ILE B 637 10.24 40.77 -5.05
CA ILE B 637 10.21 39.79 -3.94
C ILE B 637 9.49 40.43 -2.76
N SER B 638 8.78 39.61 -1.95
CA SER B 638 8.03 40.10 -0.79
C SER B 638 8.97 40.58 0.32
N LYS B 639 10.14 39.91 0.50
CA LYS B 639 11.13 40.18 1.52
C LYS B 639 12.45 39.48 1.19
N GLU B 640 13.57 40.02 1.70
CA GLU B 640 14.85 39.31 1.63
C GLU B 640 15.01 38.63 2.98
N LEU B 641 15.46 37.36 2.98
CA LEU B 641 15.52 36.61 4.24
C LEU B 641 16.90 36.12 4.61
N GLU B 642 17.03 35.68 5.87
CA GLU B 642 18.24 35.08 6.39
C GLU B 642 17.89 33.61 6.64
N TRP B 643 18.58 32.72 5.92
CA TRP B 643 18.40 31.26 5.97
C TRP B 643 18.17 30.68 7.36
N THR B 644 19.04 31.02 8.34
CA THR B 644 18.95 30.50 9.70
C THR B 644 17.62 30.86 10.35
N GLU B 645 17.02 31.98 9.93
CA GLU B 645 15.75 32.48 10.46
C GLU B 645 14.53 32.13 9.61
N ALA B 646 14.73 31.42 8.47
CA ALA B 646 13.68 31.05 7.51
C ALA B 646 12.57 30.12 8.04
N ARG B 647 12.92 29.09 8.84
CA ARG B 647 11.94 28.17 9.42
C ARG B 647 10.92 28.98 10.25
N ARG B 648 11.40 29.86 11.18
CA ARG B 648 10.58 30.74 12.02
C ARG B 648 9.70 31.64 11.19
N PHE B 649 10.26 32.25 10.13
CA PHE B 649 9.54 33.14 9.23
C PHE B 649 8.46 32.43 8.49
N PHE B 650 8.84 31.34 7.77
CA PHE B 650 7.90 30.57 6.97
C PHE B 650 6.81 29.88 7.75
N PHE B 651 7.11 29.37 8.96
CA PHE B 651 6.09 28.74 9.81
C PHE B 651 4.93 29.71 10.00
N TRP B 652 5.22 30.93 10.49
CA TRP B 652 4.16 31.90 10.72
C TRP B 652 3.50 32.44 9.49
N ARG B 653 4.26 32.62 8.39
CA ARG B 653 3.76 33.10 7.12
C ARG B 653 2.79 32.09 6.57
N LEU B 654 3.19 30.81 6.53
CA LEU B 654 2.32 29.75 6.05
C LEU B 654 1.03 29.60 6.89
N ARG B 655 1.16 29.51 8.24
CA ARG B 655 0.05 29.43 9.18
C ARG B 655 -0.92 30.61 8.96
N ARG B 656 -0.39 31.85 8.84
CA ARG B 656 -1.18 33.05 8.57
C ARG B 656 -1.94 32.91 7.26
N ARG B 657 -1.20 32.51 6.22
CA ARG B 657 -1.71 32.37 4.88
C ARG B 657 -2.85 31.36 4.80
N LEU B 658 -2.63 30.14 5.34
CA LEU B 658 -3.66 29.08 5.37
C LEU B 658 -4.93 29.56 6.14
N ASN B 659 -4.75 30.30 7.25
CA ASN B 659 -5.89 30.77 8.00
C ASN B 659 -6.69 31.76 7.18
N GLU B 660 -6.01 32.67 6.47
CA GLU B 660 -6.70 33.66 5.64
C GLU B 660 -7.37 33.01 4.42
N GLU B 661 -6.81 31.89 3.92
CA GLU B 661 -7.37 31.10 2.82
C GLU B 661 -8.63 30.40 3.25
N TYR B 662 -8.62 29.82 4.47
CA TYR B 662 -9.78 29.13 5.04
C TYR B 662 -10.93 30.12 5.20
N LEU B 663 -10.66 31.35 5.66
CA LEU B 663 -11.67 32.38 5.83
C LEU B 663 -12.18 32.88 4.50
N ILE B 664 -11.33 32.91 3.44
CA ILE B 664 -11.79 33.28 2.08
C ILE B 664 -12.80 32.19 1.59
N LYS B 665 -12.47 30.88 1.77
CA LYS B 665 -13.33 29.74 1.43
C LYS B 665 -14.68 29.85 2.15
N ARG B 666 -14.65 30.07 3.47
CA ARG B 666 -15.84 30.24 4.29
C ARG B 666 -16.67 31.45 3.83
N LEU B 667 -16.02 32.58 3.51
CA LEU B 667 -16.69 33.80 3.07
C LEU B 667 -17.37 33.61 1.72
N SER B 668 -16.70 32.97 0.75
CA SER B 668 -17.21 32.71 -0.60
C SER B 668 -18.61 32.06 -0.67
N HIS B 669 -19.01 31.29 0.38
CA HIS B 669 -20.32 30.64 0.50
C HIS B 669 -21.43 31.70 0.64
N GLN B 670 -21.27 32.62 1.61
CA GLN B 670 -22.19 33.76 1.84
C GLN B 670 -21.87 34.84 0.80
N VAL B 671 -22.89 35.62 0.36
CA VAL B 671 -22.78 36.67 -0.68
C VAL B 671 -22.27 36.19 -2.08
N GLY B 672 -21.84 34.93 -2.15
CA GLY B 672 -21.36 34.25 -3.35
C GLY B 672 -20.29 34.97 -4.13
N GLU B 673 -20.68 35.51 -5.31
CA GLU B 673 -19.82 36.23 -6.24
C GLU B 673 -19.27 37.57 -5.70
N ALA B 674 -17.92 37.64 -5.62
CA ALA B 674 -17.09 38.79 -5.20
C ALA B 674 -15.64 38.48 -5.56
N SER B 675 -14.86 39.50 -5.97
CA SER B 675 -13.46 39.27 -6.33
C SER B 675 -12.62 38.84 -5.13
N ARG B 676 -11.38 38.37 -5.36
CA ARG B 676 -10.54 37.96 -4.24
C ARG B 676 -10.21 39.18 -3.35
N LEU B 677 -9.81 40.33 -3.97
CA LEU B 677 -9.49 41.59 -3.27
C LEU B 677 -10.60 42.02 -2.33
N GLU B 678 -11.85 41.86 -2.78
CA GLU B 678 -13.07 42.16 -2.03
C GLU B 678 -13.18 41.24 -0.82
N LYS B 679 -12.90 39.94 -1.03
CA LYS B 679 -13.01 38.95 0.05
C LYS B 679 -11.93 39.05 1.13
N ILE B 680 -10.67 39.44 0.79
CA ILE B 680 -9.66 39.58 1.84
C ILE B 680 -9.86 40.86 2.61
N ALA B 681 -10.37 41.90 1.91
CA ALA B 681 -10.68 43.22 2.50
C ALA B 681 -11.73 43.08 3.61
N ARG B 682 -12.86 42.37 3.33
CA ARG B 682 -13.93 42.15 4.32
C ARG B 682 -13.34 41.44 5.54
N ILE B 683 -12.59 40.34 5.32
CA ILE B 683 -11.93 39.56 6.38
C ILE B 683 -10.99 40.45 7.20
N ARG B 684 -10.03 41.11 6.53
CA ARG B 684 -9.05 42.01 7.17
C ARG B 684 -9.69 43.16 7.95
N SER B 685 -10.86 43.63 7.49
CA SER B 685 -11.61 44.68 8.19
C SER B 685 -12.08 44.15 9.55
N TRP B 686 -12.21 42.83 9.72
CA TRP B 686 -12.63 42.28 11.01
C TRP B 686 -11.53 42.25 12.06
N TYR B 687 -10.25 42.36 11.66
CA TYR B 687 -9.12 42.37 12.60
C TYR B 687 -9.22 43.68 13.37
N PRO B 688 -9.04 43.69 14.73
CA PRO B 688 -9.08 44.97 15.47
C PRO B 688 -7.94 45.94 15.09
N ALA B 689 -7.96 47.15 15.66
CA ALA B 689 -6.94 48.18 15.42
C ALA B 689 -5.56 47.71 15.94
N SER B 690 -5.56 46.92 17.05
CA SER B 690 -4.41 46.33 17.73
C SER B 690 -3.63 45.32 16.86
N VAL B 691 -4.31 44.74 15.86
CA VAL B 691 -3.71 43.74 14.99
C VAL B 691 -3.06 44.44 13.80
N ASP B 692 -1.73 44.25 13.67
CA ASP B 692 -0.90 44.66 12.56
C ASP B 692 -1.13 43.64 11.48
N HIS B 693 -1.76 44.05 10.36
CA HIS B 693 -2.05 43.15 9.22
C HIS B 693 -0.77 42.59 8.62
N GLU B 694 0.36 43.29 8.81
CA GLU B 694 1.64 42.86 8.27
C GLU B 694 2.36 41.82 9.14
N ASP B 695 1.90 41.58 10.38
CA ASP B 695 2.54 40.58 11.24
C ASP B 695 1.79 39.26 11.17
N ASP B 696 2.45 38.25 10.56
CA ASP B 696 1.92 36.90 10.36
C ASP B 696 1.49 36.20 11.64
N ARG B 697 2.32 36.30 12.66
CA ARG B 697 2.04 35.65 13.93
C ARG B 697 0.83 36.23 14.62
N GLN B 698 0.71 37.56 14.63
CA GLN B 698 -0.41 38.22 15.30
C GLN B 698 -1.69 37.90 14.58
N VAL B 699 -1.66 38.00 13.24
CA VAL B 699 -2.80 37.72 12.36
C VAL B 699 -3.31 36.27 12.58
N ALA B 700 -2.39 35.27 12.37
CA ALA B 700 -2.65 33.85 12.55
C ALA B 700 -3.12 33.57 13.97
N THR B 701 -2.48 34.19 14.99
CA THR B 701 -2.89 34.01 16.39
C THR B 701 -4.33 34.51 16.63
N TRP B 702 -4.65 35.72 16.16
CA TRP B 702 -5.97 36.29 16.34
C TRP B 702 -7.06 35.47 15.66
N ILE B 703 -6.81 35.01 14.42
CA ILE B 703 -7.80 34.23 13.69
C ILE B 703 -8.13 32.94 14.46
N GLU B 704 -7.11 32.27 15.00
CA GLU B 704 -7.26 31.03 15.75
C GLU B 704 -7.83 31.23 17.16
N GLU B 705 -7.46 32.33 17.83
CA GLU B 705 -7.97 32.63 19.16
C GLU B 705 -9.46 33.05 19.10
N ASN B 706 -9.86 33.79 18.03
CA ASN B 706 -11.23 34.28 17.85
C ASN B 706 -12.07 33.50 16.82
N TYR B 707 -11.97 32.17 16.80
CA TYR B 707 -12.75 31.36 15.83
C TYR B 707 -14.27 31.45 16.02
N LYS B 708 -14.75 31.55 17.28
CA LYS B 708 -16.18 31.70 17.60
C LYS B 708 -16.73 33.05 17.11
N THR B 709 -15.98 34.14 17.34
CA THR B 709 -16.27 35.52 16.90
C THR B 709 -16.44 35.51 15.36
N LEU B 710 -15.56 34.78 14.64
CA LEU B 710 -15.55 34.70 13.18
C LEU B 710 -16.72 33.87 12.65
N ASP B 711 -17.04 32.72 13.29
CA ASP B 711 -18.17 31.90 12.89
C ASP B 711 -19.44 32.78 12.80
N ASP B 712 -19.66 33.63 13.83
CA ASP B 712 -20.75 34.59 13.94
C ASP B 712 -20.73 35.63 12.82
N LYS B 713 -19.56 36.27 12.57
CA LYS B 713 -19.37 37.31 11.55
C LYS B 713 -19.72 36.83 10.14
N LEU B 714 -19.41 35.55 9.83
CA LEU B 714 -19.67 34.94 8.52
C LEU B 714 -21.17 34.65 8.37
N LYS B 715 -21.74 34.01 9.41
CA LYS B 715 -23.14 33.63 9.52
C LYS B 715 -24.09 34.84 9.54
N GLY B 716 -23.56 36.01 9.92
CA GLY B 716 -24.26 37.29 9.94
C GLY B 716 -24.77 37.76 8.59
N LEU B 717 -24.02 37.46 7.50
CA LEU B 717 -24.43 37.83 6.13
C LEU B 717 -24.04 36.73 5.12
N PRO C 23 14.76 53.76 -42.31
CA PRO C 23 15.86 53.13 -41.58
C PRO C 23 15.39 52.04 -40.68
N LYS C 24 14.17 52.20 -40.08
CA LYS C 24 13.59 51.16 -39.26
C LYS C 24 13.22 49.94 -40.13
N ARG C 25 12.73 50.19 -41.34
CA ARG C 25 12.40 49.12 -42.28
C ARG C 25 13.66 48.29 -42.66
N TYR C 26 14.82 48.97 -42.83
CA TYR C 26 16.09 48.33 -43.14
C TYR C 26 16.53 47.46 -41.98
N LYS C 27 16.49 48.00 -40.71
CA LYS C 27 16.83 47.25 -39.49
C LYS C 27 16.02 45.96 -39.49
N ALA C 28 14.70 46.04 -39.84
CA ALA C 28 13.80 44.90 -39.91
C ALA C 28 14.20 43.94 -41.02
N HIS C 29 14.48 44.45 -42.24
CA HIS C 29 14.88 43.65 -43.40
C HIS C 29 16.11 42.81 -43.08
N LEU C 30 17.10 43.42 -42.40
CA LEU C 30 18.38 42.87 -41.94
C LEU C 30 18.18 41.66 -41.05
N MET C 31 17.09 41.64 -40.25
CA MET C 31 16.69 40.55 -39.36
C MET C 31 15.85 39.50 -40.12
N GLY C 32 15.56 39.76 -41.40
CA GLY C 32 14.73 38.89 -42.22
C GLY C 32 13.27 38.93 -41.82
N THR C 33 12.81 40.08 -41.32
CA THR C 33 11.43 40.31 -40.88
C THR C 33 10.83 41.58 -41.53
N THR C 34 9.53 41.74 -41.36
CA THR C 34 8.74 42.86 -41.83
C THR C 34 8.64 43.86 -40.67
N TYR C 35 8.81 45.15 -40.97
CA TYR C 35 8.67 46.21 -39.97
C TYR C 35 7.22 46.16 -39.41
N VAL C 36 7.06 46.19 -38.07
CA VAL C 36 5.75 46.14 -37.39
C VAL C 36 4.60 46.87 -38.08
N TYR C 37 4.80 48.17 -38.42
CA TYR C 37 3.71 48.94 -39.01
C TYR C 37 3.25 48.47 -40.39
N ASP C 38 4.08 47.67 -41.07
CA ASP C 38 3.77 47.09 -42.37
C ASP C 38 3.06 45.73 -42.30
N PHE C 39 2.84 45.19 -41.09
CA PHE C 39 2.11 43.94 -40.91
C PHE C 39 0.58 44.09 -41.19
N PRO C 40 -0.17 45.12 -40.67
CA PRO C 40 -1.58 45.29 -41.07
C PRO C 40 -1.84 45.18 -42.58
N GLU C 41 -0.92 45.73 -43.42
CA GLU C 41 -1.03 45.60 -44.88
C GLU C 41 -0.98 44.14 -45.35
N LEU C 42 -0.13 43.29 -44.72
CA LEU C 42 -0.04 41.85 -45.06
C LEU C 42 -1.37 41.17 -44.72
N PHE C 43 -2.00 41.54 -43.58
CA PHE C 43 -3.32 41.03 -43.17
C PHE C 43 -4.40 41.46 -44.17
N ARG C 44 -4.30 42.70 -44.72
CA ARG C 44 -5.22 43.18 -45.74
C ARG C 44 -5.05 42.37 -47.04
N GLN C 45 -3.80 42.19 -47.51
CA GLN C 45 -3.49 41.37 -48.69
C GLN C 45 -4.01 39.92 -48.52
N ALA C 46 -3.72 39.26 -47.38
CA ALA C 46 -4.15 37.90 -47.10
C ALA C 46 -5.69 37.79 -47.04
N SER C 47 -6.35 38.80 -46.48
CA SER C 47 -7.82 38.86 -46.35
C SER C 47 -8.49 39.02 -47.71
N SER C 48 -7.87 39.79 -48.58
CA SER C 48 -8.34 40.02 -49.93
C SER C 48 -8.17 38.73 -50.76
N SER C 49 -7.09 37.94 -50.51
CA SER C 49 -6.84 36.68 -51.22
C SER C 49 -7.90 35.68 -50.86
N GLN C 50 -8.32 35.66 -49.58
CA GLN C 50 -9.37 34.80 -49.06
C GLN C 50 -10.63 34.98 -49.89
N TRP C 51 -10.98 36.25 -50.20
CA TRP C 51 -12.14 36.59 -51.01
C TRP C 51 -12.00 36.11 -52.43
N LYS C 52 -10.83 36.33 -53.06
CA LYS C 52 -10.53 35.90 -54.42
C LYS C 52 -10.64 34.39 -54.56
N ASN C 53 -10.14 33.63 -53.57
CA ASN C 53 -10.19 32.17 -53.59
C ASN C 53 -11.59 31.66 -53.35
N PHE C 54 -12.42 32.42 -52.63
CA PHE C 54 -13.79 32.04 -52.31
C PHE C 54 -14.74 32.33 -53.45
N SER C 55 -14.77 33.59 -53.89
CA SER C 55 -15.61 34.10 -54.95
C SER C 55 -14.81 35.12 -55.75
N ALA C 56 -14.25 34.67 -56.89
CA ALA C 56 -13.44 35.52 -57.78
C ALA C 56 -14.18 36.80 -58.19
N ASP C 57 -15.49 36.70 -58.35
CA ASP C 57 -16.33 37.79 -58.78
C ASP C 57 -16.60 38.92 -57.78
N VAL C 58 -16.35 38.72 -56.45
CA VAL C 58 -16.60 39.77 -55.44
C VAL C 58 -15.69 40.99 -55.59
N LYS C 59 -16.30 42.17 -55.61
CA LYS C 59 -15.58 43.45 -55.71
C LYS C 59 -15.44 43.96 -54.28
N LEU C 60 -14.19 44.06 -53.82
CA LEU C 60 -13.92 44.52 -52.46
C LEU C 60 -13.64 46.02 -52.44
N THR C 61 -13.99 46.67 -51.32
CA THR C 61 -13.71 48.08 -51.14
C THR C 61 -12.88 48.19 -49.88
N ASP C 62 -12.09 49.26 -49.73
CA ASP C 62 -11.18 49.44 -48.59
C ASP C 62 -11.80 49.30 -47.18
N ASP C 63 -13.11 49.57 -47.06
CA ASP C 63 -13.88 49.49 -45.82
C ASP C 63 -14.10 48.04 -45.36
N PHE C 64 -13.70 47.04 -46.19
CA PHE C 64 -13.80 45.61 -45.87
C PHE C 64 -12.76 45.28 -44.79
N PHE C 65 -11.66 46.05 -44.71
CA PHE C 65 -10.57 45.87 -43.75
C PHE C 65 -10.22 47.19 -43.06
N ILE C 66 -10.16 47.16 -41.72
CA ILE C 66 -9.79 48.32 -40.90
C ILE C 66 -8.76 47.85 -39.88
N SER C 67 -7.68 48.61 -39.74
CA SER C 67 -6.67 48.35 -38.74
C SER C 67 -6.50 49.63 -37.94
N ASN C 68 -6.66 49.53 -36.62
CA ASN C 68 -6.52 50.65 -35.71
C ASN C 68 -5.50 50.30 -34.67
N GLU C 69 -4.46 51.09 -34.53
CA GLU C 69 -3.45 50.87 -33.52
C GLU C 69 -4.07 51.09 -32.13
N LEU C 70 -3.73 50.21 -31.20
CA LEU C 70 -4.13 50.33 -29.80
C LEU C 70 -2.94 50.85 -29.04
N ILE C 71 -3.17 51.88 -28.23
CA ILE C 71 -2.16 52.47 -27.34
C ILE C 71 -2.82 52.75 -26.01
N GLU C 72 -2.03 52.90 -24.97
CA GLU C 72 -2.56 53.22 -23.65
C GLU C 72 -2.82 54.69 -23.49
N ASP C 73 -3.99 55.04 -22.92
CA ASP C 73 -4.34 56.43 -22.62
C ASP C 73 -3.61 56.88 -21.33
N GLU C 74 -3.95 58.09 -20.83
CA GLU C 74 -3.39 58.74 -19.62
C GLU C 74 -3.53 57.87 -18.35
N ASN C 75 -4.61 57.08 -18.28
CA ASN C 75 -4.95 56.17 -17.19
C ASN C 75 -4.53 54.72 -17.47
N GLY C 76 -3.70 54.51 -18.49
CA GLY C 76 -3.20 53.19 -18.88
C GLY C 76 -4.24 52.26 -19.50
N GLU C 77 -5.37 52.81 -19.98
CA GLU C 77 -6.42 52.03 -20.64
C GLU C 77 -6.22 52.02 -22.14
N LEU C 78 -6.41 50.87 -22.78
CA LEU C 78 -6.23 50.70 -24.22
C LEU C 78 -7.25 51.44 -25.05
N THR C 79 -6.79 52.25 -25.98
CA THR C 79 -7.66 53.02 -26.88
C THR C 79 -7.13 52.99 -28.29
N GLU C 80 -8.02 53.18 -29.26
CA GLU C 80 -7.65 53.22 -30.67
C GLU C 80 -7.08 54.57 -31.06
N VAL C 81 -6.04 54.54 -31.91
CA VAL C 81 -5.42 55.75 -32.44
C VAL C 81 -5.17 55.62 -33.92
N GLU C 82 -5.14 56.80 -34.55
CA GLU C 82 -4.78 56.99 -35.94
C GLU C 82 -3.65 57.99 -35.80
N ARG C 83 -2.42 57.46 -35.91
CA ARG C 83 -1.18 58.23 -35.81
C ARG C 83 -0.19 57.77 -36.87
N GLU C 84 0.93 58.47 -36.98
CA GLU C 84 1.93 58.07 -37.94
C GLU C 84 2.72 56.85 -37.45
N PRO C 85 3.04 55.89 -38.33
CA PRO C 85 3.85 54.75 -37.91
C PRO C 85 5.24 55.21 -37.41
N GLY C 86 5.81 54.48 -36.45
CA GLY C 86 7.13 54.76 -35.91
C GLY C 86 7.17 55.68 -34.70
N ALA C 87 5.99 56.07 -34.20
CA ALA C 87 5.87 56.98 -33.06
C ALA C 87 5.77 56.23 -31.73
N ASN C 88 5.89 54.89 -31.78
CA ASN C 88 5.82 54.04 -30.59
C ASN C 88 6.95 54.34 -29.60
N ALA C 89 6.55 54.70 -28.36
CA ALA C 89 7.45 55.03 -27.26
C ALA C 89 7.93 53.78 -26.51
N ILE C 90 7.27 52.62 -26.76
CA ILE C 90 7.65 51.32 -26.21
C ILE C 90 7.92 50.36 -27.38
N GLY C 91 8.57 49.22 -27.11
CA GLY C 91 8.93 48.23 -28.12
C GLY C 91 7.93 47.14 -28.41
N MET C 92 6.66 47.40 -28.07
CA MET C 92 5.55 46.46 -28.26
C MET C 92 4.43 47.27 -28.88
N VAL C 93 3.81 46.75 -29.96
CA VAL C 93 2.72 47.45 -30.65
C VAL C 93 1.52 46.56 -30.85
N ALA C 94 0.32 47.14 -30.96
CA ALA C 94 -0.90 46.36 -31.16
C ALA C 94 -1.83 47.04 -32.09
N PHE C 95 -2.69 46.24 -32.74
CA PHE C 95 -3.70 46.69 -33.70
C PHE C 95 -5.00 45.94 -33.49
N LYS C 96 -6.15 46.62 -33.56
CA LYS C 96 -7.46 45.99 -33.54
C LYS C 96 -7.84 45.92 -35.00
N ILE C 97 -8.03 44.68 -35.49
CA ILE C 97 -8.39 44.44 -36.88
C ILE C 97 -9.87 44.05 -37.00
N THR C 98 -10.59 44.73 -37.92
CA THR C 98 -11.99 44.43 -38.22
C THR C 98 -12.03 44.11 -39.69
N VAL C 99 -12.27 42.84 -40.01
CA VAL C 99 -12.33 42.36 -41.40
C VAL C 99 -13.64 41.67 -41.71
N LYS C 100 -14.15 41.92 -42.93
CA LYS C 100 -15.33 41.26 -43.51
C LYS C 100 -14.73 40.08 -44.28
N THR C 101 -15.00 38.85 -43.85
CA THR C 101 -14.42 37.65 -44.49
C THR C 101 -15.52 36.76 -45.10
N PRO C 102 -15.23 35.76 -45.99
CA PRO C 102 -16.31 34.88 -46.47
C PRO C 102 -17.18 34.26 -45.38
N GLU C 103 -16.59 33.91 -44.23
CA GLU C 103 -17.38 33.33 -43.14
C GLU C 103 -18.07 34.36 -42.21
N TYR C 104 -17.60 35.63 -42.23
CA TYR C 104 -18.14 36.75 -41.48
C TYR C 104 -18.26 37.98 -42.41
N PRO C 105 -19.14 37.92 -43.44
CA PRO C 105 -19.20 39.02 -44.40
C PRO C 105 -19.59 40.38 -43.83
N ARG C 106 -20.17 40.41 -42.60
CA ARG C 106 -20.52 41.67 -41.95
C ARG C 106 -19.36 42.12 -41.03
N GLY C 107 -18.36 41.26 -40.85
CA GLY C 107 -17.18 41.58 -40.07
C GLY C 107 -16.88 40.70 -38.88
N ARG C 108 -15.57 40.45 -38.64
CA ARG C 108 -15.00 39.75 -37.50
C ARG C 108 -13.83 40.57 -36.97
N GLN C 109 -13.54 40.44 -35.67
CA GLN C 109 -12.45 41.20 -35.07
C GLN C 109 -11.40 40.33 -34.38
N PHE C 110 -10.19 40.89 -34.27
CA PHE C 110 -9.05 40.26 -33.60
C PHE C 110 -7.99 41.29 -33.27
N VAL C 111 -7.11 40.98 -32.34
CA VAL C 111 -5.99 41.85 -31.97
C VAL C 111 -4.68 41.26 -32.45
N VAL C 112 -3.78 42.10 -32.92
CA VAL C 112 -2.45 41.69 -33.33
C VAL C 112 -1.45 42.42 -32.37
N VAL C 113 -0.66 41.68 -31.56
CA VAL C 113 0.39 42.19 -30.66
C VAL C 113 1.67 41.83 -31.37
N ALA C 114 2.64 42.71 -31.29
CA ALA C 114 3.89 42.43 -31.98
C ALA C 114 5.03 43.16 -31.34
N ASN C 115 6.19 42.52 -31.32
CA ASN C 115 7.42 43.15 -30.84
C ASN C 115 7.91 44.09 -31.95
N ASP C 116 8.55 45.20 -31.59
CA ASP C 116 9.17 46.06 -32.60
C ASP C 116 10.67 45.75 -32.51
N ILE C 117 11.18 44.89 -33.43
CA ILE C 117 12.60 44.49 -33.49
C ILE C 117 13.53 45.70 -33.63
N THR C 118 13.03 46.85 -34.15
CA THR C 118 13.85 48.06 -34.29
C THR C 118 13.99 48.83 -32.98
N PHE C 119 13.12 48.53 -32.00
CA PHE C 119 13.11 49.20 -30.70
C PHE C 119 13.89 48.37 -29.72
N LYS C 120 15.08 48.86 -29.33
CA LYS C 120 15.95 48.16 -28.36
C LYS C 120 15.99 46.64 -28.62
N ILE C 121 16.33 46.26 -29.87
CA ILE C 121 16.45 44.90 -30.42
C ILE C 121 15.26 43.98 -30.16
N GLY C 122 14.10 44.58 -29.96
CA GLY C 122 12.86 43.90 -29.65
C GLY C 122 12.83 43.23 -28.28
N SER C 123 13.69 43.67 -27.36
CA SER C 123 13.79 43.14 -25.99
C SER C 123 12.51 43.45 -25.19
N PHE C 124 12.23 42.63 -24.17
CA PHE C 124 11.05 42.81 -23.32
C PHE C 124 11.48 43.52 -22.02
N GLY C 125 11.05 44.76 -21.89
CA GLY C 125 11.27 45.55 -20.69
C GLY C 125 9.96 45.53 -19.92
N PRO C 126 9.90 46.15 -18.71
CA PRO C 126 8.63 46.14 -17.95
C PRO C 126 7.44 46.77 -18.66
N GLN C 127 7.68 47.82 -19.46
CA GLN C 127 6.65 48.53 -20.22
C GLN C 127 6.06 47.71 -21.36
N GLU C 128 6.92 46.94 -22.07
CA GLU C 128 6.52 46.07 -23.18
C GLU C 128 5.66 44.94 -22.62
N ASP C 129 6.06 44.40 -21.44
CA ASP C 129 5.40 43.31 -20.72
C ASP C 129 4.05 43.78 -20.19
N GLU C 130 4.01 44.96 -19.55
CA GLU C 130 2.73 45.45 -19.09
C GLU C 130 1.72 45.71 -20.22
N PHE C 131 2.19 46.22 -21.38
CA PHE C 131 1.37 46.47 -22.57
C PHE C 131 0.87 45.16 -23.18
N PHE C 132 1.76 44.14 -23.32
CA PHE C 132 1.42 42.82 -23.87
C PHE C 132 0.31 42.21 -23.03
N ASN C 133 0.44 42.31 -21.69
CA ASN C 133 -0.56 41.81 -20.76
C ASN C 133 -1.86 42.55 -20.93
N LYS C 134 -1.82 43.90 -20.97
CA LYS C 134 -2.99 44.77 -21.16
C LYS C 134 -3.77 44.39 -22.42
N VAL C 135 -3.05 44.15 -23.55
CA VAL C 135 -3.63 43.74 -24.85
C VAL C 135 -4.26 42.35 -24.76
N THR C 136 -3.61 41.41 -24.07
CA THR C 136 -4.10 40.05 -23.87
C THR C 136 -5.42 40.11 -23.12
N GLU C 137 -5.49 40.87 -22.02
CA GLU C 137 -6.70 41.06 -21.22
C GLU C 137 -7.81 41.73 -22.05
N TYR C 138 -7.43 42.69 -22.89
CA TYR C 138 -8.34 43.39 -23.81
C TYR C 138 -9.03 42.37 -24.73
N ALA C 139 -8.25 41.47 -25.33
CA ALA C 139 -8.74 40.42 -26.25
C ALA C 139 -9.65 39.46 -25.51
N ARG C 140 -9.22 38.99 -24.35
CA ARG C 140 -9.94 38.05 -23.47
C ARG C 140 -11.24 38.61 -22.99
N LYS C 141 -11.29 39.86 -22.52
CA LYS C 141 -12.54 40.49 -22.09
C LYS C 141 -13.57 40.46 -23.23
N ARG C 142 -13.14 40.75 -24.46
CA ARG C 142 -13.98 40.76 -25.65
C ARG C 142 -14.22 39.39 -26.29
N GLY C 143 -13.46 38.37 -25.89
CA GLY C 143 -13.56 37.04 -26.47
C GLY C 143 -12.96 36.88 -27.85
N ILE C 144 -12.24 37.89 -28.34
CA ILE C 144 -11.67 37.94 -29.70
C ILE C 144 -10.30 37.33 -29.81
N PRO C 145 -9.93 36.69 -30.96
CA PRO C 145 -8.59 36.09 -31.07
C PRO C 145 -7.40 37.04 -30.79
N ARG C 146 -6.27 36.47 -30.31
CA ARG C 146 -5.06 37.24 -30.08
C ARG C 146 -3.98 36.63 -30.92
N ILE C 147 -3.48 37.40 -31.89
CA ILE C 147 -2.40 37.00 -32.82
C ILE C 147 -1.15 37.69 -32.30
N TYR C 148 -0.09 36.93 -32.03
CA TYR C 148 1.19 37.48 -31.58
C TYR C 148 2.25 37.30 -32.66
N LEU C 149 2.95 38.36 -32.99
CA LEU C 149 4.03 38.33 -33.99
C LEU C 149 5.34 38.48 -33.22
N ALA C 150 6.06 37.37 -33.14
CA ALA C 150 7.27 37.27 -32.36
C ALA C 150 8.51 37.63 -33.13
N ALA C 151 9.20 38.67 -32.66
CA ALA C 151 10.44 39.20 -33.24
C ALA C 151 11.18 39.89 -32.10
N ASN C 152 11.89 39.12 -31.28
CA ASN C 152 12.53 39.68 -30.09
C ASN C 152 13.93 39.14 -29.76
N SER C 153 14.50 39.67 -28.65
CA SER C 153 15.79 39.27 -28.08
C SER C 153 15.63 38.85 -26.59
N GLY C 154 14.41 38.49 -26.19
CA GLY C 154 14.08 38.10 -24.82
C GLY C 154 14.05 39.28 -23.88
N ALA C 155 14.15 39.01 -22.56
CA ALA C 155 14.17 40.01 -21.49
C ALA C 155 15.28 41.00 -21.68
N ARG C 156 15.00 42.30 -21.41
CA ARG C 156 15.95 43.42 -21.55
C ARG C 156 17.02 43.28 -20.48
N ILE C 157 18.26 43.57 -20.86
CA ILE C 157 19.41 43.52 -19.94
C ILE C 157 20.05 44.90 -19.88
N GLY C 158 20.60 45.22 -18.72
CA GLY C 158 21.27 46.50 -18.51
C GLY C 158 22.13 46.53 -17.26
N MET C 159 22.80 47.66 -17.06
CA MET C 159 23.65 47.97 -15.91
C MET C 159 23.44 49.42 -15.54
N ALA C 160 23.78 49.79 -14.30
CA ALA C 160 23.66 51.16 -13.82
C ALA C 160 24.83 51.94 -14.42
N GLU C 161 24.59 52.46 -15.65
CA GLU C 161 25.57 53.19 -16.46
C GLU C 161 26.13 54.44 -15.79
N GLU C 162 25.41 54.99 -14.80
CA GLU C 162 25.87 56.16 -14.03
C GLU C 162 26.98 55.80 -13.03
N ILE C 163 27.00 54.55 -12.53
CA ILE C 163 27.99 54.04 -11.56
C ILE C 163 29.31 53.64 -12.26
N VAL C 164 29.24 53.38 -13.58
CA VAL C 164 30.41 53.02 -14.39
C VAL C 164 31.54 54.08 -14.29
N PRO C 165 31.30 55.39 -14.56
CA PRO C 165 32.39 56.36 -14.43
C PRO C 165 32.78 56.75 -13.00
N LEU C 166 31.96 56.37 -12.00
CA LEU C 166 32.18 56.76 -10.60
C LEU C 166 32.93 55.78 -9.73
N PHE C 167 32.59 54.47 -9.83
CA PHE C 167 33.19 53.42 -8.98
C PHE C 167 34.71 53.41 -8.88
N GLN C 168 35.21 53.05 -7.70
CA GLN C 168 36.63 52.94 -7.39
C GLN C 168 36.92 51.52 -6.94
N VAL C 169 38.18 51.09 -7.01
CA VAL C 169 38.61 49.74 -6.64
C VAL C 169 39.56 49.78 -5.43
N ALA C 170 39.29 48.92 -4.43
CA ALA C 170 40.11 48.78 -3.23
C ALA C 170 41.08 47.61 -3.43
N TRP C 171 42.23 47.89 -4.09
CA TRP C 171 43.27 46.92 -4.39
C TRP C 171 43.97 46.48 -3.13
N ASN C 172 44.46 45.23 -3.12
CA ASN C 172 45.20 44.63 -2.02
C ASN C 172 46.57 45.33 -1.91
N ASP C 173 47.16 45.62 -3.09
CA ASP C 173 48.41 46.33 -3.30
C ASP C 173 48.14 47.27 -4.49
N ALA C 174 48.16 48.59 -4.24
CA ALA C 174 47.90 49.60 -5.27
C ALA C 174 48.93 49.55 -6.43
N ALA C 175 50.24 49.47 -6.10
CA ALA C 175 51.35 49.39 -7.07
C ALA C 175 51.29 48.13 -7.96
N ASN C 176 50.77 47.00 -7.41
CA ASN C 176 50.61 45.72 -8.12
C ASN C 176 49.11 45.30 -8.16
N PRO C 177 48.34 45.83 -9.16
CA PRO C 177 46.89 45.52 -9.24
C PRO C 177 46.54 44.06 -9.49
N ASP C 178 47.42 43.34 -10.22
CA ASP C 178 47.33 41.92 -10.60
C ASP C 178 47.04 41.00 -9.40
N LYS C 179 47.50 41.40 -8.18
CA LYS C 179 47.34 40.66 -6.92
C LYS C 179 45.90 40.61 -6.35
N GLY C 180 45.00 41.39 -6.93
CA GLY C 180 43.59 41.39 -6.53
C GLY C 180 43.05 42.66 -5.89
N PHE C 181 41.75 42.62 -5.60
CA PHE C 181 40.95 43.69 -4.98
C PHE C 181 40.02 43.14 -3.91
N GLN C 182 39.69 43.99 -2.91
CA GLN C 182 38.84 43.64 -1.77
C GLN C 182 37.33 43.94 -1.98
N TYR C 183 37.01 45.13 -2.53
CA TYR C 183 35.65 45.61 -2.78
C TYR C 183 35.65 46.77 -3.78
N LEU C 184 34.46 47.21 -4.19
CA LEU C 184 34.25 48.37 -5.06
C LEU C 184 33.66 49.47 -4.16
N TYR C 185 34.04 50.74 -4.39
CA TYR C 185 33.58 51.84 -3.57
C TYR C 185 33.38 53.16 -4.32
N LEU C 186 32.74 54.12 -3.64
CA LEU C 186 32.52 55.47 -4.14
C LEU C 186 33.24 56.46 -3.22
N THR C 187 33.66 57.60 -3.79
CA THR C 187 34.31 58.67 -3.01
C THR C 187 33.22 59.69 -2.67
N SER C 188 33.54 60.71 -1.84
CA SER C 188 32.60 61.79 -1.49
C SER C 188 32.14 62.50 -2.77
N GLU C 189 33.10 62.69 -3.72
CA GLU C 189 32.95 63.32 -5.05
C GLU C 189 32.01 62.47 -5.93
N GLY C 190 32.15 61.15 -5.84
CA GLY C 190 31.29 60.19 -6.53
C GLY C 190 29.89 60.23 -5.95
N MET C 191 29.78 60.23 -4.60
CA MET C 191 28.53 60.31 -3.86
C MET C 191 27.77 61.61 -4.19
N GLU C 192 28.52 62.74 -4.26
CA GLU C 192 27.98 64.06 -4.58
C GLU C 192 27.43 64.13 -5.99
N THR C 193 28.14 63.51 -6.96
CA THR C 193 27.71 63.42 -8.37
C THR C 193 26.29 62.83 -8.44
N LEU C 194 26.01 61.74 -7.69
CA LEU C 194 24.69 61.12 -7.65
C LEU C 194 23.67 62.01 -6.93
N LYS C 195 24.08 62.63 -5.79
CA LYS C 195 23.26 63.56 -4.99
C LYS C 195 22.76 64.72 -5.88
N LYS C 196 23.67 65.25 -6.73
CA LYS C 196 23.46 66.34 -7.69
C LYS C 196 22.45 65.95 -8.79
N PHE C 197 22.59 64.74 -9.38
CA PHE C 197 21.70 64.28 -10.45
C PHE C 197 20.47 63.53 -9.95
N ASP C 198 20.20 63.59 -8.61
CA ASP C 198 19.10 62.93 -7.90
C ASP C 198 19.03 61.40 -8.19
N LYS C 199 20.19 60.76 -8.08
CA LYS C 199 20.40 59.34 -8.31
C LYS C 199 21.10 58.78 -7.05
N GLU C 200 20.72 59.29 -5.86
CA GLU C 200 21.29 58.91 -4.56
C GLU C 200 21.00 57.45 -4.24
N ASN C 201 19.82 56.97 -4.64
CA ASN C 201 19.34 55.59 -4.45
C ASN C 201 19.79 54.63 -5.57
N SER C 202 20.73 55.04 -6.43
CA SER C 202 21.29 54.21 -7.51
C SER C 202 22.23 53.13 -6.93
N VAL C 203 22.79 53.39 -5.72
CA VAL C 203 23.66 52.46 -4.99
C VAL C 203 23.22 52.32 -3.54
N LEU C 204 23.61 51.21 -2.90
CA LEU C 204 23.43 50.94 -1.49
C LEU C 204 24.84 50.90 -0.95
N THR C 205 25.23 51.93 -0.19
CA THR C 205 26.59 52.03 0.32
C THR C 205 26.69 51.90 1.84
N GLU C 206 27.89 51.61 2.32
CA GLU C 206 28.23 51.49 3.73
C GLU C 206 29.54 52.23 3.91
N ARG C 207 29.53 53.35 4.65
CA ARG C 207 30.76 54.13 4.84
C ARG C 207 31.81 53.44 5.72
N THR C 208 33.05 53.56 5.27
CA THR C 208 34.25 53.04 5.92
C THR C 208 35.35 54.10 5.82
N VAL C 209 36.31 54.07 6.75
CA VAL C 209 37.42 55.01 6.74
C VAL C 209 38.75 54.28 6.66
N ILE C 210 39.43 54.44 5.51
CA ILE C 210 40.71 53.78 5.25
C ILE C 210 41.84 54.77 5.04
N ASN C 211 42.77 54.75 6.01
CA ASN C 211 43.97 55.58 6.11
C ASN C 211 43.65 57.07 5.94
N GLY C 212 42.67 57.52 6.74
CA GLY C 212 42.21 58.91 6.79
C GLY C 212 41.01 59.24 5.94
N GLU C 213 41.08 58.90 4.64
CA GLU C 213 40.04 59.16 3.62
C GLU C 213 38.85 58.21 3.77
N GLU C 214 37.63 58.73 3.54
CA GLU C 214 36.35 57.99 3.63
C GLU C 214 35.96 57.34 2.31
N ARG C 215 35.66 56.03 2.39
CA ARG C 215 35.28 55.16 1.29
C ARG C 215 33.83 54.70 1.47
N PHE C 216 32.99 54.84 0.42
CA PHE C 216 31.58 54.43 0.47
C PHE C 216 31.45 53.11 -0.28
N VAL C 217 31.61 52.00 0.47
CA VAL C 217 31.60 50.61 -0.01
C VAL C 217 30.27 50.23 -0.68
N ILE C 218 30.32 49.94 -2.00
CA ILE C 218 29.13 49.54 -2.77
C ILE C 218 28.75 48.13 -2.32
N LYS C 219 27.54 48.02 -1.78
CA LYS C 219 27.00 46.77 -1.25
C LYS C 219 25.95 46.16 -2.21
N THR C 220 25.28 47.02 -2.98
CA THR C 220 24.33 46.66 -4.05
C THR C 220 24.27 47.83 -5.03
N ILE C 221 24.23 47.52 -6.34
CA ILE C 221 24.03 48.52 -7.40
C ILE C 221 22.57 48.34 -7.82
N ILE C 222 21.74 49.42 -7.71
CA ILE C 222 20.33 49.39 -8.10
C ILE C 222 20.09 49.97 -9.51
N GLY C 223 20.64 51.17 -9.76
CA GLY C 223 20.49 51.86 -11.02
C GLY C 223 19.27 52.76 -11.07
N SER C 224 19.39 53.90 -11.78
CA SER C 224 18.30 54.87 -11.92
C SER C 224 17.33 54.45 -13.06
N GLU C 225 17.87 53.81 -14.11
CA GLU C 225 17.11 53.33 -15.25
C GLU C 225 16.34 52.05 -14.90
N ASP C 226 15.12 51.93 -15.43
CA ASP C 226 14.25 50.78 -15.23
C ASP C 226 14.41 49.82 -16.42
N GLY C 227 14.37 48.53 -16.14
CA GLY C 227 14.48 47.52 -17.17
C GLY C 227 15.87 46.98 -17.36
N LEU C 228 16.59 46.81 -16.24
CA LEU C 228 17.97 46.32 -16.17
C LEU C 228 18.06 44.80 -15.90
N GLY C 229 17.17 44.29 -15.05
CA GLY C 229 17.22 42.90 -14.64
C GLY C 229 15.93 42.27 -14.14
N VAL C 230 15.86 41.98 -12.82
CA VAL C 230 14.72 41.27 -12.20
C VAL C 230 13.34 41.82 -12.51
N GLU C 231 13.22 43.17 -12.64
CA GLU C 231 11.96 43.82 -13.02
C GLU C 231 11.47 43.33 -14.39
N CYS C 232 12.41 42.93 -15.29
CA CYS C 232 12.12 42.37 -16.62
C CYS C 232 11.66 40.94 -16.49
N LEU C 233 12.25 40.21 -15.50
CA LEU C 233 11.91 38.82 -15.22
C LEU C 233 10.50 38.71 -14.63
N ARG C 234 10.12 39.66 -13.73
CA ARG C 234 8.75 39.74 -13.17
C ARG C 234 7.75 39.88 -14.33
N GLY C 235 8.02 40.82 -15.24
CA GLY C 235 7.19 41.06 -16.42
C GLY C 235 7.05 39.84 -17.33
N SER C 236 8.13 39.05 -17.46
CA SER C 236 8.15 37.83 -18.27
C SER C 236 7.19 36.84 -17.67
N GLY C 237 7.28 36.62 -16.36
CA GLY C 237 6.40 35.74 -15.61
C GLY C 237 4.95 36.14 -15.79
N LEU C 238 4.69 37.47 -15.67
CA LEU C 238 3.36 38.02 -15.87
C LEU C 238 2.79 37.63 -17.24
N ILE C 239 3.55 37.88 -18.34
CA ILE C 239 3.08 37.56 -19.69
C ILE C 239 2.98 36.07 -20.01
N ALA C 240 3.82 35.24 -19.37
CA ALA C 240 3.79 33.79 -19.52
C ALA C 240 2.46 33.25 -18.92
N GLY C 241 2.11 33.73 -17.73
CA GLY C 241 0.86 33.34 -17.06
C GLY C 241 -0.35 33.85 -17.81
N ALA C 242 -0.26 35.10 -18.32
CA ALA C 242 -1.32 35.73 -19.13
C ALA C 242 -1.64 34.90 -20.38
N THR C 243 -0.60 34.37 -21.07
CA THR C 243 -0.74 33.58 -22.29
C THR C 243 -1.26 32.19 -22.01
N SER C 244 -0.78 31.57 -20.92
CA SER C 244 -1.27 30.28 -20.44
C SER C 244 -2.82 30.32 -20.29
N ARG C 245 -3.37 31.42 -19.70
CA ARG C 245 -4.78 31.69 -19.47
C ARG C 245 -5.53 32.01 -20.75
N ALA C 246 -4.92 32.81 -21.62
CA ALA C 246 -5.49 33.23 -22.88
C ALA C 246 -5.80 31.99 -23.74
N TYR C 247 -4.87 30.99 -23.78
CA TYR C 247 -5.05 29.74 -24.54
C TYR C 247 -6.37 29.00 -24.23
N HIS C 248 -6.84 29.07 -22.97
CA HIS C 248 -8.06 28.43 -22.49
C HIS C 248 -9.33 29.25 -22.72
N ASP C 249 -9.16 30.49 -23.10
CA ASP C 249 -10.20 31.49 -23.19
C ASP C 249 -10.47 32.00 -24.58
N ILE C 250 -9.39 32.21 -25.38
CA ILE C 250 -9.52 32.78 -26.71
C ILE C 250 -8.70 32.03 -27.72
N PHE C 251 -8.90 32.34 -28.99
CA PHE C 251 -8.07 31.72 -30.01
C PHE C 251 -6.70 32.42 -29.96
N THR C 252 -5.62 31.69 -29.67
CA THR C 252 -4.27 32.23 -29.63
C THR C 252 -3.42 31.59 -30.76
N ILE C 253 -2.69 32.41 -31.48
CA ILE C 253 -1.77 31.97 -32.55
C ILE C 253 -0.57 32.90 -32.55
N THR C 254 0.60 32.38 -32.91
CA THR C 254 1.86 33.13 -32.94
C THR C 254 2.54 32.91 -34.29
N LEU C 255 3.04 33.99 -34.91
CA LEU C 255 3.84 33.87 -36.11
C LEU C 255 5.27 34.26 -35.72
N VAL C 256 6.19 33.27 -35.78
CA VAL C 256 7.62 33.44 -35.48
C VAL C 256 8.22 34.04 -36.76
N THR C 257 8.20 35.38 -36.81
CA THR C 257 8.59 36.23 -37.94
C THR C 257 10.09 36.56 -37.91
N CYS C 258 10.63 36.55 -36.71
CA CYS C 258 12.05 36.80 -36.48
C CYS C 258 12.45 35.96 -35.28
N ARG C 259 13.73 35.90 -34.92
CA ARG C 259 14.13 35.10 -33.76
C ARG C 259 13.30 35.44 -32.50
N SER C 260 12.94 34.41 -31.73
CA SER C 260 12.16 34.52 -30.50
C SER C 260 12.99 33.87 -29.39
N VAL C 261 13.46 34.71 -28.48
CA VAL C 261 14.40 34.30 -27.45
C VAL C 261 13.81 34.31 -26.03
N GLY C 262 14.23 33.33 -25.20
CA GLY C 262 13.84 33.19 -23.79
C GLY C 262 12.34 33.30 -23.55
N ILE C 263 11.88 34.40 -22.92
CA ILE C 263 10.43 34.62 -22.74
C ILE C 263 9.70 34.51 -24.09
N GLY C 264 10.32 35.04 -25.17
CA GLY C 264 9.80 34.98 -26.52
C GLY C 264 9.49 33.56 -26.94
N ALA C 265 10.40 32.59 -26.67
CA ALA C 265 10.22 31.17 -27.00
C ALA C 265 9.07 30.56 -26.18
N TYR C 266 9.00 30.90 -24.88
CA TYR C 266 7.93 30.45 -23.99
C TYR C 266 6.57 30.93 -24.42
N LEU C 267 6.49 32.20 -24.86
CA LEU C 267 5.26 32.80 -25.39
C LEU C 267 4.79 32.06 -26.62
N VAL C 268 5.75 31.64 -27.50
CA VAL C 268 5.33 30.87 -28.67
C VAL C 268 4.69 29.53 -28.27
N ARG C 269 5.24 28.81 -27.26
CA ARG C 269 4.67 27.56 -26.78
C ARG C 269 3.39 27.76 -26.01
N LEU C 270 3.35 28.72 -25.07
CA LEU C 270 2.17 28.93 -24.21
C LEU C 270 0.88 29.24 -24.98
N GLY C 271 0.99 29.93 -26.12
CA GLY C 271 -0.10 30.23 -27.03
C GLY C 271 -0.45 29.02 -27.88
N GLN C 272 0.37 27.96 -27.81
CA GLN C 272 0.23 26.65 -28.48
C GLN C 272 0.32 26.69 -30.02
N ARG C 273 -0.71 27.28 -30.68
CA ARG C 273 -0.74 27.38 -32.13
C ARG C 273 0.43 28.31 -32.65
N ALA C 274 1.37 27.73 -33.40
CA ALA C 274 2.53 28.47 -33.92
C ALA C 274 2.86 28.15 -35.37
N ILE C 275 3.16 29.19 -36.13
CA ILE C 275 3.59 29.12 -37.52
C ILE C 275 4.99 29.75 -37.51
N GLN C 276 6.00 28.98 -37.94
CA GLN C 276 7.38 29.42 -37.93
C GLN C 276 7.88 29.74 -39.33
N VAL C 277 8.39 30.97 -39.54
CA VAL C 277 8.92 31.38 -40.84
C VAL C 277 10.32 30.73 -40.98
N GLU C 278 10.57 30.08 -42.12
CA GLU C 278 11.83 29.41 -42.38
C GLU C 278 13.01 30.34 -42.14
N GLY C 279 13.98 29.84 -41.39
CA GLY C 279 15.19 30.61 -41.09
C GLY C 279 15.10 31.51 -39.89
N GLN C 280 13.96 31.51 -39.17
CA GLN C 280 13.74 32.32 -37.94
C GLN C 280 13.72 31.40 -36.71
N PRO C 281 14.76 31.41 -35.85
CA PRO C 281 14.77 30.47 -34.71
C PRO C 281 13.98 30.81 -33.43
N ILE C 282 13.47 29.75 -32.78
CA ILE C 282 12.82 29.79 -31.48
C ILE C 282 13.91 29.22 -30.54
N ILE C 283 14.65 30.11 -29.83
CA ILE C 283 15.73 29.65 -28.96
C ILE C 283 15.57 30.04 -27.49
N LEU C 284 16.21 29.26 -26.61
CA LEU C 284 16.26 29.56 -25.18
C LEU C 284 17.61 30.20 -24.87
N THR C 285 18.69 29.54 -25.27
CA THR C 285 20.06 30.00 -25.10
C THR C 285 20.67 30.06 -26.52
N GLY C 286 21.44 31.12 -26.79
CA GLY C 286 22.10 31.29 -28.08
C GLY C 286 23.28 30.34 -28.20
N ALA C 287 23.65 29.98 -29.43
CA ALA C 287 24.77 29.07 -29.71
C ALA C 287 26.08 29.55 -29.09
N SER C 288 26.42 30.86 -29.19
CA SER C 288 27.67 31.35 -28.61
C SER C 288 27.68 31.31 -27.08
N ALA C 289 26.52 31.55 -26.44
CA ALA C 289 26.41 31.45 -24.98
C ALA C 289 26.64 29.99 -24.56
N LEU C 290 25.99 29.03 -25.26
CA LEU C 290 26.15 27.59 -25.02
C LEU C 290 27.60 27.14 -25.17
N ASN C 291 28.28 27.63 -26.22
CA ASN C 291 29.69 27.33 -26.49
C ASN C 291 30.55 27.67 -25.29
N LYS C 292 30.37 28.89 -24.69
CA LYS C 292 31.16 29.32 -23.52
C LYS C 292 30.93 28.37 -22.35
N VAL C 293 29.68 28.01 -22.07
CA VAL C 293 29.29 27.09 -20.98
C VAL C 293 29.94 25.68 -21.18
N LEU C 294 30.03 25.21 -22.45
CA LEU C 294 30.58 23.88 -22.79
C LEU C 294 32.11 23.88 -22.99
N GLY C 295 32.68 25.07 -23.22
CA GLY C 295 34.10 25.24 -23.45
C GLY C 295 34.41 25.24 -24.94
N ARG C 296 34.12 24.08 -25.60
CA ARG C 296 34.35 23.84 -27.04
C ARG C 296 33.38 24.62 -27.93
N GLU C 297 33.77 24.84 -29.20
CA GLU C 297 32.92 25.54 -30.16
C GLU C 297 32.01 24.53 -30.89
N VAL C 298 31.06 23.96 -30.10
CA VAL C 298 30.05 22.96 -30.45
C VAL C 298 29.04 23.37 -31.52
N TYR C 299 28.36 24.51 -31.36
CA TYR C 299 27.34 24.96 -32.31
C TYR C 299 27.82 26.12 -33.18
N THR C 300 27.35 26.17 -34.45
CA THR C 300 27.74 27.20 -35.42
C THR C 300 26.65 28.23 -35.66
N SER C 301 25.37 27.85 -35.46
CA SER C 301 24.24 28.77 -35.63
C SER C 301 23.10 28.52 -34.64
N ASN C 302 22.26 29.54 -34.42
CA ASN C 302 21.06 29.43 -33.59
C ASN C 302 20.01 28.57 -34.27
N LEU C 303 20.12 28.40 -35.60
CA LEU C 303 19.21 27.59 -36.37
C LEU C 303 19.35 26.11 -36.06
N GLN C 304 20.55 25.68 -35.60
CA GLN C 304 20.81 24.31 -35.17
C GLN C 304 19.96 23.99 -33.97
N LEU C 305 19.76 24.98 -33.09
CA LEU C 305 19.01 24.90 -31.83
C LEU C 305 17.51 25.07 -31.98
N GLY C 306 17.07 26.09 -32.73
CA GLY C 306 15.64 26.39 -32.87
C GLY C 306 15.08 26.65 -34.24
N GLY C 307 15.72 26.14 -35.28
CA GLY C 307 15.20 26.24 -36.64
C GLY C 307 13.99 25.35 -36.85
N THR C 308 13.36 25.44 -38.05
CA THR C 308 12.16 24.63 -38.36
C THR C 308 12.44 23.14 -38.27
N GLN C 309 13.66 22.72 -38.64
CA GLN C 309 14.10 21.33 -38.61
C GLN C 309 14.15 20.76 -37.16
N ILE C 310 14.00 21.63 -36.15
CA ILE C 310 13.91 21.28 -34.75
C ILE C 310 12.43 21.42 -34.36
N MET C 311 11.91 22.66 -34.42
CA MET C 311 10.56 23.01 -33.96
C MET C 311 9.36 22.45 -34.70
N TYR C 312 9.46 22.31 -36.03
CA TYR C 312 8.38 21.77 -36.88
C TYR C 312 8.40 20.25 -36.73
N ASN C 313 9.59 19.65 -36.65
CA ASN C 313 9.79 18.23 -36.42
C ASN C 313 9.34 17.79 -34.98
N ASN C 314 9.32 18.73 -34.02
CA ASN C 314 8.96 18.65 -32.59
C ASN C 314 7.48 18.69 -32.33
N GLY C 315 6.78 19.49 -33.11
CA GLY C 315 5.39 19.80 -32.87
C GLY C 315 5.26 21.11 -32.10
N VAL C 316 6.39 21.85 -31.89
CA VAL C 316 6.35 23.19 -31.27
C VAL C 316 5.76 24.15 -32.33
N SER C 317 6.21 24.01 -33.59
CA SER C 317 5.71 24.73 -34.75
C SER C 317 4.68 23.83 -35.47
N HIS C 318 3.44 24.32 -35.55
CA HIS C 318 2.33 23.60 -36.16
C HIS C 318 2.45 23.60 -37.66
N LEU C 319 3.00 24.68 -38.21
CA LEU C 319 3.21 24.90 -39.64
C LEU C 319 4.44 25.74 -39.82
N THR C 320 5.01 25.71 -41.01
CA THR C 320 6.16 26.50 -41.44
C THR C 320 5.65 27.46 -42.54
N ALA C 321 6.37 28.55 -42.80
CA ALA C 321 6.03 29.51 -43.85
C ALA C 321 7.29 30.00 -44.53
N VAL C 322 7.24 30.16 -45.85
CA VAL C 322 8.39 30.63 -46.66
C VAL C 322 8.78 32.08 -46.37
N ASP C 323 7.78 32.92 -46.05
CA ASP C 323 7.97 34.34 -45.72
C ASP C 323 6.80 34.83 -44.84
N ASP C 324 6.87 36.09 -44.38
CA ASP C 324 5.87 36.70 -43.52
C ASP C 324 4.48 36.67 -44.11
N LEU C 325 4.32 37.01 -45.41
CA LEU C 325 3.00 36.96 -46.05
C LEU C 325 2.39 35.57 -46.05
N ALA C 326 3.19 34.51 -46.37
CA ALA C 326 2.73 33.11 -46.33
C ALA C 326 2.25 32.78 -44.92
N GLY C 327 2.99 33.22 -43.89
CA GLY C 327 2.60 33.03 -42.50
C GLY C 327 1.28 33.69 -42.18
N VAL C 328 1.12 34.96 -42.61
CA VAL C 328 -0.12 35.72 -42.40
C VAL C 328 -1.31 35.04 -43.12
N GLU C 329 -1.07 34.50 -44.33
CA GLU C 329 -2.05 33.77 -45.10
C GLU C 329 -2.52 32.52 -44.33
N LYS C 330 -1.57 31.79 -43.70
CA LYS C 330 -1.87 30.61 -42.88
C LYS C 330 -2.67 30.97 -41.60
N ILE C 331 -2.40 32.13 -40.97
CA ILE C 331 -3.16 32.61 -39.78
C ILE C 331 -4.62 32.81 -40.19
N VAL C 332 -4.81 33.59 -41.25
CA VAL C 332 -6.08 33.97 -41.82
C VAL C 332 -6.91 32.73 -42.26
N GLU C 333 -6.24 31.71 -42.85
CA GLU C 333 -6.84 30.44 -43.27
C GLU C 333 -7.28 29.61 -42.06
N TRP C 334 -6.42 29.55 -41.00
CA TRP C 334 -6.68 28.83 -39.76
C TRP C 334 -7.87 29.47 -39.09
N MET C 335 -7.90 30.80 -38.96
CA MET C 335 -8.99 31.57 -38.35
C MET C 335 -10.35 31.40 -39.02
N SER C 336 -10.37 31.01 -40.31
CA SER C 336 -11.62 30.82 -41.07
C SER C 336 -12.46 29.64 -40.55
N TYR C 337 -11.86 28.78 -39.68
CA TYR C 337 -12.56 27.66 -39.09
C TYR C 337 -13.02 28.01 -37.70
N VAL C 338 -12.58 29.16 -37.18
CA VAL C 338 -12.78 29.61 -35.80
C VAL C 338 -13.93 30.63 -35.60
N PRO C 339 -14.78 30.47 -34.52
CA PRO C 339 -15.84 31.49 -34.26
C PRO C 339 -15.27 32.91 -34.20
N ALA C 340 -16.08 33.92 -34.57
CA ALA C 340 -15.66 35.33 -34.54
C ALA C 340 -15.19 35.75 -33.16
N LYS C 341 -15.81 35.20 -32.11
CA LYS C 341 -15.46 35.44 -30.71
C LYS C 341 -15.92 34.29 -29.81
N ARG C 342 -15.35 34.19 -28.62
CA ARG C 342 -15.71 33.13 -27.64
C ARG C 342 -17.22 32.94 -27.50
N ASN C 343 -17.65 31.68 -27.56
CA ASN C 343 -19.04 31.26 -27.42
C ASN C 343 -19.98 31.59 -28.56
N MET C 344 -19.47 32.11 -29.66
CA MET C 344 -20.28 32.32 -30.85
C MET C 344 -20.34 30.98 -31.61
N PRO C 345 -21.39 30.70 -32.39
CA PRO C 345 -21.42 29.42 -33.12
C PRO C 345 -20.24 29.27 -34.06
N VAL C 346 -19.83 28.00 -34.35
CA VAL C 346 -18.74 27.72 -35.31
C VAL C 346 -19.10 28.29 -36.70
N PRO C 347 -18.17 28.92 -37.44
CA PRO C 347 -18.56 29.58 -38.70
C PRO C 347 -18.87 28.62 -39.85
N ILE C 348 -20.16 28.47 -40.20
CA ILE C 348 -20.59 27.65 -41.33
C ILE C 348 -20.14 28.36 -42.62
N LEU C 349 -19.63 27.59 -43.59
CA LEU C 349 -19.25 28.11 -44.90
C LEU C 349 -19.47 27.06 -45.96
N GLU C 350 -20.62 27.12 -46.62
CA GLU C 350 -20.91 26.15 -47.67
C GLU C 350 -20.19 26.52 -48.97
N THR C 351 -19.65 25.51 -49.65
CA THR C 351 -18.94 25.71 -50.92
C THR C 351 -19.63 24.90 -52.03
N LYS C 352 -19.04 24.78 -53.25
CA LYS C 352 -19.68 24.02 -54.33
C LYS C 352 -19.96 22.57 -53.92
N ASP C 353 -19.12 22.02 -53.01
CA ASP C 353 -19.24 20.67 -52.49
C ASP C 353 -20.27 20.59 -51.35
N THR C 354 -21.54 20.40 -51.74
CA THR C 354 -22.68 20.28 -50.82
C THR C 354 -22.67 18.90 -50.12
N TRP C 355 -23.45 18.78 -49.03
CA TRP C 355 -23.57 17.57 -48.23
C TRP C 355 -24.16 16.39 -49.00
N ASP C 356 -25.06 16.65 -49.95
CA ASP C 356 -25.82 15.61 -50.64
C ASP C 356 -25.15 14.87 -51.77
N ARG C 357 -24.20 14.00 -51.41
CA ARG C 357 -23.46 13.16 -52.36
C ARG C 357 -22.88 11.96 -51.62
N PRO C 358 -22.61 10.83 -52.32
CA PRO C 358 -21.90 9.74 -51.65
C PRO C 358 -20.40 10.06 -51.51
N VAL C 359 -19.68 9.23 -50.74
CA VAL C 359 -18.24 9.33 -50.57
C VAL C 359 -17.67 8.40 -51.65
N ASP C 360 -16.79 8.92 -52.53
CA ASP C 360 -16.20 8.12 -53.60
C ASP C 360 -14.98 7.30 -53.16
N PHE C 361 -13.94 7.96 -52.60
CA PHE C 361 -12.75 7.21 -52.17
C PHE C 361 -13.07 6.18 -51.09
N THR C 362 -12.85 4.90 -51.40
CA THR C 362 -13.10 3.81 -50.45
C THR C 362 -11.81 2.99 -50.23
N PRO C 363 -11.32 2.89 -48.96
CA PRO C 363 -10.12 2.06 -48.72
C PRO C 363 -10.38 0.57 -48.94
N THR C 364 -9.33 -0.15 -49.37
CA THR C 364 -9.35 -1.60 -49.59
C THR C 364 -8.33 -2.23 -48.65
N ASN C 365 -8.59 -3.48 -48.20
CA ASN C 365 -7.66 -4.16 -47.30
C ASN C 365 -6.38 -4.63 -47.99
N ASP C 366 -6.46 -4.87 -49.30
CA ASP C 366 -5.35 -5.32 -50.13
C ASP C 366 -4.49 -4.19 -50.73
N GLU C 367 -4.99 -2.94 -50.71
CA GLU C 367 -4.27 -1.80 -51.29
C GLU C 367 -3.91 -0.74 -50.26
N THR C 368 -2.67 -0.23 -50.35
CA THR C 368 -2.15 0.85 -49.50
C THR C 368 -2.87 2.16 -49.87
N TYR C 369 -3.22 2.97 -48.85
CA TYR C 369 -3.88 4.25 -49.08
C TYR C 369 -3.32 5.30 -48.15
N ASP C 370 -3.51 6.56 -48.51
CA ASP C 370 -3.16 7.72 -47.70
C ASP C 370 -4.49 8.12 -47.04
N VAL C 371 -4.53 8.20 -45.69
CA VAL C 371 -5.78 8.58 -45.00
C VAL C 371 -6.37 9.90 -45.50
N ARG C 372 -5.51 10.83 -45.98
CA ARG C 372 -5.93 12.14 -46.49
C ARG C 372 -6.91 12.01 -47.65
N TRP C 373 -6.82 10.91 -48.41
CA TRP C 373 -7.74 10.61 -49.51
C TRP C 373 -9.15 10.37 -48.95
N MET C 374 -9.26 9.74 -47.78
CA MET C 374 -10.53 9.46 -47.14
C MET C 374 -11.12 10.74 -46.60
N ILE C 375 -10.25 11.63 -46.10
CA ILE C 375 -10.61 12.91 -45.53
C ILE C 375 -11.08 13.93 -46.60
N GLU C 376 -10.22 14.21 -47.60
CA GLU C 376 -10.46 15.27 -48.59
C GLU C 376 -10.65 14.83 -50.03
N GLY C 377 -10.45 13.55 -50.29
CA GLY C 377 -10.57 13.01 -51.65
C GLY C 377 -9.24 12.98 -52.35
N ARG C 378 -9.25 12.61 -53.64
CA ARG C 378 -8.03 12.56 -54.44
C ARG C 378 -8.25 12.72 -55.93
N GLU C 379 -7.22 13.23 -56.59
CA GLU C 379 -7.23 13.34 -58.04
C GLU C 379 -6.83 11.97 -58.63
N THR C 380 -7.57 11.52 -59.66
CA THR C 380 -7.39 10.25 -60.37
C THR C 380 -7.36 10.61 -61.86
N GLU C 381 -6.82 9.72 -62.71
CA GLU C 381 -6.82 9.95 -64.16
C GLU C 381 -8.25 10.04 -64.72
N SER C 382 -9.20 9.32 -64.08
CA SER C 382 -10.63 9.30 -64.43
C SER C 382 -11.49 10.41 -63.79
N GLY C 383 -10.87 11.27 -62.97
CA GLY C 383 -11.57 12.38 -62.31
C GLY C 383 -11.22 12.57 -60.84
N PHE C 384 -12.05 13.30 -60.09
CA PHE C 384 -11.79 13.52 -58.66
C PHE C 384 -12.71 12.61 -57.84
N GLU C 385 -12.13 11.75 -56.99
CA GLU C 385 -12.90 10.88 -56.09
C GLU C 385 -13.03 11.70 -54.81
N TYR C 386 -14.26 12.13 -54.49
CA TYR C 386 -14.54 12.91 -53.29
C TYR C 386 -14.41 12.03 -52.07
N GLY C 387 -13.95 12.64 -50.98
CA GLY C 387 -13.78 11.97 -49.70
C GLY C 387 -14.90 12.33 -48.75
N LEU C 388 -14.67 12.10 -47.45
CA LEU C 388 -15.68 12.33 -46.44
C LEU C 388 -16.03 13.83 -46.27
N PHE C 389 -15.02 14.70 -46.34
CA PHE C 389 -15.21 16.12 -46.12
C PHE C 389 -15.24 16.94 -47.38
N ASP C 390 -15.56 18.24 -47.26
CA ASP C 390 -15.68 19.15 -48.40
C ASP C 390 -14.36 19.25 -49.19
N LYS C 391 -14.44 19.19 -50.53
CA LYS C 391 -13.30 19.32 -51.43
C LYS C 391 -12.55 20.61 -51.10
N GLY C 392 -11.25 20.48 -50.89
CA GLY C 392 -10.36 21.60 -50.56
C GLY C 392 -10.52 22.20 -49.18
N SER C 393 -11.20 21.50 -48.24
CA SER C 393 -11.41 22.05 -46.89
C SER C 393 -10.40 21.59 -45.87
N PHE C 394 -9.56 20.58 -46.22
CA PHE C 394 -8.61 20.06 -45.26
C PHE C 394 -7.39 20.91 -45.05
N PHE C 395 -7.30 21.52 -43.86
CA PHE C 395 -6.18 22.34 -43.44
C PHE C 395 -5.41 21.54 -42.37
N GLU C 396 -4.39 20.78 -42.79
CA GLU C 396 -3.58 19.94 -41.91
C GLU C 396 -2.62 20.78 -41.10
N THR C 397 -2.50 20.47 -39.78
CA THR C 397 -1.56 21.15 -38.86
C THR C 397 -0.74 20.07 -38.15
N LEU C 398 0.36 20.45 -37.46
CA LEU C 398 1.32 19.56 -36.79
C LEU C 398 1.88 18.52 -37.80
N SER C 399 1.93 18.94 -39.06
CA SER C 399 2.32 18.10 -40.18
C SER C 399 3.76 17.60 -40.19
N GLY C 400 4.62 18.25 -39.42
CA GLY C 400 6.04 17.89 -39.35
C GLY C 400 6.43 16.93 -38.25
N TRP C 401 5.53 16.72 -37.28
CA TRP C 401 5.70 15.91 -36.09
C TRP C 401 4.75 14.70 -36.06
N ALA C 402 5.24 13.59 -35.46
CA ALA C 402 4.51 12.36 -35.23
C ALA C 402 3.50 12.05 -36.35
N LYS C 403 4.02 11.87 -37.56
CA LYS C 403 3.27 11.65 -38.80
C LYS C 403 2.36 10.40 -38.87
N GLY C 404 2.30 9.61 -37.80
CA GLY C 404 1.47 8.42 -37.69
C GLY C 404 0.02 8.78 -37.49
N VAL C 405 -0.24 10.03 -36.98
CA VAL C 405 -1.57 10.65 -36.82
C VAL C 405 -1.61 11.82 -37.75
N VAL C 406 -2.78 12.02 -38.38
CA VAL C 406 -3.03 13.13 -39.30
C VAL C 406 -4.05 14.01 -38.62
N VAL C 407 -3.68 15.28 -38.33
CA VAL C 407 -4.62 16.21 -37.71
C VAL C 407 -4.82 17.45 -38.56
N GLY C 408 -6.05 17.93 -38.57
CA GLY C 408 -6.38 19.14 -39.31
C GLY C 408 -7.77 19.64 -39.06
N ARG C 409 -8.11 20.72 -39.72
CA ARG C 409 -9.46 21.27 -39.68
C ARG C 409 -10.03 20.93 -41.05
N ALA C 410 -11.35 20.74 -41.11
CA ALA C 410 -12.05 20.47 -42.36
C ALA C 410 -13.46 21.06 -42.27
N ARG C 411 -14.26 20.88 -43.33
CA ARG C 411 -15.65 21.29 -43.34
C ARG C 411 -16.53 20.10 -43.83
N LEU C 412 -17.70 19.89 -43.21
CA LEU C 412 -18.68 18.85 -43.55
C LEU C 412 -19.95 19.59 -43.99
N GLY C 413 -20.15 19.71 -45.30
CA GLY C 413 -21.26 20.47 -45.84
C GLY C 413 -21.30 21.92 -45.36
N GLY C 414 -20.12 22.43 -45.02
CA GLY C 414 -19.92 23.79 -44.53
C GLY C 414 -19.59 23.89 -43.07
N ILE C 415 -19.91 22.84 -42.28
CA ILE C 415 -19.68 22.85 -40.83
C ILE C 415 -18.20 22.67 -40.54
N PRO C 416 -17.51 23.64 -39.86
CA PRO C 416 -16.08 23.43 -39.55
C PRO C 416 -15.93 22.46 -38.38
N LEU C 417 -14.88 21.63 -38.40
CA LEU C 417 -14.61 20.68 -37.31
C LEU C 417 -13.14 20.27 -37.34
N GLY C 418 -12.66 19.68 -36.25
CA GLY C 418 -11.32 19.13 -36.19
C GLY C 418 -11.36 17.67 -36.59
N VAL C 419 -10.35 17.20 -37.31
CA VAL C 419 -10.33 15.80 -37.77
C VAL C 419 -9.07 15.13 -37.26
N ILE C 420 -9.18 13.91 -36.76
CA ILE C 420 -8.02 13.08 -36.43
C ILE C 420 -8.16 11.78 -37.21
N GLY C 421 -7.16 11.52 -38.05
CA GLY C 421 -7.07 10.32 -38.86
C GLY C 421 -5.79 9.55 -38.56
N VAL C 422 -5.77 8.25 -38.92
CA VAL C 422 -4.63 7.36 -38.68
C VAL C 422 -3.88 7.04 -39.95
N GLU C 423 -2.55 7.34 -39.97
CA GLU C 423 -1.67 7.01 -41.09
C GLU C 423 -1.36 5.51 -41.05
N THR C 424 -1.83 4.79 -42.07
CA THR C 424 -1.64 3.34 -42.19
C THR C 424 -0.22 2.92 -42.60
N ARG C 425 0.45 3.78 -43.39
CA ARG C 425 1.83 3.57 -43.87
C ARG C 425 2.83 3.70 -42.73
N THR C 426 3.90 2.89 -42.77
CA THR C 426 4.96 2.94 -41.77
C THR C 426 5.66 4.29 -41.82
N VAL C 427 5.87 4.92 -40.68
CA VAL C 427 6.50 6.25 -40.62
C VAL C 427 7.94 6.11 -40.09
N GLU C 428 8.86 6.85 -40.70
CA GLU C 428 10.26 6.95 -40.30
C GLU C 428 10.49 8.37 -39.81
N ASN C 429 11.38 8.54 -38.85
CA ASN C 429 11.78 9.85 -38.36
C ASN C 429 13.22 9.81 -37.95
N LEU C 430 13.94 10.87 -38.28
CA LEU C 430 15.36 10.93 -38.03
C LEU C 430 15.70 11.79 -36.81
N ILE C 431 16.23 11.14 -35.78
CA ILE C 431 16.69 11.83 -34.59
C ILE C 431 18.09 12.35 -34.94
N PRO C 432 18.30 13.68 -34.89
CA PRO C 432 19.63 14.22 -35.26
C PRO C 432 20.75 13.83 -34.29
N ALA C 433 21.99 13.91 -34.74
CA ALA C 433 23.15 13.64 -33.90
C ALA C 433 23.38 14.86 -32.99
N ASP C 434 23.61 14.61 -31.69
CA ASP C 434 23.86 15.63 -30.67
C ASP C 434 25.27 16.20 -30.89
N PRO C 435 25.43 17.48 -31.32
CA PRO C 435 26.79 18.01 -31.57
C PRO C 435 27.65 18.10 -30.30
N ALA C 436 27.00 18.16 -29.12
CA ALA C 436 27.65 18.22 -27.81
C ALA C 436 28.28 16.89 -27.39
N ASN C 437 27.81 15.77 -28.00
CA ASN C 437 28.34 14.43 -27.72
C ASN C 437 29.12 13.93 -28.93
N PRO C 438 30.45 13.71 -28.79
CA PRO C 438 31.25 13.22 -29.94
C PRO C 438 30.91 11.76 -30.32
N ASN C 439 30.41 10.98 -29.33
CA ASN C 439 30.01 9.57 -29.48
C ASN C 439 28.48 9.49 -29.68
N SER C 440 27.98 10.27 -30.67
CA SER C 440 26.57 10.34 -31.02
C SER C 440 26.40 10.52 -32.53
N ALA C 441 25.56 9.66 -33.12
CA ALA C 441 25.22 9.64 -34.54
C ALA C 441 23.71 9.64 -34.71
N GLU C 442 23.24 10.12 -35.86
CA GLU C 442 21.81 10.18 -36.20
C GLU C 442 21.14 8.80 -36.13
N THR C 443 19.95 8.74 -35.51
CA THR C 443 19.16 7.53 -35.35
C THR C 443 17.92 7.61 -36.23
N LEU C 444 17.60 6.49 -36.92
CA LEU C 444 16.38 6.39 -37.73
C LEU C 444 15.41 5.44 -37.02
N ILE C 445 14.22 5.95 -36.71
CA ILE C 445 13.17 5.20 -36.01
C ILE C 445 12.04 4.87 -36.96
N GLN C 446 11.69 3.58 -37.06
CA GLN C 446 10.54 3.10 -37.81
C GLN C 446 9.39 2.93 -36.80
N GLN C 447 8.16 3.27 -37.19
CA GLN C 447 6.98 3.13 -36.36
C GLN C 447 5.86 2.59 -37.23
N ALA C 448 5.36 1.41 -36.86
CA ALA C 448 4.27 0.74 -37.58
C ALA C 448 3.00 1.59 -37.61
N GLY C 449 2.26 1.51 -38.72
CA GLY C 449 0.98 2.19 -38.88
C GLY C 449 -0.10 1.59 -38.00
N GLN C 450 -1.18 2.35 -37.69
CA GLN C 450 -2.28 1.91 -36.84
C GLN C 450 -1.87 1.50 -35.42
N VAL C 451 -0.76 2.07 -34.91
CA VAL C 451 -0.24 1.83 -33.55
C VAL C 451 0.06 3.22 -32.96
N TRP C 452 -0.47 3.50 -31.75
CA TRP C 452 -0.16 4.74 -31.04
C TRP C 452 1.19 4.54 -30.33
N PHE C 453 2.16 5.48 -30.53
CA PHE C 453 3.47 5.54 -29.92
C PHE C 453 3.51 6.77 -29.00
N PRO C 454 4.54 6.97 -28.12
CA PRO C 454 4.54 8.19 -27.28
C PRO C 454 4.25 9.48 -28.06
N ASN C 455 4.95 9.68 -29.20
CA ASN C 455 4.78 10.87 -30.03
C ASN C 455 3.37 11.01 -30.63
N SER C 456 2.83 9.95 -31.31
CA SER C 456 1.49 10.01 -31.87
C SER C 456 0.40 10.14 -30.80
N ALA C 457 0.59 9.56 -29.60
CA ALA C 457 -0.39 9.71 -28.51
C ALA C 457 -0.39 11.18 -28.01
N PHE C 458 0.80 11.79 -27.86
CA PHE C 458 0.96 13.18 -27.48
C PHE C 458 0.28 14.11 -28.52
N LYS C 459 0.53 13.88 -29.82
CA LYS C 459 -0.07 14.68 -30.89
C LYS C 459 -1.58 14.58 -30.88
N THR C 460 -2.12 13.37 -30.68
CA THR C 460 -3.55 13.09 -30.57
C THR C 460 -4.14 13.92 -29.44
N ALA C 461 -3.57 13.82 -28.23
CA ALA C 461 -4.00 14.59 -27.08
C ALA C 461 -3.93 16.08 -27.37
N GLN C 462 -2.81 16.56 -27.99
CA GLN C 462 -2.56 17.95 -28.36
C GLN C 462 -3.61 18.50 -29.27
N ALA C 463 -3.98 17.76 -30.35
CA ALA C 463 -4.96 18.17 -31.33
C ALA C 463 -6.32 18.36 -30.69
N ILE C 464 -6.72 17.37 -29.84
CA ILE C 464 -7.98 17.40 -29.10
C ILE C 464 -8.06 18.66 -28.28
N ASN C 465 -7.01 18.96 -27.51
CA ASN C 465 -7.01 20.19 -26.70
C ASN C 465 -7.06 21.43 -27.55
N ASP C 466 -6.27 21.51 -28.66
CA ASP C 466 -6.27 22.68 -29.55
C ASP C 466 -7.57 22.90 -30.30
N PHE C 467 -8.32 21.83 -30.61
CA PHE C 467 -9.66 21.96 -31.20
C PHE C 467 -10.64 22.51 -30.16
N ASN C 468 -10.44 22.12 -28.90
CA ASN C 468 -11.35 22.47 -27.83
C ASN C 468 -11.20 23.90 -27.37
N ASN C 469 -9.98 24.28 -26.86
CA ASN C 469 -9.76 25.62 -26.34
C ASN C 469 -9.60 26.61 -27.47
N GLY C 470 -10.28 27.74 -27.32
CA GLY C 470 -10.23 28.84 -28.27
C GLY C 470 -10.92 28.55 -29.60
N GLU C 471 -10.48 27.47 -30.30
CA GLU C 471 -11.12 27.02 -31.55
C GLU C 471 -12.58 26.65 -31.32
N GLN C 472 -12.91 26.01 -30.17
CA GLN C 472 -14.25 25.60 -29.77
C GLN C 472 -14.98 24.84 -30.85
N LEU C 473 -14.29 23.91 -31.48
CA LEU C 473 -14.81 23.14 -32.60
C LEU C 473 -15.35 21.76 -32.22
N PRO C 474 -16.35 21.22 -32.99
CA PRO C 474 -16.70 19.81 -32.81
C PRO C 474 -15.56 18.97 -33.43
N MET C 475 -15.58 17.67 -33.19
CA MET C 475 -14.45 16.86 -33.68
C MET C 475 -14.91 15.51 -34.14
N MET C 476 -14.18 15.00 -35.15
CA MET C 476 -14.32 13.65 -35.65
C MET C 476 -12.96 12.92 -35.59
N ILE C 477 -12.96 11.74 -34.99
CA ILE C 477 -11.81 10.86 -34.94
C ILE C 477 -12.19 9.65 -35.78
N LEU C 478 -11.46 9.41 -36.86
CA LEU C 478 -11.63 8.25 -37.70
C LEU C 478 -10.70 7.23 -37.06
N ALA C 479 -11.15 6.63 -35.92
CA ALA C 479 -10.37 5.73 -35.07
C ALA C 479 -10.00 4.50 -35.77
N ASN C 480 -8.69 4.21 -35.86
CA ASN C 480 -8.16 3.04 -36.53
C ASN C 480 -6.80 2.65 -35.93
N TRP C 481 -6.81 2.23 -34.67
CA TRP C 481 -5.57 1.83 -33.99
C TRP C 481 -5.68 0.42 -33.47
N ARG C 482 -4.59 -0.33 -33.56
CA ARG C 482 -4.48 -1.70 -33.07
C ARG C 482 -4.24 -1.68 -31.55
N GLY C 483 -3.72 -0.55 -31.05
CA GLY C 483 -3.43 -0.31 -29.66
C GLY C 483 -2.22 0.60 -29.49
N PHE C 484 -1.60 0.54 -28.31
CA PHE C 484 -0.40 1.32 -28.00
C PHE C 484 0.81 0.40 -28.12
N SER C 485 2.00 0.95 -28.37
CA SER C 485 3.22 0.15 -28.41
C SER C 485 3.62 -0.23 -26.98
N GLY C 486 3.49 -1.50 -26.67
CA GLY C 486 3.80 -2.04 -25.34
C GLY C 486 5.21 -2.53 -25.19
N GLY C 487 6.04 -2.32 -26.22
CA GLY C 487 7.44 -2.72 -26.23
C GLY C 487 8.28 -1.94 -25.26
N GLN C 488 9.46 -2.47 -24.94
CA GLN C 488 10.36 -1.87 -23.96
C GLN C 488 10.71 -0.40 -24.12
N ARG C 489 11.22 -0.01 -25.30
CA ARG C 489 11.60 1.37 -25.59
C ARG C 489 10.44 2.34 -25.37
N ASP C 490 9.24 2.00 -25.89
CA ASP C 490 8.04 2.83 -25.82
C ASP C 490 7.44 2.93 -24.43
N MET C 491 7.58 1.85 -23.66
CA MET C 491 7.15 1.82 -22.27
C MET C 491 8.10 2.69 -21.46
N PHE C 492 9.40 2.53 -21.68
CA PHE C 492 10.40 3.38 -21.07
C PHE C 492 10.18 4.84 -21.48
N ASN C 493 9.77 5.11 -22.73
CA ASN C 493 9.50 6.48 -23.18
C ASN C 493 8.13 6.99 -22.81
N GLU C 494 7.54 6.38 -21.76
CA GLU C 494 6.31 6.80 -21.11
C GLU C 494 5.07 6.79 -21.98
N VAL C 495 4.89 5.78 -22.85
CA VAL C 495 3.68 5.74 -23.65
C VAL C 495 2.40 5.87 -22.80
N LEU C 496 2.37 5.28 -21.58
CA LEU C 496 1.21 5.35 -20.65
C LEU C 496 0.85 6.79 -20.29
N LYS C 497 1.87 7.66 -20.12
CA LYS C 497 1.66 9.06 -19.78
C LYS C 497 0.89 9.76 -20.89
N TYR C 498 1.33 9.59 -22.16
CA TYR C 498 0.74 10.21 -23.34
C TYR C 498 -0.60 9.74 -23.68
N GLY C 499 -0.81 8.43 -23.55
CA GLY C 499 -2.12 7.82 -23.76
C GLY C 499 -3.12 8.39 -22.78
N SER C 500 -2.71 8.54 -21.50
CA SER C 500 -3.58 9.12 -20.48
C SER C 500 -3.99 10.58 -20.76
N PHE C 501 -3.12 11.37 -21.41
CA PHE C 501 -3.44 12.74 -21.81
C PHE C 501 -4.64 12.74 -22.76
N ILE C 502 -4.80 11.70 -23.60
CA ILE C 502 -5.91 11.60 -24.56
C ILE C 502 -7.23 11.57 -23.75
N VAL C 503 -7.29 10.72 -22.71
CA VAL C 503 -8.46 10.60 -21.83
C VAL C 503 -8.78 11.97 -21.22
N ASP C 504 -7.78 12.65 -20.64
CA ASP C 504 -7.94 13.95 -20.03
C ASP C 504 -8.46 14.99 -21.03
N ALA C 505 -7.95 14.93 -22.26
CA ALA C 505 -8.34 15.87 -23.32
C ALA C 505 -9.83 15.71 -23.70
N LEU C 506 -10.31 14.46 -23.77
CA LEU C 506 -11.70 14.07 -24.05
C LEU C 506 -12.63 14.43 -22.92
N VAL C 507 -12.22 14.25 -21.66
CA VAL C 507 -13.00 14.62 -20.48
C VAL C 507 -13.34 16.12 -20.51
N ASP C 508 -12.38 16.96 -20.98
CA ASP C 508 -12.54 18.42 -21.01
C ASP C 508 -13.28 18.99 -22.24
N TYR C 509 -13.55 18.15 -23.26
CA TYR C 509 -14.15 18.56 -24.50
C TYR C 509 -15.56 19.11 -24.33
N LYS C 510 -15.85 20.32 -24.89
CA LYS C 510 -17.16 20.94 -24.67
C LYS C 510 -18.04 21.05 -25.93
N GLN C 511 -17.66 20.36 -27.03
CA GLN C 511 -18.44 20.41 -28.29
C GLN C 511 -18.71 18.96 -28.79
N PRO C 512 -19.71 18.76 -29.69
CA PRO C 512 -19.98 17.40 -30.20
C PRO C 512 -18.73 16.65 -30.66
N ILE C 513 -18.62 15.33 -30.33
CA ILE C 513 -17.53 14.45 -30.77
C ILE C 513 -18.14 13.24 -31.42
N ILE C 514 -17.63 12.88 -32.61
CA ILE C 514 -17.99 11.68 -33.35
C ILE C 514 -16.74 10.83 -33.44
N ILE C 515 -16.81 9.58 -32.92
CA ILE C 515 -15.75 8.56 -33.07
C ILE C 515 -16.34 7.63 -34.13
N TYR C 516 -15.59 7.38 -35.20
CA TYR C 516 -16.04 6.54 -36.29
C TYR C 516 -14.95 5.55 -36.67
N ILE C 517 -15.18 4.24 -36.49
CA ILE C 517 -14.20 3.20 -36.92
C ILE C 517 -14.52 3.04 -38.42
N PRO C 518 -13.63 3.52 -39.33
CA PRO C 518 -13.97 3.49 -40.76
C PRO C 518 -13.86 2.13 -41.45
N PRO C 519 -14.26 2.00 -42.75
CA PRO C 519 -14.06 0.72 -43.45
C PRO C 519 -12.57 0.36 -43.47
N THR C 520 -12.23 -0.95 -43.31
CA THR C 520 -10.87 -1.52 -43.18
C THR C 520 -10.25 -1.13 -41.83
N GLY C 521 -11.00 -0.40 -41.03
CA GLY C 521 -10.52 0.09 -39.74
C GLY C 521 -10.70 -0.87 -38.58
N GLU C 522 -9.96 -0.62 -37.51
CA GLU C 522 -10.03 -1.43 -36.31
C GLU C 522 -9.77 -0.66 -35.02
N LEU C 523 -10.25 -1.20 -33.92
CA LEU C 523 -10.08 -0.67 -32.59
C LEU C 523 -9.96 -1.88 -31.68
N ARG C 524 -8.92 -1.94 -30.86
CA ARG C 524 -8.66 -3.10 -30.00
C ARG C 524 -8.55 -2.70 -28.53
N GLY C 525 -8.33 -3.70 -27.67
CA GLY C 525 -8.20 -3.55 -26.23
C GLY C 525 -7.67 -2.23 -25.73
N GLY C 526 -6.42 -1.91 -26.02
CA GLY C 526 -5.79 -0.67 -25.58
C GLY C 526 -6.26 0.60 -26.26
N SER C 527 -6.51 0.56 -27.56
CA SER C 527 -6.92 1.76 -28.28
C SER C 527 -8.37 2.17 -27.97
N TRP C 528 -9.32 1.18 -27.88
CA TRP C 528 -10.72 1.45 -27.56
C TRP C 528 -10.88 2.13 -26.21
N VAL C 529 -10.10 1.70 -25.19
CA VAL C 529 -10.18 2.29 -23.87
C VAL C 529 -10.09 3.80 -23.88
N VAL C 530 -9.19 4.39 -24.70
CA VAL C 530 -9.02 5.84 -24.72
C VAL C 530 -10.01 6.64 -25.57
N VAL C 531 -10.84 5.97 -26.39
CA VAL C 531 -11.79 6.71 -27.23
C VAL C 531 -13.24 6.37 -26.98
N ASP C 532 -13.53 5.51 -25.98
CA ASP C 532 -14.91 5.12 -25.72
C ASP C 532 -15.80 6.32 -25.33
N PRO C 533 -17.04 6.43 -25.91
CA PRO C 533 -17.92 7.56 -25.53
C PRO C 533 -18.30 7.71 -24.06
N THR C 534 -18.10 6.68 -23.20
CA THR C 534 -18.41 6.83 -21.77
C THR C 534 -17.37 7.71 -21.04
N ILE C 535 -16.26 8.06 -21.74
CA ILE C 535 -15.25 8.97 -21.18
C ILE C 535 -15.91 10.34 -20.99
N ASN C 536 -16.79 10.71 -21.94
CA ASN C 536 -17.51 11.97 -21.96
C ASN C 536 -18.85 11.77 -22.69
N ALA C 537 -19.83 11.17 -22.00
CA ALA C 537 -21.15 10.85 -22.55
C ALA C 537 -21.93 12.07 -23.01
N ASP C 538 -21.68 13.24 -22.40
CA ASP C 538 -22.34 14.51 -22.75
C ASP C 538 -21.99 14.97 -24.14
N GLN C 539 -20.77 14.66 -24.65
CA GLN C 539 -20.35 15.07 -26.00
C GLN C 539 -20.03 13.95 -26.97
N MET C 540 -19.71 12.77 -26.45
CA MET C 540 -19.21 11.68 -27.28
C MET C 540 -20.26 10.74 -27.81
N GLU C 541 -19.98 10.19 -29.00
CA GLU C 541 -20.84 9.27 -29.73
C GLU C 541 -19.96 8.39 -30.60
N MET C 542 -20.23 7.08 -30.65
CA MET C 542 -19.41 6.19 -31.46
C MET C 542 -20.21 5.46 -32.53
N TYR C 543 -19.59 5.32 -33.70
CA TYR C 543 -20.12 4.64 -34.88
C TYR C 543 -19.05 3.70 -35.44
N ALA C 544 -19.47 2.61 -36.03
CA ALA C 544 -18.54 1.67 -36.64
C ALA C 544 -19.06 1.32 -38.04
N ASP C 545 -18.16 1.29 -39.00
CA ASP C 545 -18.53 0.94 -40.36
C ASP C 545 -18.86 -0.55 -40.36
N VAL C 546 -19.68 -0.96 -41.30
CA VAL C 546 -20.06 -2.36 -41.53
C VAL C 546 -18.80 -3.21 -41.85
N ASN C 547 -17.72 -2.55 -42.37
CA ASN C 547 -16.42 -3.16 -42.69
C ASN C 547 -15.31 -2.89 -41.68
N ALA C 548 -15.70 -2.42 -40.50
CA ALA C 548 -14.78 -2.20 -39.40
C ALA C 548 -14.67 -3.48 -38.56
N ARG C 549 -13.69 -3.51 -37.64
CA ARG C 549 -13.49 -4.60 -36.71
C ARG C 549 -13.14 -4.05 -35.35
N ALA C 550 -13.58 -4.73 -34.29
CA ALA C 550 -13.25 -4.38 -32.91
C ALA C 550 -13.46 -5.58 -31.97
N GLY C 551 -12.52 -5.73 -31.05
CA GLY C 551 -12.50 -6.77 -30.03
C GLY C 551 -11.35 -6.49 -29.08
N VAL C 552 -11.27 -7.25 -27.96
CA VAL C 552 -10.19 -7.04 -26.96
C VAL C 552 -8.80 -7.31 -27.62
N LEU C 553 -8.68 -8.47 -28.25
CA LEU C 553 -7.48 -8.87 -28.96
C LEU C 553 -7.80 -8.98 -30.46
N GLU C 554 -6.76 -9.20 -31.27
CA GLU C 554 -6.92 -9.44 -32.72
C GLU C 554 -7.20 -10.97 -32.81
N PRO C 555 -7.82 -11.50 -33.91
CA PRO C 555 -8.10 -12.95 -33.98
C PRO C 555 -6.98 -13.89 -33.55
N GLU C 556 -5.71 -13.59 -33.95
CA GLU C 556 -4.50 -14.36 -33.58
C GLU C 556 -4.35 -14.47 -32.05
N GLY C 557 -4.62 -13.37 -31.34
CA GLY C 557 -4.56 -13.28 -29.89
C GLY C 557 -5.66 -14.07 -29.21
N THR C 558 -6.94 -13.86 -29.65
CA THR C 558 -8.09 -14.56 -29.11
C THR C 558 -7.97 -16.09 -29.21
N VAL C 559 -7.54 -16.61 -30.36
CA VAL C 559 -7.34 -18.04 -30.57
C VAL C 559 -6.24 -18.60 -29.63
N GLU C 560 -5.11 -17.86 -29.50
CA GLU C 560 -4.00 -18.19 -28.61
C GLU C 560 -4.47 -18.40 -27.15
N ILE C 561 -5.48 -17.65 -26.70
CA ILE C 561 -6.02 -17.75 -25.34
C ILE C 561 -7.26 -18.65 -25.26
N LYS C 562 -8.19 -18.53 -26.21
CA LYS C 562 -9.49 -19.22 -26.19
C LYS C 562 -9.79 -20.35 -27.18
N PHE C 563 -8.95 -20.57 -28.22
CA PHE C 563 -9.14 -21.66 -29.19
C PHE C 563 -7.81 -22.45 -29.35
N ARG C 564 -7.39 -23.08 -28.25
CA ARG C 564 -6.12 -23.82 -28.14
C ARG C 564 -6.18 -25.21 -28.80
N ARG C 565 -5.04 -25.97 -28.77
CA ARG C 565 -4.91 -27.31 -29.38
C ARG C 565 -6.06 -28.28 -29.10
N GLU C 566 -6.44 -28.45 -27.82
CA GLU C 566 -7.52 -29.37 -27.40
C GLU C 566 -8.86 -29.05 -28.05
N LYS C 567 -9.23 -27.75 -28.09
CA LYS C 567 -10.47 -27.27 -28.72
C LYS C 567 -10.40 -27.56 -30.23
N LEU C 568 -9.23 -27.26 -30.84
CA LEU C 568 -8.92 -27.44 -32.25
C LEU C 568 -8.99 -28.93 -32.64
N LEU C 569 -8.46 -29.82 -31.77
CA LEU C 569 -8.50 -31.27 -31.99
C LEU C 569 -9.92 -31.82 -31.84
N ASP C 570 -10.69 -31.26 -30.87
CA ASP C 570 -12.10 -31.64 -30.67
C ASP C 570 -12.91 -31.22 -31.88
N THR C 571 -12.53 -30.09 -32.53
CA THR C 571 -13.20 -29.58 -33.73
C THR C 571 -12.88 -30.49 -34.90
N MET C 572 -11.73 -31.20 -34.83
CA MET C 572 -11.33 -32.21 -35.80
C MET C 572 -12.21 -33.50 -35.66
N ASN C 573 -13.50 -33.29 -35.41
CA ASN C 573 -14.60 -34.23 -35.40
C ASN C 573 -15.69 -33.62 -36.34
N ARG C 574 -15.25 -32.65 -37.17
CA ARG C 574 -15.98 -32.00 -38.24
C ARG C 574 -15.43 -32.70 -39.53
N LEU C 575 -14.48 -33.65 -39.32
CA LEU C 575 -13.84 -34.47 -40.34
C LEU C 575 -14.23 -35.95 -40.26
N ASP C 576 -14.32 -36.60 -41.42
CA ASP C 576 -14.64 -38.01 -41.53
C ASP C 576 -13.44 -38.91 -41.16
N ASP C 577 -12.25 -38.65 -41.74
CA ASP C 577 -11.04 -39.46 -41.52
C ASP C 577 -10.45 -39.36 -40.12
N LYS C 578 -10.57 -38.19 -39.47
CA LYS C 578 -10.06 -37.95 -38.12
C LYS C 578 -10.94 -38.61 -37.03
N TYR C 579 -12.29 -38.52 -37.17
CA TYR C 579 -13.27 -39.11 -36.24
C TYR C 579 -13.06 -40.62 -36.09
N ARG C 580 -12.94 -41.36 -37.23
CA ARG C 580 -12.71 -42.80 -37.26
C ARG C 580 -11.34 -43.17 -36.68
N GLU C 581 -10.27 -42.42 -37.06
CA GLU C 581 -8.90 -42.64 -36.58
C GLU C 581 -8.76 -42.44 -35.05
N LEU C 582 -9.51 -41.48 -34.47
CA LEU C 582 -9.52 -41.20 -33.02
C LEU C 582 -10.35 -42.25 -32.24
N ARG C 583 -11.40 -42.80 -32.89
CA ARG C 583 -12.28 -43.83 -32.34
C ARG C 583 -11.57 -45.19 -32.25
N SER C 584 -10.81 -45.56 -33.31
CA SER C 584 -10.06 -46.82 -33.38
C SER C 584 -8.92 -46.87 -32.34
N GLN C 585 -8.24 -45.73 -32.12
CA GLN C 585 -7.14 -45.61 -31.14
C GLN C 585 -7.65 -45.08 -29.78
N LEU C 586 -8.74 -45.70 -29.25
CA LEU C 586 -9.39 -45.38 -27.97
C LEU C 586 -10.29 -46.53 -27.53
N ALA C 592 -4.94 -54.62 -31.59
CA ALA C 592 -5.62 -54.44 -30.31
C ALA C 592 -4.71 -53.85 -29.23
N PRO C 593 -3.38 -54.12 -29.31
CA PRO C 593 -2.37 -53.61 -28.36
C PRO C 593 -1.10 -53.17 -29.08
N GLU C 594 -0.60 -53.98 -30.02
CA GLU C 594 0.60 -53.71 -30.82
C GLU C 594 0.25 -52.80 -32.02
N VAL C 595 -0.95 -53.01 -32.61
CA VAL C 595 -1.47 -52.25 -33.74
C VAL C 595 -1.82 -50.80 -33.37
N HIS C 596 -2.02 -50.52 -32.05
CA HIS C 596 -2.35 -49.20 -31.48
C HIS C 596 -1.25 -48.14 -31.72
N GLN C 597 0.01 -48.58 -31.93
CA GLN C 597 1.16 -47.72 -32.21
C GLN C 597 1.04 -47.11 -33.62
N GLN C 598 0.57 -47.91 -34.60
CA GLN C 598 0.37 -47.52 -36.00
C GLN C 598 -0.81 -46.53 -36.14
N ILE C 599 -1.88 -46.73 -35.34
CA ILE C 599 -3.06 -45.87 -35.32
C ILE C 599 -2.73 -44.52 -34.67
N SER C 600 -1.84 -44.51 -33.65
CA SER C 600 -1.37 -43.30 -32.96
C SER C 600 -0.50 -42.43 -33.87
N LYS C 601 0.25 -43.07 -34.79
CA LYS C 601 1.10 -42.38 -35.77
C LYS C 601 0.22 -41.79 -36.88
N GLN C 602 -0.88 -42.51 -37.23
CA GLN C 602 -1.87 -42.14 -38.24
C GLN C 602 -2.72 -40.93 -37.80
N LEU C 603 -2.99 -40.79 -36.48
CA LEU C 603 -3.76 -39.66 -35.92
C LEU C 603 -2.91 -38.40 -35.94
N ALA C 604 -1.60 -38.55 -35.61
CA ALA C 604 -0.63 -37.46 -35.64
C ALA C 604 -0.32 -37.03 -37.09
N ASP C 605 -0.59 -37.92 -38.07
CA ASP C 605 -0.39 -37.66 -39.50
C ASP C 605 -1.51 -36.77 -40.05
N ARG C 606 -2.78 -37.06 -39.66
CA ARG C 606 -3.98 -36.29 -40.05
C ARG C 606 -3.95 -34.92 -39.34
N GLU C 607 -3.69 -34.89 -38.00
CA GLU C 607 -3.60 -33.67 -37.19
C GLU C 607 -2.59 -32.68 -37.78
N ARG C 608 -1.43 -33.18 -38.27
CA ARG C 608 -0.38 -32.37 -38.91
C ARG C 608 -0.81 -31.77 -40.25
N GLU C 609 -1.53 -32.57 -41.07
CA GLU C 609 -2.01 -32.18 -42.39
C GLU C 609 -3.21 -31.24 -42.31
N LEU C 610 -4.05 -31.38 -41.26
CA LEU C 610 -5.27 -30.57 -41.03
C LEU C 610 -5.05 -29.24 -40.31
N LEU C 611 -4.07 -29.21 -39.39
CA LEU C 611 -3.74 -28.06 -38.56
C LEU C 611 -3.72 -26.69 -39.27
N PRO C 612 -3.11 -26.52 -40.47
CA PRO C 612 -3.10 -25.18 -41.10
C PRO C 612 -4.48 -24.60 -41.39
N ILE C 613 -5.43 -25.43 -41.89
CA ILE C 613 -6.79 -24.99 -42.22
C ILE C 613 -7.71 -24.86 -41.01
N TYR C 614 -7.50 -25.70 -39.97
CA TYR C 614 -8.28 -25.65 -38.74
C TYR C 614 -7.86 -24.43 -37.90
N GLY C 615 -6.62 -23.98 -38.11
CA GLY C 615 -6.08 -22.75 -37.53
C GLY C 615 -6.77 -21.58 -38.17
N GLN C 616 -7.03 -21.67 -39.50
CA GLN C 616 -7.73 -20.65 -40.29
C GLN C 616 -9.21 -20.57 -39.92
N ILE C 617 -9.82 -21.74 -39.62
CA ILE C 617 -11.23 -21.86 -39.20
C ILE C 617 -11.42 -21.12 -37.88
N SER C 618 -10.54 -21.39 -36.88
CA SER C 618 -10.60 -20.76 -35.56
C SER C 618 -10.41 -19.25 -35.67
N LEU C 619 -9.48 -18.80 -36.55
CA LEU C 619 -9.22 -17.39 -36.82
C LEU C 619 -10.50 -16.73 -37.37
N GLN C 620 -11.20 -17.44 -38.29
CA GLN C 620 -12.47 -16.96 -38.86
C GLN C 620 -13.58 -16.92 -37.82
N PHE C 621 -13.68 -17.97 -36.97
CA PHE C 621 -14.62 -18.07 -35.87
C PHE C 621 -14.43 -16.83 -34.91
N ALA C 622 -13.16 -16.54 -34.53
CA ALA C 622 -12.80 -15.41 -33.67
C ALA C 622 -13.19 -14.08 -34.33
N ASP C 623 -12.89 -13.92 -35.65
CA ASP C 623 -13.19 -12.70 -36.43
C ASP C 623 -14.70 -12.45 -36.54
N LEU C 624 -15.52 -13.52 -36.49
CA LEU C 624 -16.97 -13.39 -36.60
C LEU C 624 -17.62 -12.69 -35.41
N HIS C 625 -16.88 -12.55 -34.30
CA HIS C 625 -17.32 -11.86 -33.10
C HIS C 625 -17.01 -10.39 -33.21
N ASP C 626 -15.93 -10.02 -33.93
CA ASP C 626 -15.37 -8.68 -34.10
C ASP C 626 -16.11 -7.72 -35.05
N ARG C 627 -17.38 -8.02 -35.33
CA ARG C 627 -18.22 -7.28 -36.28
C ARG C 627 -19.03 -6.17 -35.67
N SER C 628 -19.37 -5.16 -36.49
CA SER C 628 -20.20 -4.02 -36.04
C SER C 628 -21.59 -4.44 -35.53
N SER C 629 -22.10 -5.59 -36.00
CA SER C 629 -23.38 -6.17 -35.59
C SER C 629 -23.37 -6.55 -34.12
N ARG C 630 -22.21 -7.05 -33.60
CA ARG C 630 -22.01 -7.39 -32.19
C ARG C 630 -21.97 -6.09 -31.40
N MET C 631 -21.33 -5.06 -31.97
CA MET C 631 -21.19 -3.74 -31.36
C MET C 631 -22.55 -3.13 -31.13
N VAL C 632 -23.43 -3.20 -32.15
CA VAL C 632 -24.82 -2.75 -32.09
C VAL C 632 -25.60 -3.59 -31.01
N ALA C 633 -25.50 -4.93 -31.10
CA ALA C 633 -26.15 -5.88 -30.19
C ALA C 633 -25.83 -5.63 -28.73
N LYS C 634 -24.55 -5.33 -28.43
CA LYS C 634 -24.10 -5.08 -27.07
C LYS C 634 -24.26 -3.60 -26.65
N GLY C 635 -24.78 -2.76 -27.55
CA GLY C 635 -25.05 -1.34 -27.32
C GLY C 635 -23.82 -0.49 -27.06
N VAL C 636 -22.69 -0.80 -27.70
CA VAL C 636 -21.46 -0.05 -27.49
C VAL C 636 -21.25 1.08 -28.54
N ILE C 637 -22.06 1.05 -29.62
CA ILE C 637 -22.02 2.03 -30.73
C ILE C 637 -23.44 2.54 -30.96
N SER C 638 -23.58 3.80 -31.41
CA SER C 638 -24.87 4.42 -31.68
C SER C 638 -25.54 3.80 -32.90
N LYS C 639 -24.74 3.43 -33.93
CA LYS C 639 -25.21 2.86 -35.19
C LYS C 639 -24.06 2.24 -35.96
N GLU C 640 -24.36 1.25 -36.82
CA GLU C 640 -23.37 0.73 -37.76
C GLU C 640 -23.62 1.48 -39.07
N LEU C 641 -22.56 1.94 -39.75
CA LEU C 641 -22.74 2.76 -40.94
C LEU C 641 -22.14 2.19 -42.20
N GLU C 642 -22.54 2.77 -43.35
CA GLU C 642 -22.00 2.44 -44.66
C GLU C 642 -21.22 3.66 -45.11
N TRP C 643 -19.89 3.49 -45.27
CA TRP C 643 -18.94 4.53 -45.65
C TRP C 643 -19.43 5.49 -46.74
N THR C 644 -19.94 4.98 -47.86
CA THR C 644 -20.42 5.82 -48.97
C THR C 644 -21.53 6.77 -48.55
N GLU C 645 -22.32 6.36 -47.54
CA GLU C 645 -23.43 7.15 -47.00
C GLU C 645 -23.09 7.99 -45.78
N ALA C 646 -21.83 7.91 -45.28
CA ALA C 646 -21.37 8.58 -44.06
C ALA C 646 -21.42 10.13 -44.10
N ARG C 647 -21.12 10.75 -45.25
CA ARG C 647 -21.14 12.21 -45.39
C ARG C 647 -22.57 12.74 -45.14
N ARG C 648 -23.54 12.12 -45.78
CA ARG C 648 -24.95 12.45 -45.63
C ARG C 648 -25.41 12.26 -44.19
N PHE C 649 -25.01 11.14 -43.56
CA PHE C 649 -25.38 10.82 -42.19
C PHE C 649 -24.80 11.79 -41.22
N PHE C 650 -23.46 11.98 -41.26
CA PHE C 650 -22.75 12.87 -40.34
C PHE C 650 -23.13 14.32 -40.47
N PHE C 651 -23.38 14.82 -41.70
CA PHE C 651 -23.81 16.19 -41.91
C PHE C 651 -25.03 16.49 -41.05
N TRP C 652 -26.09 15.71 -41.21
CA TRP C 652 -27.32 15.92 -40.45
C TRP C 652 -27.20 15.61 -38.97
N ARG C 653 -26.39 14.59 -38.59
CA ARG C 653 -26.15 14.24 -37.19
C ARG C 653 -25.44 15.41 -36.51
N LEU C 654 -24.37 15.94 -37.12
CA LEU C 654 -23.63 17.07 -36.56
C LEU C 654 -24.50 18.35 -36.47
N ARG C 655 -25.25 18.67 -37.55
CA ARG C 655 -26.17 19.81 -37.64
C ARG C 655 -27.28 19.72 -36.59
N ARG C 656 -27.83 18.52 -36.38
CA ARG C 656 -28.84 18.32 -35.33
C ARG C 656 -28.20 18.53 -33.96
N ARG C 657 -27.01 17.93 -33.74
CA ARG C 657 -26.27 18.02 -32.49
C ARG C 657 -25.93 19.48 -32.12
N LEU C 658 -25.43 20.29 -33.08
CA LEU C 658 -25.14 21.70 -32.83
C LEU C 658 -26.42 22.48 -32.38
N ASN C 659 -27.54 22.19 -33.02
CA ASN C 659 -28.81 22.84 -32.73
C ASN C 659 -29.28 22.51 -31.35
N GLU C 660 -29.20 21.23 -30.93
CA GLU C 660 -29.61 20.77 -29.59
C GLU C 660 -28.67 21.32 -28.52
N GLU C 661 -27.33 21.32 -28.79
CA GLU C 661 -26.31 21.92 -27.92
C GLU C 661 -26.64 23.40 -27.65
N TYR C 662 -27.03 24.14 -28.70
CA TYR C 662 -27.47 25.53 -28.60
C TYR C 662 -28.62 25.63 -27.58
N LEU C 663 -29.70 24.85 -27.76
CA LEU C 663 -30.86 24.87 -26.88
C LEU C 663 -30.54 24.47 -25.45
N ILE C 664 -29.62 23.47 -25.25
CA ILE C 664 -29.15 23.04 -23.91
C ILE C 664 -28.48 24.23 -23.22
N LYS C 665 -27.59 24.97 -23.93
CA LYS C 665 -26.91 26.15 -23.34
C LYS C 665 -27.87 27.25 -22.91
N ARG C 666 -28.91 27.53 -23.69
CA ARG C 666 -29.90 28.55 -23.33
C ARG C 666 -30.64 28.14 -22.08
N LEU C 667 -31.01 26.86 -21.98
CA LEU C 667 -31.73 26.34 -20.82
C LEU C 667 -30.84 26.35 -19.59
N SER C 668 -29.53 26.22 -19.80
CA SER C 668 -28.53 26.25 -18.72
C SER C 668 -28.51 27.65 -18.10
N HIS C 669 -28.46 28.70 -18.95
CA HIS C 669 -28.43 30.11 -18.56
C HIS C 669 -29.53 30.49 -17.62
N GLN C 670 -30.72 29.93 -17.83
CA GLN C 670 -31.86 30.21 -16.98
C GLN C 670 -32.00 29.32 -15.76
N VAL C 671 -33.06 29.59 -14.98
CA VAL C 671 -33.45 28.92 -13.74
C VAL C 671 -32.28 28.75 -12.73
N GLY C 672 -31.75 27.53 -12.65
CA GLY C 672 -30.65 27.19 -11.76
C GLY C 672 -29.94 25.89 -12.12
N GLU C 673 -30.15 24.87 -11.27
CA GLU C 673 -29.48 23.58 -11.43
C GLU C 673 -30.39 22.39 -11.77
N ALA C 674 -30.01 21.67 -12.85
CA ALA C 674 -30.59 20.45 -13.41
C ALA C 674 -29.54 19.78 -14.29
N SER C 675 -29.59 18.45 -14.41
CA SER C 675 -28.62 17.71 -15.20
C SER C 675 -28.81 17.88 -16.68
N ARG C 676 -27.79 17.46 -17.44
CA ARG C 676 -27.77 17.49 -18.90
C ARG C 676 -28.91 16.60 -19.44
N LEU C 677 -29.20 15.50 -18.73
CA LEU C 677 -30.25 14.54 -19.07
C LEU C 677 -31.60 15.17 -18.95
N GLU C 678 -31.78 16.00 -17.91
CA GLU C 678 -33.06 16.67 -17.66
C GLU C 678 -33.29 17.79 -18.66
N LYS C 679 -32.20 18.49 -19.04
CA LYS C 679 -32.18 19.59 -20.01
C LYS C 679 -32.59 19.14 -21.41
N ILE C 680 -32.00 18.07 -22.00
CA ILE C 680 -32.45 17.60 -23.32
C ILE C 680 -33.84 17.00 -23.27
N ALA C 681 -34.14 16.21 -22.24
CA ALA C 681 -35.47 15.61 -22.12
C ALA C 681 -36.55 16.70 -22.21
N ARG C 682 -36.27 17.88 -21.62
CA ARG C 682 -37.18 19.01 -21.63
C ARG C 682 -37.27 19.61 -23.03
N ILE C 683 -36.12 19.84 -23.68
CA ILE C 683 -36.06 20.41 -25.02
C ILE C 683 -36.81 19.53 -26.02
N ARG C 684 -36.66 18.20 -25.93
CA ARG C 684 -37.35 17.27 -26.82
C ARG C 684 -38.86 17.17 -26.54
N SER C 685 -39.25 17.53 -25.29
CA SER C 685 -40.67 17.58 -24.94
C SER C 685 -41.38 18.75 -25.67
N TRP C 686 -40.60 19.72 -26.22
CA TRP C 686 -41.11 20.90 -26.95
C TRP C 686 -41.41 20.62 -28.39
N TYR C 687 -40.73 19.60 -28.96
CA TYR C 687 -40.89 19.14 -30.33
C TYR C 687 -42.30 18.68 -30.57
N PRO C 688 -42.84 18.91 -31.79
CA PRO C 688 -44.19 18.39 -32.10
C PRO C 688 -44.21 16.87 -31.89
N ALA C 689 -45.33 16.37 -31.41
CA ALA C 689 -45.58 14.95 -31.13
C ALA C 689 -45.23 14.06 -32.33
N SER C 690 -45.44 14.57 -33.56
CA SER C 690 -45.15 13.91 -34.81
C SER C 690 -43.67 13.81 -35.17
N VAL C 691 -42.82 14.68 -34.59
CA VAL C 691 -41.39 14.67 -34.86
C VAL C 691 -40.72 13.42 -34.25
N ASP C 692 -39.99 12.65 -35.08
CA ASP C 692 -39.21 11.50 -34.64
C ASP C 692 -37.91 12.05 -34.08
N HIS C 693 -37.69 11.91 -32.77
CA HIS C 693 -36.49 12.37 -32.05
C HIS C 693 -35.22 11.75 -32.64
N GLU C 694 -35.36 10.57 -33.26
CA GLU C 694 -34.23 9.86 -33.85
C GLU C 694 -33.85 10.33 -35.26
N ASP C 695 -34.70 11.18 -35.92
CA ASP C 695 -34.52 11.74 -37.26
C ASP C 695 -33.79 13.09 -37.17
N ASP C 696 -32.49 13.06 -37.40
CA ASP C 696 -31.58 14.22 -37.31
C ASP C 696 -31.98 15.39 -38.19
N ARG C 697 -32.29 15.12 -39.47
CA ARG C 697 -32.71 16.13 -40.43
C ARG C 697 -34.01 16.80 -40.02
N GLN C 698 -34.99 16.01 -39.58
CA GLN C 698 -36.30 16.52 -39.16
C GLN C 698 -36.11 17.40 -37.92
N VAL C 699 -35.37 16.89 -36.92
CA VAL C 699 -35.11 17.63 -35.68
C VAL C 699 -34.38 18.98 -35.97
N ALA C 700 -33.35 18.98 -36.84
CA ALA C 700 -32.63 20.19 -37.22
C ALA C 700 -33.57 21.17 -37.97
N THR C 701 -34.30 20.69 -38.98
CA THR C 701 -35.26 21.51 -39.74
C THR C 701 -36.29 22.17 -38.80
N TRP C 702 -36.80 21.45 -37.80
CA TRP C 702 -37.79 22.00 -36.89
C TRP C 702 -37.18 23.10 -36.00
N ILE C 703 -36.00 22.85 -35.41
CA ILE C 703 -35.32 23.83 -34.57
C ILE C 703 -35.06 25.11 -35.34
N GLU C 704 -34.41 25.02 -36.53
CA GLU C 704 -34.11 26.20 -37.35
C GLU C 704 -35.36 26.96 -37.81
N GLU C 705 -36.48 26.24 -38.04
CA GLU C 705 -37.76 26.90 -38.40
C GLU C 705 -38.41 27.62 -37.21
N ASN C 706 -37.99 27.30 -35.97
CA ASN C 706 -38.61 27.75 -34.73
C ASN C 706 -37.69 28.37 -33.70
N TYR C 707 -36.50 28.87 -34.10
CA TYR C 707 -35.57 29.46 -33.13
C TYR C 707 -36.25 30.59 -32.32
N LYS C 708 -36.98 31.49 -33.00
CA LYS C 708 -37.62 32.64 -32.38
C LYS C 708 -38.79 32.21 -31.49
N THR C 709 -39.51 31.16 -31.90
CA THR C 709 -40.60 30.55 -31.15
C THR C 709 -40.04 29.88 -29.87
N LEU C 710 -38.94 29.11 -29.97
CA LEU C 710 -38.29 28.47 -28.83
C LEU C 710 -37.72 29.56 -27.89
N ASP C 711 -37.21 30.67 -28.45
CA ASP C 711 -36.70 31.81 -27.69
C ASP C 711 -37.84 32.35 -26.83
N ASP C 712 -39.02 32.61 -27.47
CA ASP C 712 -40.25 33.03 -26.78
C ASP C 712 -40.54 32.07 -25.61
N LYS C 713 -40.39 30.74 -25.81
CA LYS C 713 -40.64 29.76 -24.76
C LYS C 713 -39.65 29.97 -23.59
N LEU C 714 -38.34 30.08 -23.91
CA LEU C 714 -37.24 30.32 -22.97
C LEU C 714 -37.50 31.61 -22.16
N LYS C 715 -37.74 32.75 -22.84
CA LYS C 715 -38.00 34.06 -22.19
C LYS C 715 -39.23 34.05 -21.28
N GLY C 716 -40.24 33.26 -21.64
CA GLY C 716 -41.48 33.13 -20.90
C GLY C 716 -41.28 32.38 -19.61
N LEU C 717 -40.33 31.42 -19.66
CA LEU C 717 -39.95 30.54 -18.55
C LEU C 717 -39.20 31.34 -17.49
N LYS C 718 -38.21 32.17 -17.90
CA LYS C 718 -37.39 33.05 -17.05
C LYS C 718 -38.25 33.98 -16.14
N LEU C 719 -39.42 34.45 -16.64
CA LEU C 719 -40.37 35.30 -15.91
C LEU C 719 -41.04 34.60 -14.70
N GLU C 720 -40.62 35.03 -13.49
CA GLU C 720 -41.08 34.57 -12.16
C GLU C 720 -41.30 35.75 -11.19
#